data_4CIY
# 
_entry.id   4CIY 
# 
_audit_conform.dict_name       mmcif_pdbx.dic 
_audit_conform.dict_version    5.383 
_audit_conform.dict_location   http://mmcif.pdb.org/dictionaries/ascii/mmcif_pdbx.dic 
# 
loop_
_database_2.database_id 
_database_2.database_code 
_database_2.pdbx_database_accession 
_database_2.pdbx_DOI 
PDB   4CIY         pdb_00004ciy 10.2210/pdb4ciy/pdb 
PDBE  EBI-59198    ?            ?                   
WWPDB D_1290059198 ?            ?                   
# 
loop_
_pdbx_database_related.db_name 
_pdbx_database_related.db_id 
_pdbx_database_related.content_type 
_pdbx_database_related.details 
PDB 4CIV unspecified 
;CRYSTAL STRUCTURE OF MYCOBACTERIUM TUBERCULOSIS TYPE 2 DEHYDROQUINASE IN COMPLEX WITH (1R,4S,5R)-1,4,5- TRIHYDROXY-3-HYDROXYMETHYLCYCLOHEX-2-ENE-1-CARBOXYLIC ACID
;
PDB 4CIW unspecified 
'CRYSTAL STRUCTURE OF MYCOBACTERIUM TUBERCULOSIS TYPE 2 DEHYDROQUINASE IN COMPLEX WITH A CYCLOHEXENCARBOXYLIC ACID INHIBITOR' 
PDB 4CIX unspecified 
;CRYSTAL STRUCTURE OF MYCOBACTERIUM TUBERCULOSIS TYPE 2 DEHYDROQUINASE IN COMPLEX WITH(1R,4R,5R)-1,4,5- TRIHYDROXY-3-((1S)-1-HYDROXY-2-PHENYL)ETHYLCYCLOHEX-2 -EN-1-CARBOXYLIC ACID
;
# 
_pdbx_database_status.status_code                     REL 
_pdbx_database_status.entry_id                        4CIY 
_pdbx_database_status.deposit_site                    PDBE 
_pdbx_database_status.process_site                    PDBE 
_pdbx_database_status.SG_entry                        . 
_pdbx_database_status.recvd_initial_deposition_date   2013-12-17 
_pdbx_database_status.pdb_format_compatible           Y 
_pdbx_database_status.status_code_sf                  REL 
_pdbx_database_status.status_code_mr                  ? 
_pdbx_database_status.status_code_cs                  ? 
_pdbx_database_status.methods_development_category    ? 
_pdbx_database_status.status_code_nmr_data            ? 
# 
loop_
_audit_author.name 
_audit_author.pdbx_ordinal 
'Otero, J.M.'        1 
'Llamas-Saiz, A.L.'  2 
'Lamb, H.'           3 
'Hawkins, A.R.'      4 
'Blanco, B.'         5 
'Sedes, A.'          6 
'Peon, A.'           7 
'Gonzalez-Bello, C.' 8 
'van Raaij, M.J.'    9 
# 
_citation.id                        primary 
_citation.title                     
'Exploring the water-binding pocket of the type II dehydroquinase enzyme in the structure-based design of inhibitors.' 
_citation.journal_abbrev            'J. Med. Chem.' 
_citation.journal_volume            57 
_citation.page_first                3494 
_citation.page_last                 3510 
_citation.year                      2014 
_citation.journal_id_ASTM           JMCMAR 
_citation.country                   US 
_citation.journal_id_ISSN           1520-4804 
_citation.journal_id_CSD            0151 
_citation.book_publisher            ? 
_citation.pdbx_database_id_PubMed   24689821 
_citation.pdbx_database_id_DOI      10.1021/jm500175z 
# 
loop_
_citation_author.citation_id 
_citation_author.name 
_citation_author.ordinal 
_citation_author.identifier_ORCID 
primary 'Blanco, B.'         1 ? 
primary 'Sedes, A.'          2 ? 
primary 'Peon, A.'           3 ? 
primary 'Otero, J.M.'        4 ? 
primary 'van Raaij, M.J.'    5 ? 
primary 'Thompson, P.'       6 ? 
primary 'Hawkins, A.R.'      7 ? 
primary 'Gonzalez-Bello, C.' 8 ? 
# 
_cell.entry_id           4CIY 
_cell.length_a           126.205 
_cell.length_b           126.205 
_cell.length_c           126.205 
_cell.angle_alpha        90.00 
_cell.angle_beta         90.00 
_cell.angle_gamma        90.00 
_cell.Z_PDB              48 
_cell.pdbx_unique_axis   ? 
# 
_symmetry.entry_id                         4CIY 
_symmetry.space_group_name_H-M             'F 2 3' 
_symmetry.pdbx_full_space_group_name_H-M   ? 
_symmetry.cell_setting                     ? 
_symmetry.Int_Tables_number                196 
# 
loop_
_entity.id 
_entity.type 
_entity.src_method 
_entity.pdbx_description 
_entity.formula_weight 
_entity.pdbx_number_of_molecules 
_entity.pdbx_ec 
_entity.pdbx_mutation 
_entity.pdbx_fragment 
_entity.details 
1 polymer     man '3-DEHYDROQUINATE DEHYDRATASE'                                                                 15676.737 1  
4.2.1.10 ? ? ? 
2 non-polymer syn '(1R,4R,5R)-1,4,5-trihydroxy-3-[(1R)-1-hydroxy-2-phenyl]ethylcyclohex-2-ene-1-carboxylic acid' 294.300   1  ? ? 
? ? 
3 non-polymer syn 'SULFATE ION'                                                                                  96.063    1  ? ? 
? ? 
4 non-polymer syn 'CHLORIDE ION'                                                                                 35.453    1  ? ? 
? ? 
5 non-polymer syn 'SODIUM ION'                                                                                   22.990    3  ? ? 
? ? 
6 water       nat water                                                                                          18.015    92 ? ? 
? ? 
# 
_entity_name_com.entity_id   1 
_entity_name_com.name        '3-DEHYDROQUINASE, TYPE II DHQASE' 
# 
_entity_poly.entity_id                      1 
_entity_poly.type                           'polypeptide(L)' 
_entity_poly.nstd_linkage                   no 
_entity_poly.nstd_monomer                   no 
_entity_poly.pdbx_seq_one_letter_code       
;SELIVNVINGPNLGRLGRREPAVYGGTTHDELVALIEREAAELGLKAVVRQSDSEAQLLDWIHQAADAAEPVILNAGGLT
HTSVALRDACAELSAPLIEVHISNVHAREEFRRHSYLSPIATGVIVGLGIQGYLLALRYLAEHVGT
;
_entity_poly.pdbx_seq_one_letter_code_can   
;SELIVNVINGPNLGRLGRREPAVYGGTTHDELVALIEREAAELGLKAVVRQSDSEAQLLDWIHQAADAAEPVILNAGGLT
HTSVALRDACAELSAPLIEVHISNVHAREEFRRHSYLSPIATGVIVGLGIQGYLLALRYLAEHVGT
;
_entity_poly.pdbx_strand_id                 A 
_entity_poly.pdbx_target_identifier         ? 
# 
loop_
_entity_poly_seq.entity_id 
_entity_poly_seq.num 
_entity_poly_seq.mon_id 
_entity_poly_seq.hetero 
1 1   SER n 
1 2   GLU n 
1 3   LEU n 
1 4   ILE n 
1 5   VAL n 
1 6   ASN n 
1 7   VAL n 
1 8   ILE n 
1 9   ASN n 
1 10  GLY n 
1 11  PRO n 
1 12  ASN n 
1 13  LEU n 
1 14  GLY n 
1 15  ARG n 
1 16  LEU n 
1 17  GLY n 
1 18  ARG n 
1 19  ARG n 
1 20  GLU n 
1 21  PRO n 
1 22  ALA n 
1 23  VAL n 
1 24  TYR n 
1 25  GLY n 
1 26  GLY n 
1 27  THR n 
1 28  THR n 
1 29  HIS n 
1 30  ASP n 
1 31  GLU n 
1 32  LEU n 
1 33  VAL n 
1 34  ALA n 
1 35  LEU n 
1 36  ILE n 
1 37  GLU n 
1 38  ARG n 
1 39  GLU n 
1 40  ALA n 
1 41  ALA n 
1 42  GLU n 
1 43  LEU n 
1 44  GLY n 
1 45  LEU n 
1 46  LYS n 
1 47  ALA n 
1 48  VAL n 
1 49  VAL n 
1 50  ARG n 
1 51  GLN n 
1 52  SER n 
1 53  ASP n 
1 54  SER n 
1 55  GLU n 
1 56  ALA n 
1 57  GLN n 
1 58  LEU n 
1 59  LEU n 
1 60  ASP n 
1 61  TRP n 
1 62  ILE n 
1 63  HIS n 
1 64  GLN n 
1 65  ALA n 
1 66  ALA n 
1 67  ASP n 
1 68  ALA n 
1 69  ALA n 
1 70  GLU n 
1 71  PRO n 
1 72  VAL n 
1 73  ILE n 
1 74  LEU n 
1 75  ASN n 
1 76  ALA n 
1 77  GLY n 
1 78  GLY n 
1 79  LEU n 
1 80  THR n 
1 81  HIS n 
1 82  THR n 
1 83  SER n 
1 84  VAL n 
1 85  ALA n 
1 86  LEU n 
1 87  ARG n 
1 88  ASP n 
1 89  ALA n 
1 90  CYS n 
1 91  ALA n 
1 92  GLU n 
1 93  LEU n 
1 94  SER n 
1 95  ALA n 
1 96  PRO n 
1 97  LEU n 
1 98  ILE n 
1 99  GLU n 
1 100 VAL n 
1 101 HIS n 
1 102 ILE n 
1 103 SER n 
1 104 ASN n 
1 105 VAL n 
1 106 HIS n 
1 107 ALA n 
1 108 ARG n 
1 109 GLU n 
1 110 GLU n 
1 111 PHE n 
1 112 ARG n 
1 113 ARG n 
1 114 HIS n 
1 115 SER n 
1 116 TYR n 
1 117 LEU n 
1 118 SER n 
1 119 PRO n 
1 120 ILE n 
1 121 ALA n 
1 122 THR n 
1 123 GLY n 
1 124 VAL n 
1 125 ILE n 
1 126 VAL n 
1 127 GLY n 
1 128 LEU n 
1 129 GLY n 
1 130 ILE n 
1 131 GLN n 
1 132 GLY n 
1 133 TYR n 
1 134 LEU n 
1 135 LEU n 
1 136 ALA n 
1 137 LEU n 
1 138 ARG n 
1 139 TYR n 
1 140 LEU n 
1 141 ALA n 
1 142 GLU n 
1 143 HIS n 
1 144 VAL n 
1 145 GLY n 
1 146 THR n 
# 
_entity_src_gen.entity_id                          1 
_entity_src_gen.pdbx_src_id                        1 
_entity_src_gen.pdbx_alt_source_flag               sample 
_entity_src_gen.pdbx_seq_type                      ? 
_entity_src_gen.pdbx_beg_seq_num                   ? 
_entity_src_gen.pdbx_end_seq_num                   ? 
_entity_src_gen.gene_src_common_name               ? 
_entity_src_gen.gene_src_genus                     ? 
_entity_src_gen.pdbx_gene_src_gene                 ? 
_entity_src_gen.gene_src_species                   ? 
_entity_src_gen.gene_src_strain                    ? 
_entity_src_gen.gene_src_tissue                    ? 
_entity_src_gen.gene_src_tissue_fraction           ? 
_entity_src_gen.gene_src_details                   ? 
_entity_src_gen.pdbx_gene_src_fragment             ? 
_entity_src_gen.pdbx_gene_src_scientific_name      'MYCOBACTERIUM TUBERCULOSIS' 
_entity_src_gen.pdbx_gene_src_ncbi_taxonomy_id     1773 
_entity_src_gen.pdbx_gene_src_variant              ? 
_entity_src_gen.pdbx_gene_src_cell_line            ? 
_entity_src_gen.pdbx_gene_src_atcc                 27294 
_entity_src_gen.pdbx_gene_src_organ                ? 
_entity_src_gen.pdbx_gene_src_organelle            ? 
_entity_src_gen.pdbx_gene_src_cell                 ? 
_entity_src_gen.pdbx_gene_src_cellular_location    ? 
_entity_src_gen.host_org_common_name               ? 
_entity_src_gen.pdbx_host_org_scientific_name      'ESCHERICHIA COLI' 
_entity_src_gen.pdbx_host_org_ncbi_taxonomy_id     83333 
_entity_src_gen.host_org_genus                     ? 
_entity_src_gen.pdbx_host_org_gene                 ? 
_entity_src_gen.pdbx_host_org_organ                ? 
_entity_src_gen.host_org_species                   ? 
_entity_src_gen.pdbx_host_org_tissue               ? 
_entity_src_gen.pdbx_host_org_tissue_fraction      ? 
_entity_src_gen.pdbx_host_org_strain               K-12 
_entity_src_gen.pdbx_host_org_variant              SK3430 
_entity_src_gen.pdbx_host_org_cell_line            ? 
_entity_src_gen.pdbx_host_org_atcc                 ? 
_entity_src_gen.pdbx_host_org_culture_collection   ? 
_entity_src_gen.pdbx_host_org_cell                 ? 
_entity_src_gen.pdbx_host_org_organelle            ? 
_entity_src_gen.pdbx_host_org_cellular_location    ? 
_entity_src_gen.pdbx_host_org_vector_type          PLASMID 
_entity_src_gen.pdbx_host_org_vector               ? 
_entity_src_gen.host_org_details                   ? 
_entity_src_gen.expression_system_id               ? 
_entity_src_gen.plasmid_name                       PKK233-2 
_entity_src_gen.plasmid_details                    ? 
_entity_src_gen.pdbx_description                   ? 
# 
_struct_ref.id                         1 
_struct_ref.db_name                    UNP 
_struct_ref.db_code                    AROQ_MYCTU 
_struct_ref.entity_id                  1 
_struct_ref.pdbx_seq_one_letter_code   ? 
_struct_ref.pdbx_align_begin           ? 
_struct_ref.pdbx_db_accession          P0A4Z6 
_struct_ref.pdbx_db_isoform            ? 
# 
_struct_ref_seq.align_id                      1 
_struct_ref_seq.ref_id                        1 
_struct_ref_seq.pdbx_PDB_id_code              4CIY 
_struct_ref_seq.pdbx_strand_id                A 
_struct_ref_seq.seq_align_beg                 1 
_struct_ref_seq.pdbx_seq_align_beg_ins_code   ? 
_struct_ref_seq.seq_align_end                 146 
_struct_ref_seq.pdbx_seq_align_end_ins_code   ? 
_struct_ref_seq.pdbx_db_accession             P0A4Z6 
_struct_ref_seq.db_align_beg                  2 
_struct_ref_seq.pdbx_db_align_beg_ins_code    ? 
_struct_ref_seq.db_align_end                  147 
_struct_ref_seq.pdbx_db_align_end_ins_code    ? 
_struct_ref_seq.pdbx_auth_seq_align_beg       1 
_struct_ref_seq.pdbx_auth_seq_align_end       146 
# 
loop_
_chem_comp.id 
_chem_comp.type 
_chem_comp.mon_nstd_flag 
_chem_comp.name 
_chem_comp.pdbx_synonyms 
_chem_comp.formula 
_chem_comp.formula_weight 
ALA 'L-peptide linking' y ALANINE                                                                                        ? 
'C3 H7 N O2'     89.093  
ARG 'L-peptide linking' y ARGININE                                                                                       ? 
'C6 H15 N4 O2 1' 175.209 
ASN 'L-peptide linking' y ASPARAGINE                                                                                     ? 
'C4 H8 N2 O3'    132.118 
ASP 'L-peptide linking' y 'ASPARTIC ACID'                                                                                ? 
'C4 H7 N O4'     133.103 
CL  non-polymer         . 'CHLORIDE ION'                                                                                 ? 'Cl -1' 
35.453  
CYS 'L-peptide linking' y CYSTEINE                                                                                       ? 
'C3 H7 N O2 S'   121.158 
GLN 'L-peptide linking' y GLUTAMINE                                                                                      ? 
'C5 H10 N2 O3'   146.144 
GLU 'L-peptide linking' y 'GLUTAMIC ACID'                                                                                ? 
'C5 H9 N O4'     147.129 
GLY 'peptide linking'   y GLYCINE                                                                                        ? 
'C2 H5 N O2'     75.067  
HIS 'L-peptide linking' y HISTIDINE                                                                                      ? 
'C6 H10 N3 O2 1' 156.162 
HOH non-polymer         . WATER                                                                                          ? 'H2 O' 
18.015  
ILE 'L-peptide linking' y ISOLEUCINE                                                                                     ? 
'C6 H13 N O2'    131.173 
LEU 'L-peptide linking' y LEUCINE                                                                                        ? 
'C6 H13 N O2'    131.173 
LYS 'L-peptide linking' y LYSINE                                                                                         ? 
'C6 H15 N2 O2 1' 147.195 
NA  non-polymer         . 'SODIUM ION'                                                                                   ? 'Na 1' 
22.990  
NDY non-polymer         . '(1R,4R,5R)-1,4,5-trihydroxy-3-[(1R)-1-hydroxy-2-phenyl]ethylcyclohex-2-ene-1-carboxylic acid' ? 
'C15 H18 O6'     294.300 
PHE 'L-peptide linking' y PHENYLALANINE                                                                                  ? 
'C9 H11 N O2'    165.189 
PRO 'L-peptide linking' y PROLINE                                                                                        ? 
'C5 H9 N O2'     115.130 
SER 'L-peptide linking' y SERINE                                                                                         ? 
'C3 H7 N O3'     105.093 
SO4 non-polymer         . 'SULFATE ION'                                                                                  ? 
'O4 S -2'        96.063  
THR 'L-peptide linking' y THREONINE                                                                                      ? 
'C4 H9 N O3'     119.119 
TRP 'L-peptide linking' y TRYPTOPHAN                                                                                     ? 
'C11 H12 N2 O2'  204.225 
TYR 'L-peptide linking' y TYROSINE                                                                                       ? 
'C9 H11 N O3'    181.189 
VAL 'L-peptide linking' y VALINE                                                                                         ? 
'C5 H11 N O2'    117.146 
# 
_exptl.entry_id          4CIY 
_exptl.method            'X-RAY DIFFRACTION' 
_exptl.crystals_number   1 
# 
_exptl_crystal.id                    1 
_exptl_crystal.density_meas          ? 
_exptl_crystal.density_Matthews      2.9 
_exptl_crystal.density_percent_sol   57.1 
_exptl_crystal.description           NONE 
# 
_exptl_crystal_grow.crystal_id      1 
_exptl_crystal_grow.method          ? 
_exptl_crystal_grow.temp            ? 
_exptl_crystal_grow.temp_details    ? 
_exptl_crystal_grow.pH              7.5 
_exptl_crystal_grow.pdbx_pH_range   ? 
_exptl_crystal_grow.pdbx_details    
;32% (V/V) 2-METHYL-2, 4-PENTANEDIOL, 0.3 M AMMONIUM SULFATE, 0.1 M 4-(2-HYDROXYETHYL)-PIPERAZINE-1-ETHANESULFONIC ACID SODIUM SALT (HEPES) PH 7.5
;
# 
_diffrn.id                     1 
_diffrn.ambient_temp           100 
_diffrn.ambient_temp_details   ? 
_diffrn.crystal_id             1 
# 
_diffrn_detector.diffrn_id              1 
_diffrn_detector.detector               PIXEL 
_diffrn_detector.type                   'DECTRIS PILATUS 6M' 
_diffrn_detector.pdbx_collection_date   2013-05-07 
_diffrn_detector.details                'CYLINDRICAL GRAZING INCIDENCE MIRROR' 
# 
_diffrn_radiation.diffrn_id                        1 
_diffrn_radiation.wavelength_id                    1 
_diffrn_radiation.pdbx_monochromatic_or_laue_m_l   M 
_diffrn_radiation.monochromator                    'CHANNEL-CUT SILICON MONOCHROMATOR' 
_diffrn_radiation.pdbx_diffrn_protocol             'SINGLE WAVELENGTH' 
_diffrn_radiation.pdbx_scattering_type             x-ray 
# 
_diffrn_radiation_wavelength.id           1 
_diffrn_radiation_wavelength.wavelength   0.97908 
_diffrn_radiation_wavelength.wt           1.0 
# 
_diffrn_source.diffrn_id                   1 
_diffrn_source.source                      SYNCHROTRON 
_diffrn_source.type                        'ESRF BEAMLINE ID29' 
_diffrn_source.pdbx_synchrotron_site       ESRF 
_diffrn_source.pdbx_synchrotron_beamline   ID29 
_diffrn_source.pdbx_wavelength             0.97908 
_diffrn_source.pdbx_wavelength_list        ? 
# 
_reflns.pdbx_diffrn_id               1 
_reflns.pdbx_ordinal                 1 
_reflns.entry_id                     4CIY 
_reflns.observed_criterion_sigma_I   -3.0 
_reflns.observed_criterion_sigma_F   ? 
_reflns.d_resolution_low             44.62 
_reflns.d_resolution_high            2.10 
_reflns.number_obs                   9857 
_reflns.number_all                   ? 
_reflns.percent_possible_obs         99.9 
_reflns.pdbx_Rmerge_I_obs            0.06 
_reflns.pdbx_Rsym_value              ? 
_reflns.pdbx_netI_over_sigmaI        19.80 
_reflns.B_iso_Wilson_estimate        25.6 
_reflns.pdbx_redundancy              5.7 
# 
_reflns_shell.pdbx_diffrn_id         1 
_reflns_shell.pdbx_ordinal           1 
_reflns_shell.d_res_high             2.10 
_reflns_shell.d_res_low              2.21 
_reflns_shell.percent_possible_all   100.0 
_reflns_shell.Rmerge_I_obs           0.39 
_reflns_shell.pdbx_Rsym_value        ? 
_reflns_shell.meanI_over_sigI_obs    4.70 
_reflns_shell.pdbx_redundancy        5.9 
# 
_refine.pdbx_refine_id                           'X-RAY DIFFRACTION' 
_refine.entry_id                                 4CIY 
_refine.pdbx_diffrn_id                           1 
_refine.pdbx_TLS_residual_ADP_flag               ? 
_refine.ls_number_reflns_obs                     9359 
_refine.ls_number_reflns_all                     ? 
_refine.pdbx_ls_sigma_I                          ? 
_refine.pdbx_ls_sigma_F                          ? 
_refine.pdbx_data_cutoff_high_absF               ? 
_refine.pdbx_data_cutoff_low_absF                ? 
_refine.pdbx_data_cutoff_high_rms_absF           ? 
_refine.ls_d_res_low                             38.08 
_refine.ls_d_res_high                            2.10 
_refine.ls_percent_reflns_obs                    99.80 
_refine.ls_R_factor_obs                          0.14802 
_refine.ls_R_factor_all                          ? 
_refine.ls_R_factor_R_work                       0.14549 
_refine.ls_R_factor_R_free                       0.19754 
_refine.ls_R_factor_R_free_error                 ? 
_refine.ls_R_factor_R_free_error_details         ? 
_refine.ls_percent_reflns_R_free                 4.8 
_refine.ls_number_reflns_R_free                  472 
_refine.ls_number_parameters                     ? 
_refine.ls_number_restraints                     ? 
_refine.occupancy_min                            ? 
_refine.occupancy_max                            ? 
_refine.correlation_coeff_Fo_to_Fc               0.971 
_refine.correlation_coeff_Fo_to_Fc_free          0.940 
_refine.B_iso_mean                               32.123 
_refine.aniso_B[1][1]                            0.00 
_refine.aniso_B[2][2]                            0.00 
_refine.aniso_B[3][3]                            0.00 
_refine.aniso_B[1][2]                            0.00 
_refine.aniso_B[1][3]                            0.00 
_refine.aniso_B[2][3]                            0.00 
_refine.solvent_model_details                    MASK 
_refine.solvent_model_param_ksol                 ? 
_refine.solvent_model_param_bsol                 ? 
_refine.pdbx_solvent_vdw_probe_radii             1.20 
_refine.pdbx_solvent_ion_probe_radii             0.80 
_refine.pdbx_solvent_shrinkage_radii             0.80 
_refine.pdbx_ls_cross_valid_method               THROUGHOUT 
_refine.details                                  
;HYDROGENS HAVE BEEN ADDED IN THE RIDING POSITIONS. U VALUES ARE REFINED INDIVIDUALLY. GAP BY DISORDERED REGION BETWEEN ARG-18 AND TYR-24 INHIBITOR INCLUDED IN ENZYME ACTIVE SITE BY SOAKING OF APO- CRYSTALS IN INHIBITOR SOLUTION
;
_refine.pdbx_starting_model                      'PDB ENTRY 2Y71' 
_refine.pdbx_method_to_determine_struct          'MOLECULAR REPLACEMENT' 
_refine.pdbx_isotropic_thermal_model             ? 
_refine.pdbx_stereochemistry_target_values       'MAXIMUM LIKELIHOOD' 
_refine.pdbx_stereochem_target_val_spec_case     ? 
_refine.pdbx_R_Free_selection_details            RANDOM 
_refine.pdbx_overall_ESU_R                       0.156 
_refine.pdbx_overall_ESU_R_Free                  0.150 
_refine.overall_SU_ML                            0.110 
_refine.pdbx_overall_phase_error                 ? 
_refine.overall_SU_B                             4.065 
_refine.overall_SU_R_Cruickshank_DPI             ? 
_refine.pdbx_overall_SU_R_free_Cruickshank_DPI   ? 
_refine.pdbx_overall_SU_R_Blow_DPI               ? 
_refine.pdbx_overall_SU_R_free_Blow_DPI          ? 
# 
_refine_hist.pdbx_refine_id                   'X-RAY DIFFRACTION' 
_refine_hist.cycle_id                         LAST 
_refine_hist.pdbx_number_atoms_protein        1032 
_refine_hist.pdbx_number_atoms_nucleic_acid   0 
_refine_hist.pdbx_number_atoms_ligand         30 
_refine_hist.number_atoms_solvent             92 
_refine_hist.number_atoms_total               1154 
_refine_hist.d_res_high                       2.10 
_refine_hist.d_res_low                        38.08 
# 
loop_
_refine_ls_restr.type 
_refine_ls_restr.dev_ideal 
_refine_ls_restr.dev_ideal_target 
_refine_ls_restr.weight 
_refine_ls_restr.number 
_refine_ls_restr.pdbx_refine_id 
_refine_ls_restr.pdbx_restraint_function 
r_bond_refined_d             0.014  0.019  ? 1096 'X-RAY DIFFRACTION' ? 
r_bond_other_d               0.004  0.020  ? 1067 'X-RAY DIFFRACTION' ? 
r_angle_refined_deg          1.558  1.982  ? 1492 'X-RAY DIFFRACTION' ? 
r_angle_other_deg            0.856  3.004  ? 2435 'X-RAY DIFFRACTION' ? 
r_dihedral_angle_1_deg       6.203  5.000  ? 135  'X-RAY DIFFRACTION' ? 
r_dihedral_angle_2_deg       31.783 23.200 ? 50   'X-RAY DIFFRACTION' ? 
r_dihedral_angle_3_deg       14.555 15.000 ? 174  'X-RAY DIFFRACTION' ? 
r_dihedral_angle_4_deg       11.903 15.000 ? 10   'X-RAY DIFFRACTION' ? 
r_chiral_restr               0.089  0.200  ? 178  'X-RAY DIFFRACTION' ? 
r_gen_planes_refined         0.008  0.020  ? 1230 'X-RAY DIFFRACTION' ? 
r_gen_planes_other           0.001  0.020  ? 254  'X-RAY DIFFRACTION' ? 
r_nbd_refined                0.268  0.200  ? 338  'X-RAY DIFFRACTION' ? 
r_nbd_other                  0.189  0.200  ? 1042 'X-RAY DIFFRACTION' ? 
r_nbtor_refined              0.182  0.200  ? 534  'X-RAY DIFFRACTION' ? 
r_nbtor_other                0.087  0.200  ? 667  'X-RAY DIFFRACTION' ? 
r_xyhbond_nbd_refined        0.189  0.200  ? 37   'X-RAY DIFFRACTION' ? 
r_xyhbond_nbd_other          0.046  0.200  ? 1    'X-RAY DIFFRACTION' ? 
r_metal_ion_refined          0.357  0.200  ? 1    'X-RAY DIFFRACTION' ? 
r_metal_ion_other            ?      ?      ? ?    'X-RAY DIFFRACTION' ? 
r_symmetry_vdw_refined       0.361  0.200  ? 31   'X-RAY DIFFRACTION' ? 
r_symmetry_vdw_other         0.179  0.200  ? 52   'X-RAY DIFFRACTION' ? 
r_symmetry_hbond_refined     0.131  0.200  ? 6    'X-RAY DIFFRACTION' ? 
r_symmetry_hbond_other       ?      ?      ? ?    'X-RAY DIFFRACTION' ? 
r_symmetry_metal_ion_refined ?      ?      ? ?    'X-RAY DIFFRACTION' ? 
r_symmetry_metal_ion_other   ?      ?      ? ?    'X-RAY DIFFRACTION' ? 
r_mcbond_it                  2.792  3.191  ? 1096 'X-RAY DIFFRACTION' ? 
r_mcbond_other               0.661  3.216  ? 1067 'X-RAY DIFFRACTION' ? 
r_mcangle_it                 4.256  4.718  ? 1492 'X-RAY DIFFRACTION' ? 
r_mcangle_other              ?      ?      ? ?    'X-RAY DIFFRACTION' ? 
r_scbond_it                  6.743  32.157 ? 2000 'X-RAY DIFFRACTION' ? 
r_scbond_other               ?      ?      ? ?    'X-RAY DIFFRACTION' ? 
r_scangle_it                 2.122  4.786  ? 2435 'X-RAY DIFFRACTION' ? 
r_scangle_other              ?      ?      ? ?    'X-RAY DIFFRACTION' ? 
r_long_range_B_refined       ?      ?      ? ?    'X-RAY DIFFRACTION' ? 
r_long_range_B_other         ?      ?      ? ?    'X-RAY DIFFRACTION' ? 
r_rigid_bond_restr           ?      ?      ? ?    'X-RAY DIFFRACTION' ? 
r_sphericity_free            ?      ?      ? ?    'X-RAY DIFFRACTION' ? 
r_sphericity_bonded          ?      ?      ? ?    'X-RAY DIFFRACTION' ? 
# 
_refine_ls_shell.pdbx_refine_id                   'X-RAY DIFFRACTION' 
_refine_ls_shell.pdbx_total_number_of_bins_used   10 
_refine_ls_shell.d_res_high                       2.100 
_refine_ls_shell.d_res_low                        2.214 
_refine_ls_shell.number_reflns_R_work             1359 
_refine_ls_shell.R_factor_R_work                  0.167 
_refine_ls_shell.percent_reflns_obs               100.00 
_refine_ls_shell.R_factor_R_free                  0.227 
_refine_ls_shell.R_factor_R_free_error            ? 
_refine_ls_shell.percent_reflns_R_free            ? 
_refine_ls_shell.number_reflns_R_free             70 
_refine_ls_shell.number_reflns_all                ? 
_refine_ls_shell.R_factor_all                     ? 
# 
_struct.entry_id                  4CIY 
_struct.title                     
;Crystal structure of Mycobacterium tuberculosis type 2 dehydroquinase in complex with (1R,4R,5R)-1,4,5-trihydroxy-3-((1R)-1-hydroxy-2- phenyl)ethylcyclohex-2-en-1-carboxylic acid
;
_struct.pdbx_model_details        ? 
_struct.pdbx_CASP_flag            ? 
_struct.pdbx_model_type_details   ? 
# 
_struct_keywords.entry_id        4CIY 
_struct_keywords.pdbx_keywords   LYASE 
_struct_keywords.text            'LYASE, INHIBITOR, PROTEIN BINDING, SHIKIMIS ACID P SUBSTRATE SPECIFICITY' 
# 
loop_
_struct_asym.id 
_struct_asym.pdbx_blank_PDB_chainid_flag 
_struct_asym.pdbx_modified 
_struct_asym.entity_id 
_struct_asym.details 
A N N 1 ? 
B N N 2 ? 
C N N 3 ? 
D N N 4 ? 
E N N 5 ? 
F N N 5 ? 
G N N 5 ? 
H N N 6 ? 
# 
_struct_biol.id   1 
# 
loop_
_struct_conf.conf_type_id 
_struct_conf.id 
_struct_conf.pdbx_PDB_helix_id 
_struct_conf.beg_label_comp_id 
_struct_conf.beg_label_asym_id 
_struct_conf.beg_label_seq_id 
_struct_conf.pdbx_beg_PDB_ins_code 
_struct_conf.end_label_comp_id 
_struct_conf.end_label_asym_id 
_struct_conf.end_label_seq_id 
_struct_conf.pdbx_end_PDB_ins_code 
_struct_conf.beg_auth_comp_id 
_struct_conf.beg_auth_asym_id 
_struct_conf.beg_auth_seq_id 
_struct_conf.end_auth_comp_id 
_struct_conf.end_auth_asym_id 
_struct_conf.end_auth_seq_id 
_struct_conf.pdbx_PDB_helix_class 
_struct_conf.details 
_struct_conf.pdbx_PDB_helix_length 
HELX_P HELX_P1 1 ASN A 12  ? LEU A 16  ? ASN A 12  LEU A 16  5 ? 5  
HELX_P HELX_P2 2 THR A 28  ? LEU A 43  ? THR A 28  LEU A 43  1 ? 16 
HELX_P HELX_P3 3 SER A 54  ? ALA A 69  ? SER A 54  ALA A 69  1 ? 16 
HELX_P HELX_P4 4 ALA A 76  ? THR A 82  ? ALA A 76  THR A 82  5 ? 7  
HELX_P HELX_P5 5 SER A 83  ? GLU A 92  ? SER A 83  GLU A 92  1 ? 10 
HELX_P HELX_P6 6 ASN A 104 ? ARG A 108 ? ASN A 104 ARG A 108 5 ? 5  
HELX_P HELX_P7 7 GLU A 109 ? HIS A 114 ? GLU A 109 HIS A 114 5 ? 6  
HELX_P HELX_P8 8 LEU A 117 ? ALA A 121 ? LEU A 117 ALA A 121 5 ? 5  
HELX_P HELX_P9 9 ILE A 130 ? HIS A 143 ? ILE A 130 HIS A 143 1 ? 14 
# 
_struct_conf_type.id          HELX_P 
_struct_conf_type.criteria    ? 
_struct_conf_type.reference   ? 
# 
loop_
_struct_conn.id 
_struct_conn.conn_type_id 
_struct_conn.pdbx_leaving_atom_flag 
_struct_conn.pdbx_PDB_id 
_struct_conn.ptnr1_label_asym_id 
_struct_conn.ptnr1_label_comp_id 
_struct_conn.ptnr1_label_seq_id 
_struct_conn.ptnr1_label_atom_id 
_struct_conn.pdbx_ptnr1_label_alt_id 
_struct_conn.pdbx_ptnr1_PDB_ins_code 
_struct_conn.pdbx_ptnr1_standard_comp_id 
_struct_conn.ptnr1_symmetry 
_struct_conn.ptnr2_label_asym_id 
_struct_conn.ptnr2_label_comp_id 
_struct_conn.ptnr2_label_seq_id 
_struct_conn.ptnr2_label_atom_id 
_struct_conn.pdbx_ptnr2_label_alt_id 
_struct_conn.pdbx_ptnr2_PDB_ins_code 
_struct_conn.ptnr1_auth_asym_id 
_struct_conn.ptnr1_auth_comp_id 
_struct_conn.ptnr1_auth_seq_id 
_struct_conn.ptnr2_auth_asym_id 
_struct_conn.ptnr2_auth_comp_id 
_struct_conn.ptnr2_auth_seq_id 
_struct_conn.ptnr2_symmetry 
_struct_conn.pdbx_ptnr3_label_atom_id 
_struct_conn.pdbx_ptnr3_label_seq_id 
_struct_conn.pdbx_ptnr3_label_comp_id 
_struct_conn.pdbx_ptnr3_label_asym_id 
_struct_conn.pdbx_ptnr3_label_alt_id 
_struct_conn.pdbx_ptnr3_PDB_ins_code 
_struct_conn.details 
_struct_conn.pdbx_dist_value 
_struct_conn.pdbx_value_order 
_struct_conn.pdbx_role 
metalc1 metalc ? ? A ASN 6   OD1 ? ? ? 1_555 F NA  . NA ? ? A ASN 6    A NA  1148 1_555 ? ? ? ? ? ? ? 2.799 ? ? 
metalc2 metalc ? ? A GLU 70  OE1 ? ? ? 1_555 F NA  . NA ? ? A GLU 70   A NA  1148 1_555 ? ? ? ? ? ? ? 2.808 ? ? 
metalc3 metalc ? ? A ALA 91  O   ? ? ? 1_555 E NA  . NA ? ? A ALA 91   A NA  1147 1_555 ? ? ? ? ? ? ? 2.978 ? ? 
metalc4 metalc ? ? A LEU 93  O   ? ? ? 1_555 E NA  . NA ? ? A LEU 93   A NA  1147 1_555 ? ? ? ? ? ? ? 2.626 ? ? 
metalc5 metalc ? ? A LEU 128 O   ? ? ? 1_555 G NA  . NA ? ? A LEU 128  A NA  1149 1_555 ? ? ? ? ? ? ? 2.979 ? ? 
metalc6 metalc ? ? E NA  .   NA  ? ? ? 1_555 H HOH . O  ? ? A NA  1147 A HOH 2056 1_555 ? ? ? ? ? ? ? 2.440 ? ? 
metalc7 metalc ? ? E NA  .   NA  ? ? ? 1_555 H HOH . O  ? ? A NA  1147 A HOH 2057 1_555 ? ? ? ? ? ? ? 2.052 ? ? 
metalc8 metalc ? ? E NA  .   NA  ? ? ? 1_555 H HOH . O  ? ? A NA  1147 A HOH 2085 1_555 ? ? ? ? ? ? ? 2.654 ? ? 
metalc9 metalc ? ? F NA  .   NA  ? ? ? 1_555 H HOH . O  ? ? A NA  1148 A HOH 2092 1_555 ? ? ? ? ? ? ? 2.691 ? ? 
# 
_struct_conn_type.id          metalc 
_struct_conn_type.criteria    ? 
_struct_conn_type.reference   ? 
# 
_struct_sheet.id               AA 
_struct_sheet.type             ? 
_struct_sheet.number_strands   5 
_struct_sheet.details          ? 
# 
loop_
_struct_sheet_order.sheet_id 
_struct_sheet_order.range_id_1 
_struct_sheet_order.range_id_2 
_struct_sheet_order.offset 
_struct_sheet_order.sense 
AA 1 2 ? parallel 
AA 2 3 ? parallel 
AA 3 4 ? parallel 
AA 4 5 ? parallel 
# 
loop_
_struct_sheet_range.sheet_id 
_struct_sheet_range.id 
_struct_sheet_range.beg_label_comp_id 
_struct_sheet_range.beg_label_asym_id 
_struct_sheet_range.beg_label_seq_id 
_struct_sheet_range.pdbx_beg_PDB_ins_code 
_struct_sheet_range.end_label_comp_id 
_struct_sheet_range.end_label_asym_id 
_struct_sheet_range.end_label_seq_id 
_struct_sheet_range.pdbx_end_PDB_ins_code 
_struct_sheet_range.beg_auth_comp_id 
_struct_sheet_range.beg_auth_asym_id 
_struct_sheet_range.beg_auth_seq_id 
_struct_sheet_range.end_auth_comp_id 
_struct_sheet_range.end_auth_asym_id 
_struct_sheet_range.end_auth_seq_id 
AA 1 LYS A 46  ? GLN A 51  ? LYS A 46  GLN A 51  
AA 2 ILE A 4   ? ASN A 9   ? ILE A 4   ASN A 9   
AA 3 VAL A 72  ? ASN A 75  ? VAL A 72  ASN A 75  
AA 4 LEU A 97  ? HIS A 101 ? LEU A 97  HIS A 101 
AA 5 GLY A 123 ? VAL A 126 ? GLY A 123 VAL A 126 
# 
loop_
_pdbx_struct_sheet_hbond.sheet_id 
_pdbx_struct_sheet_hbond.range_id_1 
_pdbx_struct_sheet_hbond.range_id_2 
_pdbx_struct_sheet_hbond.range_1_label_atom_id 
_pdbx_struct_sheet_hbond.range_1_label_comp_id 
_pdbx_struct_sheet_hbond.range_1_label_asym_id 
_pdbx_struct_sheet_hbond.range_1_label_seq_id 
_pdbx_struct_sheet_hbond.range_1_PDB_ins_code 
_pdbx_struct_sheet_hbond.range_1_auth_atom_id 
_pdbx_struct_sheet_hbond.range_1_auth_comp_id 
_pdbx_struct_sheet_hbond.range_1_auth_asym_id 
_pdbx_struct_sheet_hbond.range_1_auth_seq_id 
_pdbx_struct_sheet_hbond.range_2_label_atom_id 
_pdbx_struct_sheet_hbond.range_2_label_comp_id 
_pdbx_struct_sheet_hbond.range_2_label_asym_id 
_pdbx_struct_sheet_hbond.range_2_label_seq_id 
_pdbx_struct_sheet_hbond.range_2_PDB_ins_code 
_pdbx_struct_sheet_hbond.range_2_auth_atom_id 
_pdbx_struct_sheet_hbond.range_2_auth_comp_id 
_pdbx_struct_sheet_hbond.range_2_auth_asym_id 
_pdbx_struct_sheet_hbond.range_2_auth_seq_id 
AA 1 2 N VAL A 48 ? N VAL A 48 O VAL A 5   ? O VAL A 5   
AA 2 3 N ILE A 8  ? N ILE A 8  O ILE A 73  ? O ILE A 73  
AA 3 4 N LEU A 74 ? N LEU A 74 O ILE A 98  ? O ILE A 98  
AA 4 5 N GLU A 99 ? N GLU A 99 O GLY A 123 ? O GLY A 123 
# 
loop_
_struct_site.id 
_struct_site.pdbx_evidence_code 
_struct_site.pdbx_auth_asym_id 
_struct_site.pdbx_auth_comp_id 
_struct_site.pdbx_auth_seq_id 
_struct_site.pdbx_auth_ins_code 
_struct_site.pdbx_num_residues 
_struct_site.details 
AC1 Software A NDY 1144 ? 16 'BINDING SITE FOR RESIDUE NDY A 1144' 
AC2 Software A SO4 1145 ? 6  'BINDING SITE FOR RESIDUE SO4 A 1145' 
AC3 Software A CL  1146 ? 4  'BINDING SITE FOR RESIDUE CL A 1146'  
AC4 Software A NA  1147 ? 5  'BINDING SITE FOR RESIDUE NA A 1147'  
AC5 Software A NA  1148 ? 3  'BINDING SITE FOR RESIDUE NA A 1148'  
AC6 Software A NA  1149 ? 3  'BINDING SITE FOR RESIDUE NA A 1149'  
# 
loop_
_struct_site_gen.id 
_struct_site_gen.site_id 
_struct_site_gen.pdbx_num_res 
_struct_site_gen.label_comp_id 
_struct_site_gen.label_asym_id 
_struct_site_gen.label_seq_id 
_struct_site_gen.pdbx_auth_ins_code 
_struct_site_gen.auth_comp_id 
_struct_site_gen.auth_asym_id 
_struct_site_gen.auth_seq_id 
_struct_site_gen.label_atom_id 
_struct_site_gen.label_alt_id 
_struct_site_gen.symmetry 
_struct_site_gen.details 
1  AC1 16 PRO A 11  ? PRO A 11   . ? 1_555  ? 
2  AC1 16 ASN A 12  ? ASN A 12   . ? 1_555  ? 
3  AC1 16 TYR A 24  ? TYR A 24   . ? 1_555  ? 
4  AC1 16 ASN A 75  ? ASN A 75   . ? 1_555  ? 
5  AC1 16 GLY A 77  ? GLY A 77   . ? 1_555  ? 
6  AC1 16 GLY A 78  ? GLY A 78   . ? 1_555  ? 
7  AC1 16 HIS A 81  ? HIS A 81   . ? 1_555  ? 
8  AC1 16 ASP A 88  ? ASP A 88   . ? 8_555  ? 
9  AC1 16 HIS A 101 ? HIS A 101  . ? 1_555  ? 
10 AC1 16 ILE A 102 ? ILE A 102  . ? 1_555  ? 
11 AC1 16 SER A 103 ? SER A 103  . ? 1_555  ? 
12 AC1 16 VAL A 105 ? VAL A 105  . ? 1_555  ? 
13 AC1 16 ARG A 112 ? ARG A 112  . ? 1_555  ? 
14 AC1 16 HOH H .   ? HOH A 2004 . ? 1_555  ? 
15 AC1 16 HOH H .   ? HOH A 2006 . ? 1_555  ? 
16 AC1 16 HOH H .   ? HOH A 2010 . ? 1_555  ? 
17 AC2 6  SER A 54  ? SER A 54   . ? 1_555  ? 
18 AC2 6  SER A 54  ? SER A 54   . ? 8_555  ? 
19 AC2 6  SER A 54  ? SER A 54   . ? 11_555 ? 
20 AC2 6  HOH H .   ? HOH A 2033 . ? 1_555  ? 
21 AC2 6  HOH H .   ? HOH A 2033 . ? 8_555  ? 
22 AC2 6  HOH H .   ? HOH A 2033 . ? 11_555 ? 
23 AC3 4  ARG A 87  ? ARG A 87   . ? 1_555  ? 
24 AC3 4  ARG A 113 ? ARG A 113  . ? 38_445 ? 
25 AC3 4  HIS A 114 ? HIS A 114  . ? 1_555  ? 
26 AC3 4  HOH H .   ? HOH A 2082 . ? 1_555  ? 
27 AC4 5  ALA A 91  ? ALA A 91   . ? 1_555  ? 
28 AC4 5  LEU A 93  ? LEU A 93   . ? 1_555  ? 
29 AC4 5  HOH H .   ? HOH A 2056 . ? 1_555  ? 
30 AC4 5  HOH H .   ? HOH A 2057 . ? 1_555  ? 
31 AC4 5  HOH H .   ? HOH A 2085 . ? 1_555  ? 
32 AC5 3  ASN A 6   ? ASN A 6    . ? 1_555  ? 
33 AC5 3  GLU A 70  ? GLU A 70   . ? 1_555  ? 
34 AC5 3  HOH H .   ? HOH A 2092 . ? 1_555  ? 
35 AC6 3  LEU A 128 ? LEU A 128  . ? 1_555  ? 
36 AC6 3  ILE A 130 ? ILE A 130  . ? 1_555  ? 
37 AC6 3  GLN A 131 ? GLN A 131  . ? 1_555  ? 
# 
_atom_sites.entry_id                    4CIY 
_atom_sites.fract_transf_matrix[1][1]   -0.00044117 
_atom_sites.fract_transf_matrix[1][2]   0.00790720 
_atom_sites.fract_transf_matrix[1][3]   -0.00026717 
_atom_sites.fract_transf_matrix[2][1]   0.00757521 
_atom_sites.fract_transf_matrix[2][2]   0.00034496 
_atom_sites.fract_transf_matrix[2][3]   -0.00229935 
_atom_sites.fract_transf_matrix[3][1]   -0.00228284 
_atom_sites.fract_transf_matrix[3][2]   -0.00038343 
_atom_sites.fract_transf_matrix[3][3]   -0.00757835 
_atom_sites.fract_transf_vector[1]      -0.190408 
_atom_sites.fract_transf_vector[2]      -0.178539 
_atom_sites.fract_transf_vector[3]      0.011427 
# 
loop_
_atom_type.symbol 
C  
CL 
N  
NA 
O  
S  
# 
loop_
_atom_site.group_PDB 
_atom_site.id 
_atom_site.type_symbol 
_atom_site.label_atom_id 
_atom_site.label_alt_id 
_atom_site.label_comp_id 
_atom_site.label_asym_id 
_atom_site.label_entity_id 
_atom_site.label_seq_id 
_atom_site.pdbx_PDB_ins_code 
_atom_site.Cartn_x 
_atom_site.Cartn_y 
_atom_site.Cartn_z 
_atom_site.occupancy 
_atom_site.B_iso_or_equiv 
_atom_site.pdbx_formal_charge 
_atom_site.auth_seq_id 
_atom_site.auth_comp_id 
_atom_site.auth_asym_id 
_atom_site.auth_atom_id 
_atom_site.pdbx_PDB_model_num 
ATOM   1    N  N   . LEU A 1 3   ? 11.338  -6.743  10.198  1.00 47.72 ? 3    LEU A N   1 
ATOM   2    C  CA  . LEU A 1 3   ? 11.394  -5.465  10.970  1.00 46.54 ? 3    LEU A CA  1 
ATOM   3    C  C   . LEU A 1 3   ? 10.980  -4.159  10.244  1.00 37.62 ? 3    LEU A C   1 
ATOM   4    O  O   . LEU A 1 3   ? 10.163  -3.421  10.750  1.00 36.64 ? 3    LEU A O   1 
ATOM   5    C  CB  . LEU A 1 3   ? 12.767  -5.273  11.593  1.00 49.42 ? 3    LEU A CB  1 
ATOM   6    C  CG  . LEU A 1 3   ? 12.679  -4.284  12.772  1.00 54.25 ? 3    LEU A CG  1 
ATOM   7    C  CD1 . LEU A 1 3   ? 13.779  -4.533  13.795  1.00 55.13 ? 3    LEU A CD1 1 
ATOM   8    C  CD2 . LEU A 1 3   ? 12.728  -2.845  12.311  1.00 55.54 ? 3    LEU A CD2 1 
ATOM   9    N  N   . ILE A 1 4   ? 11.575  -3.831  9.107   1.00 34.07 ? 4    ILE A N   1 
ATOM   10   C  CA  . ILE A 1 4   ? 11.174  -2.616  8.405   1.00 32.47 ? 4    ILE A CA  1 
ATOM   11   C  C   . ILE A 1 4   ? 10.063  -2.976  7.422   1.00 29.40 ? 4    ILE A C   1 
ATOM   12   O  O   . ILE A 1 4   ? 10.211  -3.907  6.630   1.00 27.87 ? 4    ILE A O   1 
ATOM   13   C  CB  . ILE A 1 4   ? 12.328  -1.976  7.622   1.00 32.14 ? 4    ILE A CB  1 
ATOM   14   C  CG1 . ILE A 1 4   ? 13.430  -1.519  8.602   1.00 33.50 ? 4    ILE A CG1 1 
ATOM   15   C  CG2 . ILE A 1 4   ? 11.799  -0.813  6.791   1.00 32.34 ? 4    ILE A CG2 1 
ATOM   16   C  CD1 . ILE A 1 4   ? 14.761  -1.174  7.962   1.00 32.51 ? 4    ILE A CD1 1 
ATOM   17   N  N   . VAL A 1 5   ? 9.007   -2.178  7.419   1.00 27.42 ? 5    VAL A N   1 
ATOM   18   C  CA  . VAL A 1 5   ? 7.951   -2.311  6.416   1.00 29.07 ? 5    VAL A CA  1 
ATOM   19   C  C   . VAL A 1 5   ? 7.704   -0.993  5.704   1.00 27.52 ? 5    VAL A C   1 
ATOM   20   O  O   . VAL A 1 5   ? 7.647   0.074   6.345   1.00 26.81 ? 5    VAL A O   1 
ATOM   21   C  CB  . VAL A 1 5   ? 6.651   -2.768  7.096   1.00 30.50 ? 5    VAL A CB  1 
ATOM   22   C  CG1 . VAL A 1 5   ? 5.519   -2.844  6.088   1.00 31.53 ? 5    VAL A CG1 1 
ATOM   23   C  CG2 . VAL A 1 5   ? 6.894   -4.123  7.730   1.00 31.98 ? 5    VAL A CG2 1 
ATOM   24   N  N   . ASN A 1 6   ? 7.572   -1.072  4.375   1.00 25.56 ? 6    ASN A N   1 
ATOM   25   C  CA  . ASN A 1 6   ? 7.305   0.082   3.537   1.00 26.02 ? 6    ASN A CA  1 
ATOM   26   C  C   . ASN A 1 6   ? 5.833   0.184   3.283   1.00 25.75 ? 6    ASN A C   1 
ATOM   27   O  O   . ASN A 1 6   ? 5.206   -0.779  2.855   1.00 33.49 ? 6    ASN A O   1 
ATOM   28   C  CB  . ASN A 1 6   ? 8.062   -0.028  2.228   1.00 26.30 ? 6    ASN A CB  1 
ATOM   29   C  CG  . ASN A 1 6   ? 9.564   -0.016  2.458   1.00 27.14 ? 6    ASN A CG  1 
ATOM   30   O  OD1 . ASN A 1 6   ? 10.098  1.001   2.846   1.00 26.16 ? 6    ASN A OD1 1 
ATOM   31   N  ND2 . ASN A 1 6   ? 10.220  -1.177  2.328   1.00 26.60 ? 6    ASN A ND2 1 
ATOM   32   N  N   . VAL A 1 7   ? 5.270   1.336   3.593   1.00 24.62 ? 7    VAL A N   1 
ATOM   33   C  CA  . VAL A 1 7   ? 3.891   1.628   3.220   1.00 25.84 ? 7    VAL A CA  1 
ATOM   34   C  C   . VAL A 1 7   ? 3.973   2.714   2.139   1.00 27.21 ? 7    VAL A C   1 
ATOM   35   O  O   . VAL A 1 7   ? 4.482   3.821   2.379   1.00 25.39 ? 7    VAL A O   1 
ATOM   36   C  CB  . VAL A 1 7   ? 3.027   2.073   4.407   1.00 24.68 ? 7    VAL A CB  1 
ATOM   37   C  CG1 . VAL A 1 7   ? 1.617   2.400   3.951   1.00 24.98 ? 7    VAL A CG1 1 
ATOM   38   C  CG2 . VAL A 1 7   ? 3.003   1.002   5.471   1.00 25.61 ? 7    VAL A CG2 1 
ATOM   39   N  N   . ILE A 1 8   ? 3.454   2.386   0.955   1.00 25.24 ? 8    ILE A N   1 
ATOM   40   C  CA  . ILE A 1 8   ? 3.565   3.240   -0.195  1.00 24.34 ? 8    ILE A CA  1 
ATOM   41   C  C   . ILE A 1 8   ? 2.180   3.537   -0.704  1.00 24.93 ? 8    ILE A C   1 
ATOM   42   O  O   . ILE A 1 8   ? 1.428   2.617   -1.097  1.00 23.62 ? 8    ILE A O   1 
ATOM   43   C  CB  . ILE A 1 8   ? 4.410   2.547   -1.261  1.00 24.84 ? 8    ILE A CB  1 
ATOM   44   C  CG1 . ILE A 1 8   ? 5.788   2.273   -0.651  1.00 27.02 ? 8    ILE A CG1 1 
ATOM   45   C  CG2 . ILE A 1 8   ? 4.517   3.391   -2.514  1.00 24.91 ? 8    ILE A CG2 1 
ATOM   46   C  CD1 . ILE A 1 8   ? 6.777   1.687   -1.609  1.00 28.99 ? 8    ILE A CD1 1 
ATOM   47   N  N   . ASN A 1 9   ? 1.870   4.837   -0.736  1.00 23.41 ? 9    ASN A N   1 
ATOM   48   C  CA  . ASN A 1 9   ? 0.619   5.321   -1.241  1.00 22.89 ? 9    ASN A CA  1 
ATOM   49   C  C   . ASN A 1 9   ? 0.833   6.091   -2.543  1.00 23.95 ? 9    ASN A C   1 
ATOM   50   O  O   . ASN A 1 9   ? 1.763   6.934   -2.650  1.00 20.64 ? 9    ASN A O   1 
ATOM   51   C  CB  . ASN A 1 9   ? -0.018  6.236   -0.217  1.00 24.80 ? 9    ASN A CB  1 
ATOM   52   C  CG  . ASN A 1 9   ? -0.658  5.482   0.931   1.00 25.31 ? 9    ASN A CG  1 
ATOM   53   O  OD1 . ASN A 1 9   ? -1.286  4.449   0.750   1.00 25.06 ? 9    ASN A OD1 1 
ATOM   54   N  ND2 . ASN A 1 9   ? -0.560  6.051   2.122   1.00 27.89 ? 9    ASN A ND2 1 
ATOM   55   N  N   . GLY A 1 10  ? -0.055  5.842   -3.505  1.00 22.00 ? 10   GLY A N   1 
ATOM   56   C  CA  . GLY A 1 10  ? 0.069   6.430   -4.855  1.00 22.21 ? 10   GLY A CA  1 
ATOM   57   C  C   . GLY A 1 10  ? -0.813  7.629   -5.022  1.00 22.38 ? 10   GLY A C   1 
ATOM   58   O  O   . GLY A 1 10  ? -1.189  8.274   -4.028  1.00 24.28 ? 10   GLY A O   1 
ATOM   59   N  N   . PRO A 1 11  ? -1.153  7.955   -6.276  1.00 24.08 ? 11   PRO A N   1 
ATOM   60   C  CA  . PRO A 1 11  ? -1.804  9.219   -6.604  1.00 24.48 ? 11   PRO A CA  1 
ATOM   61   C  C   . PRO A 1 11  ? -3.080  9.491   -5.853  1.00 25.54 ? 11   PRO A C   1 
ATOM   62   O  O   . PRO A 1 11  ? -3.887  8.574   -5.615  1.00 25.38 ? 11   PRO A O   1 
ATOM   63   C  CB  . PRO A 1 11  ? -2.097  9.097   -8.095  1.00 25.57 ? 11   PRO A CB  1 
ATOM   64   C  CG  . PRO A 1 11  ? -1.063  8.154   -8.604  1.00 26.02 ? 11   PRO A CG  1 
ATOM   65   C  CD  . PRO A 1 11  ? -0.707  7.245   -7.483  1.00 24.37 ? 11   PRO A CD  1 
ATOM   66   N  N   . ASN A 1 12  ? -3.219  10.765  -5.468  1.00 25.32 ? 12   ASN A N   1 
ATOM   67   C  CA  . ASN A 1 12  ? -4.366  11.300  -4.780  1.00 25.96 ? 12   ASN A CA  1 
ATOM   68   C  C   . ASN A 1 12  ? -4.466  10.941  -3.312  1.00 25.78 ? 12   ASN A C   1 
ATOM   69   O  O   . ASN A 1 12  ? -5.291  11.512  -2.615  1.00 26.63 ? 12   ASN A O   1 
ATOM   70   C  CB  . ASN A 1 12  ? -5.671  10.968  -5.503  1.00 27.06 ? 12   ASN A CB  1 
ATOM   71   C  CG  . ASN A 1 12  ? -5.684  11.492  -6.922  1.00 27.29 ? 12   ASN A CG  1 
ATOM   72   O  OD1 . ASN A 1 12  ? -5.349  12.628  -7.151  1.00 27.25 ? 12   ASN A OD1 1 
ATOM   73   N  ND2 . ASN A 1 12  ? -5.996  10.645  -7.871  1.00 26.72 ? 12   ASN A ND2 1 
ATOM   74   N  N   . LEU A 1 13  ? -3.628  10.029  -2.836  1.00 26.66 ? 13   LEU A N   1 
ATOM   75   C  CA  . LEU A 1 13  ? -3.734  9.590   -1.455  1.00 26.31 ? 13   LEU A CA  1 
ATOM   76   C  C   . LEU A 1 13  ? -3.249  10.653  -0.502  1.00 26.79 ? 13   LEU A C   1 
ATOM   77   O  O   . LEU A 1 13  ? -3.599  10.603  0.659   1.00 26.79 ? 13   LEU A O   1 
ATOM   78   C  CB  . LEU A 1 13  ? -3.019  8.293   -1.161  1.00 29.07 ? 13   LEU A CB  1 
ATOM   79   C  CG  . LEU A 1 13  ? -3.779  6.952   -1.352  1.00 32.25 ? 13   LEU A CG  1 
ATOM   80   C  CD1 . LEU A 1 13  ? -5.192  6.960   -0.792  1.00 33.41 ? 13   LEU A CD1 1 
ATOM   81   C  CD2 . LEU A 1 13  ? -3.791  6.523   -2.795  1.00 32.78 ? 13   LEU A CD2 1 
ATOM   82   N  N   . GLY A 1 14  ? -2.437  11.585  -0.988  1.00 26.40 ? 14   GLY A N   1 
ATOM   83   C  CA  . GLY A 1 14  ? -2.102  12.769  -0.221  1.00 32.45 ? 14   GLY A CA  1 
ATOM   84   C  C   . GLY A 1 14  ? -3.312  13.639  0.114   1.00 31.02 ? 14   GLY A C   1 
ATOM   85   O  O   . GLY A 1 14  ? -3.249  14.447  1.004   1.00 34.49 ? 14   GLY A O   1 
ATOM   86   N  N   . ARG A 1 15  ? -4.423  13.450  -0.590  1.00 31.84 ? 15   ARG A N   1 
ATOM   87   C  CA  . ARG A 1 15  ? -5.637  14.212  -0.374  1.00 32.27 ? 15   ARG A CA  1 
ATOM   88   C  C   . ARG A 1 15  ? -6.601  13.559  0.606   1.00 35.05 ? 15   ARG A C   1 
ATOM   89   O  O   . ARG A 1 15  ? -7.708  14.078  0.784   1.00 35.04 ? 15   ARG A O   1 
ATOM   90   C  CB  . ARG A 1 15  ? -6.427  14.369  -1.672  1.00 33.57 ? 15   ARG A CB  1 
ATOM   91   C  CG  . ARG A 1 15  ? -5.631  14.829  -2.873  1.00 34.11 ? 15   ARG A CG  1 
ATOM   92   C  CD  . ARG A 1 15  ? -5.372  16.314  -2.848  1.00 33.53 ? 15   ARG A CD  1 
ATOM   93   N  NE  . ARG A 1 15  ? -6.630  17.040  -2.940  1.00 33.41 ? 15   ARG A NE  1 
ATOM   94   C  CZ  . ARG A 1 15  ? -6.778  18.320  -2.596  1.00 33.24 ? 15   ARG A CZ  1 
ATOM   95   N  NH1 . ARG A 1 15  ? -5.746  19.024  -2.174  1.00 33.53 ? 15   ARG A NH1 1 
ATOM   96   N  NH2 . ARG A 1 15  ? -7.962  18.899  -2.698  1.00 33.63 ? 15   ARG A NH2 1 
ATOM   97   N  N   . LEU A 1 16  ? -6.223  12.444  1.231   1.00 32.79 ? 16   LEU A N   1 
ATOM   98   C  CA  . LEU A 1 16  ? -7.130  11.808  2.186   1.00 35.38 ? 16   LEU A CA  1 
ATOM   99   C  C   . LEU A 1 16  ? -7.624  12.827  3.186   1.00 35.63 ? 16   LEU A C   1 
ATOM   100  O  O   . LEU A 1 16  ? -6.842  13.677  3.635   1.00 35.75 ? 16   LEU A O   1 
ATOM   101  C  CB  . LEU A 1 16  ? -6.405  10.755  2.985   1.00 36.48 ? 16   LEU A CB  1 
ATOM   102  C  CG  . LEU A 1 16  ? -6.156  9.390   2.386   1.00 40.90 ? 16   LEU A CG  1 
ATOM   103  C  CD1 . LEU A 1 16  ? -5.356  8.568   3.393   1.00 43.69 ? 16   LEU A CD1 1 
ATOM   104  C  CD2 . LEU A 1 16  ? -7.472  8.718   2.065   1.00 44.98 ? 16   LEU A CD2 1 
ATOM   105  N  N   . GLY A 1 17  ? -8.891  12.744  3.556   1.00 42.59 ? 17   GLY A N   1 
ATOM   106  C  CA  . GLY A 1 17  ? -9.459  13.676  4.545   1.00 50.47 ? 17   GLY A CA  1 
ATOM   107  C  C   . GLY A 1 17  ? -10.333 14.692  3.835   1.00 60.24 ? 17   GLY A C   1 
ATOM   108  O  O   . GLY A 1 17  ? -11.566 14.614  3.907   1.00 69.52 ? 17   GLY A O   1 
ATOM   109  N  N   . ARG A 1 18  ? -9.700  15.615  3.111   1.00 62.43 ? 18   ARG A N   1 
ATOM   110  C  CA  . ARG A 1 18  ? -10.421 16.619  2.295   1.00 69.00 ? 18   ARG A CA  1 
ATOM   111  C  C   . ARG A 1 18  ? -11.640 16.064  1.549   1.00 68.52 ? 18   ARG A C   1 
ATOM   112  O  O   . ARG A 1 18  ? -11.506 15.562  0.436   1.00 71.54 ? 18   ARG A O   1 
ATOM   113  C  CB  . ARG A 1 18  ? -9.470  17.211  1.271   1.00 68.57 ? 18   ARG A CB  1 
ATOM   114  C  CG  . ARG A 1 18  ? -8.345  17.981  1.923   1.00 72.75 ? 18   ARG A CG  1 
ATOM   115  C  CD  . ARG A 1 18  ? -7.077  17.952  1.089   1.00 75.82 ? 18   ARG A CD  1 
ATOM   116  N  NE  . ARG A 1 18  ? -5.895  17.974  1.950   1.00 76.59 ? 18   ARG A NE  1 
ATOM   117  C  CZ  . ARG A 1 18  ? -4.651  17.681  1.568   1.00 83.59 ? 18   ARG A CZ  1 
ATOM   118  N  NH1 . ARG A 1 18  ? -4.374  17.345  0.316   1.00 89.10 ? 18   ARG A NH1 1 
ATOM   119  N  NH2 . ARG A 1 18  ? -3.663  17.728  2.455   1.00 88.13 ? 18   ARG A NH2 1 
ATOM   120  N  N   . TYR A 1 24  ? -12.944 7.963   1.405   1.00 75.94 ? 24   TYR A N   1 
ATOM   121  C  CA  . TYR A 1 24  ? -11.681 8.498   1.963   1.00 87.51 ? 24   TYR A CA  1 
ATOM   122  C  C   . TYR A 1 24  ? -11.699 9.968   2.535   1.00 91.07 ? 24   TYR A C   1 
ATOM   123  O  O   . TYR A 1 24  ? -11.033 10.910  2.007   1.00 62.18 ? 24   TYR A O   1 
ATOM   124  C  CB  . TYR A 1 24  ? -10.532 8.325   0.958   1.00 89.59 ? 24   TYR A CB  1 
ATOM   125  C  CG  . TYR A 1 24  ? -10.905 7.908   -0.445  1.00 88.01 ? 24   TYR A CG  1 
ATOM   126  C  CD1 . TYR A 1 24  ? -11.671 8.744   -1.285  1.00 84.77 ? 24   TYR A CD1 1 
ATOM   127  C  CD2 . TYR A 1 24  ? -10.437 6.693   -0.954  1.00 83.55 ? 24   TYR A CD2 1 
ATOM   128  C  CE1 . TYR A 1 24  ? -11.984 8.351   -2.582  1.00 87.52 ? 24   TYR A CE1 1 
ATOM   129  C  CE2 . TYR A 1 24  ? -10.736 6.290   -2.241  1.00 85.15 ? 24   TYR A CE2 1 
ATOM   130  C  CZ  . TYR A 1 24  ? -11.509 7.103   -3.059  1.00 88.47 ? 24   TYR A CZ  1 
ATOM   131  O  OH  . TYR A 1 24  ? -11.755 6.653   -4.353  1.00 71.75 ? 24   TYR A OH  1 
ATOM   132  N  N   . GLY A 1 25  ? -12.444 10.111  3.638   1.00 91.94 ? 25   GLY A N   1 
ATOM   133  C  CA  . GLY A 1 25  ? -12.547 11.350  4.415   1.00 88.03 ? 25   GLY A CA  1 
ATOM   134  C  C   . GLY A 1 25  ? -12.404 11.074  5.906   1.00 82.31 ? 25   GLY A C   1 
ATOM   135  O  O   . GLY A 1 25  ? -12.350 9.919   6.329   1.00 77.93 ? 25   GLY A O   1 
ATOM   136  N  N   . GLY A 1 26  ? -12.360 12.140  6.705   1.00 75.25 ? 26   GLY A N   1 
ATOM   137  C  CA  . GLY A 1 26  ? -11.970 12.045  8.103   1.00 64.20 ? 26   GLY A CA  1 
ATOM   138  C  C   . GLY A 1 26  ? -10.457 12.128  8.182   1.00 57.41 ? 26   GLY A C   1 
ATOM   139  O  O   . GLY A 1 26  ? -9.887  13.216  8.214   1.00 54.33 ? 26   GLY A O   1 
ATOM   140  N  N   . THR A 1 27  ? -9.801  10.973  8.161   1.00 47.40 ? 27   THR A N   1 
ATOM   141  C  CA  . THR A 1 27  ? -8.362  10.904  8.414   1.00 42.52 ? 27   THR A CA  1 
ATOM   142  C  C   . THR A 1 27  ? -7.531  11.542  7.318   1.00 40.54 ? 27   THR A C   1 
ATOM   143  O  O   . THR A 1 27  ? -7.734  11.292  6.142   1.00 42.02 ? 27   THR A O   1 
ATOM   144  C  CB  . THR A 1 27  ? -7.914  9.443   8.588   1.00 39.66 ? 27   THR A CB  1 
ATOM   145  O  OG1 . THR A 1 27  ? -8.853  8.790   9.440   1.00 40.00 ? 27   THR A OG1 1 
ATOM   146  C  CG2 . THR A 1 27  ? -6.489  9.338   9.202   1.00 38.47 ? 27   THR A CG2 1 
ATOM   147  N  N   . THR A 1 28  ? -6.587  12.374  7.710   1.00 39.35 ? 28   THR A N   1 
ATOM   148  C  CA  . THR A 1 28  ? -5.646  12.936  6.759   1.00 35.67 ? 28   THR A CA  1 
ATOM   149  C  C   . THR A 1 28  ? -4.458  11.991  6.548   1.00 32.52 ? 28   THR A C   1 
ATOM   150  O  O   . THR A 1 28  ? -4.211  11.077  7.337   1.00 29.20 ? 28   THR A O   1 
ATOM   151  C  CB  . THR A 1 28  ? -5.051  14.218  7.291   1.00 35.40 ? 28   THR A CB  1 
ATOM   152  O  OG1 . THR A 1 28  ? -4.215  13.902  8.402   1.00 35.94 ? 28   THR A OG1 1 
ATOM   153  C  CG2 . THR A 1 28  ? -6.133  15.177  7.696   1.00 37.79 ? 28   THR A CG2 1 
ATOM   154  N  N   . HIS A 1 29  ? -3.680  12.233  5.506   1.00 31.46 ? 29   HIS A N   1 
ATOM   155  C  CA  . HIS A 1 29  ? -2.526  11.377  5.268   1.00 31.05 ? 29   HIS A CA  1 
ATOM   156  C  C   . HIS A 1 29  ? -1.501  11.479  6.428   1.00 29.98 ? 29   HIS A C   1 
ATOM   157  O  O   . HIS A 1 29  ? -0.916  10.486  6.867   1.00 26.43 ? 29   HIS A O   1 
ATOM   158  C  CB  . HIS A 1 29  ? -1.884  11.678  3.914   1.00 29.95 ? 29   HIS A CB  1 
ATOM   159  C  CG  . HIS A 1 29  ? -0.939  10.605  3.491   1.00 30.62 ? 29   HIS A CG  1 
ATOM   160  N  ND1 . HIS A 1 29  ? 0.382   10.587  3.886   1.00 30.90 ? 29   HIS A ND1 1 
ATOM   161  C  CD2 . HIS A 1 29  ? -1.139  9.464   2.785   1.00 29.80 ? 29   HIS A CD2 1 
ATOM   162  C  CE1 . HIS A 1 29  ? 0.966   9.502   3.408   1.00 30.96 ? 29   HIS A CE1 1 
ATOM   163  N  NE2 . HIS A 1 29  ? 0.068   8.803   2.738   1.00 29.43 ? 29   HIS A NE2 1 
ATOM   164  N  N   . ASP A 1 30  ? -1.316  12.693  6.944   1.00 32.14 ? 30   ASP A N   1 
ATOM   165  C  CA  . ASP A 1 30  ? -0.437  12.886  8.119   1.00 30.14 ? 30   ASP A CA  1 
ATOM   166  C  C   . ASP A 1 30  ? -0.945  12.048  9.289   1.00 27.03 ? 30   ASP A C   1 
ATOM   167  O  O   . ASP A 1 30  ? -0.158  11.380  9.963   1.00 29.61 ? 30   ASP A O   1 
ATOM   168  C  CB  . ASP A 1 30  ? -0.348  14.381  8.500   1.00 32.70 ? 30   ASP A CB  1 
ATOM   169  C  CG  . ASP A 1 30  ? 0.719   15.144  7.717   1.00 36.73 ? 30   ASP A CG  1 
ATOM   170  O  OD1 . ASP A 1 30  ? 1.392   14.563  6.838   1.00 33.81 ? 30   ASP A OD1 1 
ATOM   171  O  OD2 . ASP A 1 30  ? 0.909   16.346  7.999   1.00 38.03 ? 30   ASP A OD2 1 
ATOM   172  N  N   . GLU A 1 31  ? -2.245  12.077  9.528   1.00 28.06 ? 31   GLU A N   1 
ATOM   173  C  CA  . GLU A 1 31  ? -2.842  11.212  10.586  1.00 31.62 ? 31   GLU A CA  1 
ATOM   174  C  C   . GLU A 1 31  ? -2.599  9.744   10.299  1.00 28.91 ? 31   GLU A C   1 
ATOM   175  O  O   . GLU A 1 31  ? -2.201  8.980   11.178  1.00 30.66 ? 31   GLU A O   1 
ATOM   176  C  CB  A GLU A 1 31  ? -4.363  11.444  10.686  0.50 31.63 ? 31   GLU A CB  1 
ATOM   177  C  CB  B GLU A 1 31  ? -4.330  11.502  10.789  0.50 34.69 ? 31   GLU A CB  1 
ATOM   178  C  CG  A GLU A 1 31  ? -4.777  12.596  11.596  0.50 34.06 ? 31   GLU A CG  1 
ATOM   179  C  CG  B GLU A 1 31  ? -4.599  12.779  11.592  0.50 39.56 ? 31   GLU A CG  1 
ATOM   180  C  CD  A GLU A 1 31  ? -6.153  13.196  11.286  0.50 33.12 ? 31   GLU A CD  1 
ATOM   181  C  CD  B GLU A 1 31  ? -4.227  12.660  13.073  0.50 43.29 ? 31   GLU A CD  1 
ATOM   182  O  OE1 A GLU A 1 31  ? -7.017  12.555  10.660  0.50 29.98 ? 31   GLU A OE1 1 
ATOM   183  O  OE1 B GLU A 1 31  ? -4.112  11.507  13.553  0.50 40.96 ? 31   GLU A OE1 1 
ATOM   184  O  OE2 A GLU A 1 31  ? -6.385  14.327  11.717  0.50 35.03 ? 31   GLU A OE2 1 
ATOM   185  O  OE2 B GLU A 1 31  ? -4.053  13.725  13.751  0.50 42.91 ? 31   GLU A OE2 1 
ATOM   186  N  N   . LEU A 1 32  ? -2.775  9.368   9.037   1.00 26.08 ? 32   LEU A N   1 
ATOM   187  C  CA  . LEU A 1 32  ? -2.575  8.006   8.658   1.00 24.57 ? 32   LEU A CA  1 
ATOM   188  C  C   . LEU A 1 32  ? -1.166  7.590   8.927   1.00 23.08 ? 32   LEU A C   1 
ATOM   189  O  O   . LEU A 1 32  ? -0.916  6.515   9.481   1.00 22.03 ? 32   LEU A O   1 
ATOM   190  C  CB  . LEU A 1 32  ? -2.923  7.793   7.193   1.00 25.72 ? 32   LEU A CB  1 
ATOM   191  C  CG  . LEU A 1 32  ? -2.661  6.363   6.709   1.00 27.51 ? 32   LEU A CG  1 
ATOM   192  C  CD1 . LEU A 1 32  ? -3.641  5.404   7.368   1.00 29.38 ? 32   LEU A CD1 1 
ATOM   193  C  CD2 . LEU A 1 32  ? -2.805  6.298   5.204   1.00 26.82 ? 32   LEU A CD2 1 
ATOM   194  N  N   . VAL A 1 33  ? -0.214  8.426   8.544   1.00 24.56 ? 33   VAL A N   1 
ATOM   195  C  CA  . VAL A 1 33  ? 1.171   8.109   8.838   1.00 24.72 ? 33   VAL A CA  1 
ATOM   196  C  C   . VAL A 1 33  ? 1.357   7.888   10.332  1.00 27.15 ? 33   VAL A C   1 
ATOM   197  O  O   . VAL A 1 33  ? 2.051   6.950   10.734  1.00 26.56 ? 33   VAL A O   1 
ATOM   198  C  CB  . VAL A 1 33  ? 2.134   9.232   8.393   1.00 24.74 ? 33   VAL A CB  1 
ATOM   199  C  CG1 . VAL A 1 33  ? 3.542   8.968   8.888   1.00 26.63 ? 33   VAL A CG1 1 
ATOM   200  C  CG2 . VAL A 1 33  ? 2.108   9.412   6.883   1.00 26.26 ? 33   VAL A CG2 1 
ATOM   201  N  N   . ALA A 1 34  ? 0.768   8.766   11.159  1.00 30.91 ? 34   ALA A N   1 
ATOM   202  C  CA  . ALA A 1 34  ? 0.945   8.658   12.636  1.00 30.70 ? 34   ALA A CA  1 
ATOM   203  C  C   . ALA A 1 34  ? 0.294   7.370   13.173  1.00 31.51 ? 34   ALA A C   1 
ATOM   204  O  O   . ALA A 1 34  ? 0.867   6.674   14.002  1.00 29.38 ? 34   ALA A O   1 
ATOM   205  C  CB  . ALA A 1 34  ? 0.359   9.884   13.344  1.00 30.06 ? 34   ALA A CB  1 
ATOM   206  N  N   . LEU A 1 35  ? -0.889  7.035   12.672  1.00 31.94 ? 35   LEU A N   1 
ATOM   207  C  CA  . LEU A 1 35  ? -1.527  5.792   13.077  1.00 33.70 ? 35   LEU A CA  1 
ATOM   208  C  C   . LEU A 1 35  ? -0.657  4.616   12.717  1.00 32.51 ? 35   LEU A C   1 
ATOM   209  O  O   . LEU A 1 35  ? -0.427  3.729   13.533  1.00 32.13 ? 35   LEU A O   1 
ATOM   210  C  CB  . LEU A 1 35  ? -2.888  5.635   12.404  1.00 36.93 ? 35   LEU A CB  1 
ATOM   211  C  CG  . LEU A 1 35  ? -3.950  6.601   12.927  1.00 42.73 ? 35   LEU A CG  1 
ATOM   212  C  CD1 . LEU A 1 35  ? -5.103  6.823   11.951  1.00 44.77 ? 35   LEU A CD1 1 
ATOM   213  C  CD2 . LEU A 1 35  ? -4.474  6.065   14.261  1.00 47.69 ? 35   LEU A CD2 1 
ATOM   214  N  N   . ILE A 1 36  ? -0.162  4.599   11.488  1.00 29.49 ? 36   ILE A N   1 
ATOM   215  C  CA  . ILE A 1 36  ? 0.584   3.447   11.006  1.00 28.78 ? 36   ILE A CA  1 
ATOM   216  C  C   . ILE A 1 36  ? 1.838   3.282   11.847  1.00 28.48 ? 36   ILE A C   1 
ATOM   217  O  O   . ILE A 1 36  ? 2.166   2.190   12.257  1.00 24.83 ? 36   ILE A O   1 
ATOM   218  C  CB  . ILE A 1 36  ? 0.943   3.580   9.506   1.00 28.27 ? 36   ILE A CB  1 
ATOM   219  C  CG1 . ILE A 1 36  ? -0.292  3.284   8.648   1.00 28.46 ? 36   ILE A CG1 1 
ATOM   220  C  CG2 . ILE A 1 36  ? 2.109   2.668   9.130   1.00 29.20 ? 36   ILE A CG2 1 
ATOM   221  C  CD1 . ILE A 1 36  ? -0.150  3.755   7.213   1.00 27.97 ? 36   ILE A CD1 1 
ATOM   222  N  N   . GLU A 1 37  ? 2.551   4.381   12.072  1.00 31.85 ? 37   GLU A N   1 
ATOM   223  C  CA  . GLU A 1 37  ? 3.783   4.370   12.867  1.00 34.21 ? 37   GLU A CA  1 
ATOM   224  C  C   . GLU A 1 37  ? 3.525   3.917   14.292  1.00 33.59 ? 37   GLU A C   1 
ATOM   225  O  O   . GLU A 1 37  ? 4.268   3.099   14.823  1.00 34.28 ? 37   GLU A O   1 
ATOM   226  C  CB  . GLU A 1 37  ? 4.411   5.792   12.901  1.00 38.51 ? 37   GLU A CB  1 
ATOM   227  C  CG  . GLU A 1 37  ? 5.051   6.157   11.575  1.00 38.95 ? 37   GLU A CG  1 
ATOM   228  C  CD  . GLU A 1 37  ? 5.595   7.573   11.511  1.00 41.14 ? 37   GLU A CD  1 
ATOM   229  O  OE1 . GLU A 1 37  ? 5.140   8.475   12.276  1.00 38.40 ? 37   GLU A OE1 1 
ATOM   230  O  OE2 . GLU A 1 37  ? 6.449   7.763   10.619  1.00 39.39 ? 37   GLU A OE2 1 
ATOM   231  N  N   . ARG A 1 38  ? 2.486   4.454   14.908  1.00 36.04 ? 38   ARG A N   1 
ATOM   232  C  CA  . ARG A 1 38  ? 2.129   4.017   16.247  1.00 41.99 ? 38   ARG A CA  1 
ATOM   233  C  C   . ARG A 1 38  ? 1.873   2.504   16.290  1.00 42.06 ? 38   ARG A C   1 
ATOM   234  O  O   . ARG A 1 38  ? 2.379   1.800   17.151  1.00 36.59 ? 38   ARG A O   1 
ATOM   235  C  CB  . ARG A 1 38  ? 0.914   4.779   16.721  1.00 48.84 ? 38   ARG A CB  1 
ATOM   236  C  CG  . ARG A 1 38  ? 0.489   4.438   18.147  1.00 54.47 ? 38   ARG A CG  1 
ATOM   237  C  CD  . ARG A 1 38  ? -0.544  5.430   18.650  1.00 56.80 ? 38   ARG A CD  1 
ATOM   238  N  NE  . ARG A 1 38  ? -1.856  5.191   18.049  1.00 64.30 ? 38   ARG A NE  1 
ATOM   239  C  CZ  . ARG A 1 38  ? -2.972  5.862   18.354  1.00 69.95 ? 38   ARG A CZ  1 
ATOM   240  N  NH1 . ARG A 1 38  ? -2.957  6.847   19.264  1.00 70.06 ? 38   ARG A NH1 1 
ATOM   241  N  NH2 . ARG A 1 38  ? -4.117  5.542   17.754  1.00 65.72 ? 38   ARG A NH2 1 
ATOM   242  N  N   . GLU A 1 39  ? 1.112   2.013   15.322  1.00 39.75 ? 39   GLU A N   1 
ATOM   243  C  CA  . GLU A 1 39  ? 0.731   0.612   15.290  1.00 36.50 ? 39   GLU A CA  1 
ATOM   244  C  C   . GLU A 1 39  ? 1.943   -0.244  14.993  1.00 36.42 ? 39   GLU A C   1 
ATOM   245  O  O   . GLU A 1 39  ? 2.128   -1.296  15.605  1.00 32.35 ? 39   GLU A O   1 
ATOM   246  C  CB  . GLU A 1 39  ? -0.362  0.386   14.245  1.00 39.99 ? 39   GLU A CB  1 
ATOM   247  C  CG  . GLU A 1 39  ? -0.787  -1.079  14.062  1.00 43.31 ? 39   GLU A CG  1 
ATOM   248  C  CD  . GLU A 1 39  ? -1.784  -1.576  15.116  1.00 46.61 ? 39   GLU A CD  1 
ATOM   249  O  OE1 . GLU A 1 39  ? -2.286  -0.756  15.920  1.00 44.19 ? 39   GLU A OE1 1 
ATOM   250  O  OE2 . GLU A 1 39  ? -2.049  -2.806  15.132  1.00 53.00 ? 39   GLU A OE2 1 
ATOM   251  N  N   . ALA A 1 40  ? 2.784   0.187   14.058  1.00 34.42 ? 40   ALA A N   1 
ATOM   252  C  CA  . ALA A 1 40  ? 3.992   -0.600  13.748  1.00 37.43 ? 40   ALA A CA  1 
ATOM   253  C  C   . ALA A 1 40  ? 4.920   -0.760  14.966  1.00 37.60 ? 40   ALA A C   1 
ATOM   254  O  O   . ALA A 1 40  ? 5.524   -1.804  15.151  1.00 36.09 ? 40   ALA A O   1 
ATOM   255  C  CB  . ALA A 1 40  ? 4.762   0.032   12.594  1.00 39.02 ? 40   ALA A CB  1 
ATOM   256  N  N   . ALA A 1 41  ? 5.020   0.286   15.778  1.00 39.38 ? 41   ALA A N   1 
ATOM   257  C  CA  . ALA A 1 41  ? 5.905   0.293   16.937  1.00 43.20 ? 41   ALA A CA  1 
ATOM   258  C  C   . ALA A 1 41  ? 5.429   -0.753  17.925  1.00 41.09 ? 41   ALA A C   1 
ATOM   259  O  O   . ALA A 1 41  ? 6.211   -1.566  18.386  1.00 40.75 ? 41   ALA A O   1 
ATOM   260  C  CB  . ALA A 1 41  ? 5.887   1.668   17.598  1.00 44.51 ? 41   ALA A CB  1 
ATOM   261  N  N   . GLU A 1 42  ? 4.133   -0.730  18.223  1.00 44.77 ? 42   GLU A N   1 
ATOM   262  C  CA  . GLU A 1 42  ? 3.509   -1.783  19.032  1.00 46.59 ? 42   GLU A CA  1 
ATOM   263  C  C   . GLU A 1 42  ? 3.771   -3.195  18.500  1.00 42.23 ? 42   GLU A C   1 
ATOM   264  O  O   . GLU A 1 42  ? 3.894   -4.138  19.261  1.00 40.24 ? 42   GLU A O   1 
ATOM   265  C  CB  . GLU A 1 42  ? 2.002   -1.583  19.128  1.00 52.32 ? 42   GLU A CB  1 
ATOM   266  C  CG  . GLU A 1 42  ? 1.630   -0.454  20.064  1.00 66.97 ? 42   GLU A CG  1 
ATOM   267  C  CD  . GLU A 1 42  ? 0.153   -0.148  20.038  1.00 78.71 ? 42   GLU A CD  1 
ATOM   268  O  OE1 . GLU A 1 42  ? -0.614  -0.950  19.459  1.00 89.64 ? 42   GLU A OE1 1 
ATOM   269  O  OE2 . GLU A 1 42  ? -0.239  0.897   20.602  1.00 90.82 ? 42   GLU A OE2 1 
ATOM   270  N  N   . LEU A 1 43  ? 3.810   -3.355  17.193  1.00 37.53 ? 43   LEU A N   1 
ATOM   271  C  CA  . LEU A 1 43  ? 4.056   -4.662  16.644  1.00 39.09 ? 43   LEU A CA  1 
ATOM   272  C  C   . LEU A 1 43  ? 5.542   -4.972  16.644  1.00 36.02 ? 43   LEU A C   1 
ATOM   273  O  O   . LEU A 1 43  ? 5.924   -6.068  16.291  1.00 36.17 ? 43   LEU A O   1 
ATOM   274  C  CB  . LEU A 1 43  ? 3.433   -4.785  15.235  1.00 38.64 ? 43   LEU A CB  1 
ATOM   275  C  CG  . LEU A 1 43  ? 1.896   -4.754  15.246  1.00 39.38 ? 43   LEU A CG  1 
ATOM   276  C  CD1 . LEU A 1 43  ? 1.304   -4.439  13.880  1.00 44.55 ? 43   LEU A CD1 1 
ATOM   277  C  CD2 . LEU A 1 43  ? 1.349   -6.077  15.761  1.00 40.88 ? 43   LEU A CD2 1 
ATOM   278  N  N   . GLY A 1 44  ? 6.381   -4.016  17.026  1.00 36.17 ? 44   GLY A N   1 
ATOM   279  C  CA  . GLY A 1 44  ? 7.819   -4.253  16.970  1.00 39.87 ? 44   GLY A CA  1 
ATOM   280  C  C   . GLY A 1 44  ? 8.393   -4.136  15.567  1.00 42.02 ? 44   GLY A C   1 
ATOM   281  O  O   . GLY A 1 44  ? 9.452   -4.695  15.298  1.00 44.36 ? 44   GLY A O   1 
ATOM   282  N  N   . LEU A 1 45  ? 7.699   -3.408  14.685  1.00 38.53 ? 45   LEU A N   1 
ATOM   283  C  CA  . LEU A 1 45  ? 8.168   -3.133  13.318  1.00 38.31 ? 45   LEU A CA  1 
ATOM   284  C  C   . LEU A 1 45  ? 8.527   -1.664  13.245  1.00 33.93 ? 45   LEU A C   1 
ATOM   285  O  O   . LEU A 1 45  ? 8.097   -0.883  14.087  1.00 32.98 ? 45   LEU A O   1 
ATOM   286  C  CB  . LEU A 1 45  ? 7.047   -3.371  12.289  1.00 38.82 ? 45   LEU A CB  1 
ATOM   287  C  CG  . LEU A 1 45  ? 6.451   -4.781  12.264  1.00 42.67 ? 45   LEU A CG  1 
ATOM   288  C  CD1 . LEU A 1 45  ? 5.101   -4.795  11.572  1.00 46.89 ? 45   LEU A CD1 1 
ATOM   289  C  CD2 . LEU A 1 45  ? 7.405   -5.800  11.643  1.00 44.25 ? 45   LEU A CD2 1 
ATOM   290  N  N   . LYS A 1 46  ? 9.240   -1.293  12.182  1.00 31.92 ? 46   LYS A N   1 
ATOM   291  C  CA  . LYS A 1 46  ? 9.392   0.090   11.775  1.00 30.72 ? 46   LYS A CA  1 
ATOM   292  C  C   . LYS A 1 46  ? 8.711   0.281   10.415  1.00 32.20 ? 46   LYS A C   1 
ATOM   293  O  O   . LYS A 1 46  ? 9.087   -0.376  9.429   1.00 28.34 ? 46   LYS A O   1 
ATOM   294  C  CB  . LYS A 1 46  ? 10.866  0.455   11.624  1.00 32.02 ? 46   LYS A CB  1 
ATOM   295  C  CG  . LYS A 1 46  ? 11.074  1.927   11.280  1.00 36.19 ? 46   LYS A CG  1 
ATOM   296  C  CD  . LYS A 1 46  ? 12.541  2.289   11.345  1.00 43.07 ? 46   LYS A CD  1 
ATOM   297  C  CE  . LYS A 1 46  ? 12.799  3.765   10.965  1.00 44.18 ? 46   LYS A CE  1 
ATOM   298  N  NZ  . LYS A 1 46  ? 14.239  4.109   11.275  1.00 43.79 ? 46   LYS A NZ  1 
ATOM   299  N  N   . ALA A 1 47  ? 7.717   1.160   10.384  1.00 27.91 ? 47   ALA A N   1 
ATOM   300  C  CA  . ALA A 1 47  ? 6.987   1.482   9.197   1.00 31.83 ? 47   ALA A CA  1 
ATOM   301  C  C   . ALA A 1 47  ? 7.610   2.740   8.596   1.00 29.54 ? 47   ALA A C   1 
ATOM   302  O  O   . ALA A 1 47  ? 7.748   3.737   9.290   1.00 29.94 ? 47   ALA A O   1 
ATOM   303  C  CB  . ALA A 1 47  ? 5.512   1.742   9.512   1.00 31.40 ? 47   ALA A CB  1 
ATOM   304  N  N   . VAL A 1 48  ? 7.941   2.652   7.313   1.00 26.54 ? 48   VAL A N   1 
ATOM   305  C  CA  . VAL A 1 48  ? 8.347   3.779   6.485   1.00 28.86 ? 48   VAL A CA  1 
ATOM   306  C  C   . VAL A 1 48  ? 7.212   4.087   5.537   1.00 26.67 ? 48   VAL A C   1 
ATOM   307  O  O   . VAL A 1 48  ? 6.969   3.331   4.603   1.00 26.66 ? 48   VAL A O   1 
ATOM   308  C  CB  . VAL A 1 48  ? 9.598   3.423   5.678   1.00 29.08 ? 48   VAL A CB  1 
ATOM   309  C  CG1 . VAL A 1 48  ? 10.024  4.603   4.807   1.00 32.06 ? 48   VAL A CG1 1 
ATOM   310  C  CG2 . VAL A 1 48  ? 10.720  3.007   6.627   1.00 31.57 ? 48   VAL A CG2 1 
ATOM   311  N  N   . VAL A 1 49  ? 6.521   5.202   5.756   1.00 27.38 ? 49   VAL A N   1 
ATOM   312  C  CA  . VAL A 1 49  ? 5.324   5.487   5.014   1.00 28.77 ? 49   VAL A CA  1 
ATOM   313  C  C   . VAL A 1 49  ? 5.587   6.647   4.080   1.00 29.73 ? 49   VAL A C   1 
ATOM   314  O  O   . VAL A 1 49  ? 6.013   7.706   4.563   1.00 28.32 ? 49   VAL A O   1 
ATOM   315  C  CB  . VAL A 1 49  ? 4.158   5.876   5.926   1.00 28.20 ? 49   VAL A CB  1 
ATOM   316  C  CG1 . VAL A 1 49  ? 2.914   6.076   5.107   1.00 29.44 ? 49   VAL A CG1 1 
ATOM   317  C  CG2 . VAL A 1 49  ? 3.927   4.814   6.981   1.00 31.75 ? 49   VAL A CG2 1 
ATOM   318  N  N   . ARG A 1 50  ? 5.327   6.459   2.773   1.00 27.19 ? 50   ARG A N   1 
ATOM   319  C  CA  . ARG A 1 50  ? 5.582   7.497   1.748   1.00 30.28 ? 50   ARG A CA  1 
ATOM   320  C  C   . ARG A 1 50  ? 4.389   7.600   0.812   1.00 29.50 ? 50   ARG A C   1 
ATOM   321  O  O   . ARG A 1 50  ? 3.681   6.600   0.585   1.00 26.99 ? 50   ARG A O   1 
ATOM   322  C  CB  A ARG A 1 50  ? 6.859   7.165   0.972   0.50 31.37 ? 50   ARG A CB  1 
ATOM   323  C  CB  B ARG A 1 50  ? 6.775   7.173   0.845   0.50 32.61 ? 50   ARG A CB  1 
ATOM   324  C  CG  A ARG A 1 50  ? 7.939   6.523   1.825   0.50 32.85 ? 50   ARG A CG  1 
ATOM   325  C  CG  B ARG A 1 50  ? 7.842   6.289   1.414   0.50 34.90 ? 50   ARG A CG  1 
ATOM   326  C  CD  A ARG A 1 50  ? 9.296   6.626   1.193   0.50 33.10 ? 50   ARG A CD  1 
ATOM   327  C  CD  B ARG A 1 50  ? 9.042   7.072   1.872   0.50 36.40 ? 50   ARG A CD  1 
ATOM   328  N  NE  A ARG A 1 50  ? 9.986   5.343   1.053   0.50 33.23 ? 50   ARG A NE  1 
ATOM   329  N  NE  B ARG A 1 50  ? 10.182  6.228   1.590   0.50 39.67 ? 50   ARG A NE  1 
ATOM   330  C  CZ  A ARG A 1 50  ? 9.492   4.129   1.318   0.50 33.74 ? 50   ARG A CZ  1 
ATOM   331  C  CZ  B ARG A 1 50  ? 11.427  6.647   1.542   0.50 41.77 ? 50   ARG A CZ  1 
ATOM   332  N  NH1 A ARG A 1 50  ? 8.235   3.924   1.774   0.50 35.11 ? 50   ARG A NH1 1 
ATOM   333  N  NH1 B ARG A 1 50  ? 11.695  7.917   1.779   0.50 43.69 ? 50   ARG A NH1 1 
ATOM   334  N  NH2 A ARG A 1 50  ? 10.279  3.098   1.127   0.50 27.07 ? 50   ARG A NH2 1 
ATOM   335  N  NH2 B ARG A 1 50  ? 12.391  5.786   1.243   0.50 43.68 ? 50   ARG A NH2 1 
ATOM   336  N  N   . GLN A 1 51  ? 4.198   8.777   0.225   1.00 26.25 ? 51   GLN A N   1 
ATOM   337  C  CA  . GLN A 1 51  ? 3.125   8.986   -0.728  1.00 24.45 ? 51   GLN A CA  1 
ATOM   338  C  C   . GLN A 1 51  ? 3.673   9.806   -1.880  1.00 26.46 ? 51   GLN A C   1 
ATOM   339  O  O   . GLN A 1 51  ? 4.434   10.687  -1.635  1.00 24.45 ? 51   GLN A O   1 
ATOM   340  C  CB  . GLN A 1 51  ? 1.960   9.723   -0.072  1.00 24.46 ? 51   GLN A CB  1 
ATOM   341  C  CG  . GLN A 1 51  ? 0.698   9.820   -0.917  1.00 23.49 ? 51   GLN A CG  1 
ATOM   342  C  CD  . GLN A 1 51  ? 0.731   10.934  -1.955  1.00 25.21 ? 51   GLN A CD  1 
ATOM   343  O  OE1 . GLN A 1 51  ? 1.208   12.056  -1.672  1.00 24.95 ? 51   GLN A OE1 1 
ATOM   344  N  NE2 . GLN A 1 51  ? 0.198   10.664  -3.142  1.00 23.04 ? 51   GLN A NE2 1 
ATOM   345  N  N   . SER A 1 52  ? 3.310   9.478   -3.118  1.00 25.94 ? 52   SER A N   1 
ATOM   346  C  CA  . SER A 1 52  ? 3.639   10.311  -4.285  1.00 26.39 ? 52   SER A CA  1 
ATOM   347  C  C   . SER A 1 52  ? 2.522   10.169  -5.312  1.00 24.88 ? 52   SER A C   1 
ATOM   348  O  O   . SER A 1 52  ? 1.903   9.087   -5.460  1.00 22.89 ? 52   SER A O   1 
ATOM   349  C  CB  . SER A 1 52  ? 4.965   9.903   -4.943  1.00 27.95 ? 52   SER A CB  1 
ATOM   350  O  OG  . SER A 1 52  ? 5.291   10.776  -6.019  1.00 27.59 ? 52   SER A OG  1 
ATOM   351  N  N   . ASP A 1 53  ? 2.307   11.256  -6.046  1.00 25.07 ? 53   ASP A N   1 
ATOM   352  C  CA  . ASP A 1 53  ? 1.432   11.271  -7.194  1.00 24.90 ? 53   ASP A CA  1 
ATOM   353  C  C   . ASP A 1 53  ? 2.223   10.923  -8.444  1.00 23.82 ? 53   ASP A C   1 
ATOM   354  O  O   . ASP A 1 53  ? 1.648   10.844  -9.510  1.00 24.55 ? 53   ASP A O   1 
ATOM   355  C  CB  . ASP A 1 53  ? 0.774   12.617  -7.377  1.00 25.02 ? 53   ASP A CB  1 
ATOM   356  C  CG  . ASP A 1 53  ? -0.223  12.943  -6.293  1.00 25.99 ? 53   ASP A CG  1 
ATOM   357  O  OD1 . ASP A 1 53  ? -0.755  12.070  -5.581  1.00 27.28 ? 53   ASP A OD1 1 
ATOM   358  O  OD2 . ASP A 1 53  ? -0.508  14.149  -6.190  1.00 30.26 ? 53   ASP A OD2 1 
ATOM   359  N  N   . SER A 1 54  ? 3.525   10.724  -8.286  1.00 24.61 ? 54   SER A N   1 
ATOM   360  C  CA  . SER A 1 54  ? 4.397   10.397  -9.404  1.00 26.15 ? 54   SER A CA  1 
ATOM   361  C  C   . SER A 1 54  ? 4.685   8.905   -9.499  1.00 26.24 ? 54   SER A C   1 
ATOM   362  O  O   . SER A 1 54  ? 5.300   8.285   -8.597  1.00 23.78 ? 54   SER A O   1 
ATOM   363  C  CB  . SER A 1 54  ? 5.707   11.172  -9.293  1.00 27.73 ? 54   SER A CB  1 
ATOM   364  O  OG  . SER A 1 54  ? 6.667   10.643  -10.196 1.00 26.82 ? 54   SER A OG  1 
ATOM   365  N  N   . GLU A 1 55  ? 4.298   8.319   -10.628 1.00 26.28 ? 55   GLU A N   1 
ATOM   366  C  CA  . GLU A 1 55  ? 4.560   6.919   -10.859 1.00 24.94 ? 55   GLU A CA  1 
ATOM   367  C  C   . GLU A 1 55  ? 6.056   6.546   -10.759 1.00 24.60 ? 55   GLU A C   1 
ATOM   368  O  O   . GLU A 1 55  ? 6.388   5.494   -10.225 1.00 20.79 ? 55   GLU A O   1 
ATOM   369  C  CB  . GLU A 1 55  ? 3.975   6.461   -12.218 1.00 29.51 ? 55   GLU A CB  1 
ATOM   370  C  CG  . GLU A 1 55  ? 4.282   4.996   -12.508 1.00 29.88 ? 55   GLU A CG  1 
ATOM   371  C  CD  . GLU A 1 55  ? 3.453   4.385   -13.629 1.00 36.38 ? 55   GLU A CD  1 
ATOM   372  O  OE1 . GLU A 1 55  ? 3.620   4.744   -14.794 1.00 43.89 ? 55   GLU A OE1 1 
ATOM   373  O  OE2 . GLU A 1 55  ? 2.669   3.491   -13.358 1.00 44.10 ? 55   GLU A OE2 1 
ATOM   374  N  N   . ALA A 1 56  ? 6.938   7.393   -11.295 1.00 25.02 ? 56   ALA A N   1 
ATOM   375  C  CA  . ALA A 1 56  ? 8.372   7.145   -11.292 1.00 23.69 ? 56   ALA A CA  1 
ATOM   376  C  C   . ALA A 1 56  ? 8.944   7.119   -9.853  1.00 23.99 ? 56   ALA A C   1 
ATOM   377  O  O   . ALA A 1 56  ? 9.866   6.346   -9.510  1.00 21.55 ? 56   ALA A O   1 
ATOM   378  C  CB  . ALA A 1 56  ? 9.076   8.205   -12.126 1.00 25.40 ? 56   ALA A CB  1 
ATOM   379  N  N   . GLN A 1 57  ? 8.418   8.013   -9.035  1.00 22.37 ? 57   GLN A N   1 
ATOM   380  C  CA  . GLN A 1 57  ? 8.771   8.040   -7.620  1.00 23.26 ? 57   GLN A CA  1 
ATOM   381  C  C   . GLN A 1 57  ? 8.323   6.750   -6.940  1.00 22.43 ? 57   GLN A C   1 
ATOM   382  O  O   . GLN A 1 57  ? 9.096   6.094   -6.257  1.00 22.04 ? 57   GLN A O   1 
ATOM   383  C  CB  . GLN A 1 57  ? 8.122   9.261   -6.980  1.00 24.85 ? 57   GLN A CB  1 
ATOM   384  C  CG  . GLN A 1 57  ? 8.394   9.441   -5.501  1.00 25.43 ? 57   GLN A CG  1 
ATOM   385  C  CD  . GLN A 1 57  ? 9.861   9.534   -5.159  1.00 28.25 ? 57   GLN A CD  1 
ATOM   386  O  OE1 . GLN A 1 57  ? 10.357  10.613  -4.990  1.00 32.52 ? 57   GLN A OE1 1 
ATOM   387  N  NE2 . GLN A 1 57  ? 10.557  8.390   -5.037  1.00 30.67 ? 57   GLN A NE2 1 
ATOM   388  N  N   . LEU A 1 58  ? 7.096   6.332   -7.222  1.00 22.03 ? 58   LEU A N   1 
ATOM   389  C  CA  . LEU A 1 58  ? 6.597   5.085   -6.731  1.00 22.71 ? 58   LEU A CA  1 
ATOM   390  C  C   . LEU A 1 58  ? 7.503   3.933   -7.125  1.00 23.88 ? 58   LEU A C   1 
ATOM   391  O  O   . LEU A 1 58  ? 7.874   3.097   -6.281  1.00 21.40 ? 58   LEU A O   1 
ATOM   392  C  CB  . LEU A 1 58  ? 5.167   4.859   -7.222  1.00 23.94 ? 58   LEU A CB  1 
ATOM   393  C  CG  . LEU A 1 58  ? 4.167   5.855   -6.644  1.00 25.08 ? 58   LEU A CG  1 
ATOM   394  C  CD1 . LEU A 1 58  ? 2.755   5.583   -7.160  1.00 30.97 ? 58   LEU A CD1 1 
ATOM   395  C  CD2 . LEU A 1 58  ? 4.174   5.809   -5.124  1.00 25.22 ? 58   LEU A CD2 1 
ATOM   396  N  N   . LEU A 1 59  ? 7.851   3.885   -8.412  1.00 22.54 ? 59   LEU A N   1 
ATOM   397  C  CA  . LEU A 1 59  ? 8.674   2.826   -8.957  1.00 24.01 ? 59   LEU A CA  1 
ATOM   398  C  C   . LEU A 1 59  ? 10.035  2.805   -8.262  1.00 25.18 ? 59   LEU A C   1 
ATOM   399  O  O   . LEU A 1 59  ? 10.576  1.749   -7.982  1.00 21.97 ? 59   LEU A O   1 
ATOM   400  C  CB  . LEU A 1 59  ? 8.880   3.026   -10.464 1.00 24.34 ? 59   LEU A CB  1 
ATOM   401  C  CG  . LEU A 1 59  ? 7.648   2.851   -11.366 1.00 26.39 ? 59   LEU A CG  1 
ATOM   402  C  CD1 . LEU A 1 59  ? 8.011   2.911   -12.840 1.00 27.80 ? 59   LEU A CD1 1 
ATOM   403  C  CD2 . LEU A 1 59  ? 6.962   1.533   -11.092 1.00 28.53 ? 59   LEU A CD2 1 
ATOM   404  N  N   . ASP A 1 60  ? 10.570  3.986   -7.968  1.00 26.10 ? 60   ASP A N   1 
ATOM   405  C  CA  . ASP A 1 60  ? 11.873  4.055   -7.305  1.00 25.45 ? 60   ASP A CA  1 
ATOM   406  C  C   . ASP A 1 60  ? 11.797  3.471   -5.879  1.00 24.35 ? 60   ASP A C   1 
ATOM   407  O  O   . ASP A 1 60  ? 12.650  2.695   -5.493  1.00 23.37 ? 60   ASP A O   1 
ATOM   408  C  CB  . ASP A 1 60  ? 12.426  5.471   -7.287  1.00 27.75 ? 60   ASP A CB  1 
ATOM   409  C  CG  . ASP A 1 60  ? 13.817  5.534   -6.605  1.00 30.93 ? 60   ASP A CG  1 
ATOM   410  O  OD1 . ASP A 1 60  ? 14.761  4.909   -7.064  1.00 34.86 ? 60   ASP A OD1 1 
ATOM   411  O  OD2 . ASP A 1 60  ? 13.927  6.163   -5.579  1.00 36.74 ? 60   ASP A OD2 1 
ATOM   412  N  N   . TRP A 1 61  ? 10.766  3.828   -5.123  1.00 24.11 ? 61   TRP A N   1 
ATOM   413  C  CA  . TRP A 1 61  ? 10.519  3.220   -3.821  1.00 24.27 ? 61   TRP A CA  1 
ATOM   414  C  C   . TRP A 1 61  ? 10.371  1.718   -3.899  1.00 23.30 ? 61   TRP A C   1 
ATOM   415  O  O   . TRP A 1 61  ? 10.910  1.001   -3.060  1.00 21.71 ? 61   TRP A O   1 
ATOM   416  C  CB  . TRP A 1 61  ? 9.306   3.865   -3.087  1.00 22.57 ? 61   TRP A CB  1 
ATOM   417  C  CG  . TRP A 1 61  ? 9.530   5.313   -2.737  1.00 23.52 ? 61   TRP A CG  1 
ATOM   418  C  CD1 . TRP A 1 61  ? 10.735  5.884   -2.394  1.00 25.20 ? 61   TRP A CD1 1 
ATOM   419  C  CD2 . TRP A 1 61  ? 8.544   6.346   -2.587  1.00 22.39 ? 61   TRP A CD2 1 
ATOM   420  N  NE1 . TRP A 1 61  ? 10.556  7.204   -2.105  1.00 26.43 ? 61   TRP A NE1 1 
ATOM   421  C  CE2 . TRP A 1 61  ? 9.229   7.524   -2.204  1.00 24.44 ? 61   TRP A CE2 1 
ATOM   422  C  CE3 . TRP A 1 61  ? 7.161   6.401   -2.765  1.00 24.98 ? 61   TRP A CE3 1 
ATOM   423  C  CZ2 . TRP A 1 61  ? 8.572   8.775   -2.023  1.00 25.27 ? 61   TRP A CZ2 1 
ATOM   424  C  CZ3 . TRP A 1 61  ? 6.507   7.614   -2.569  1.00 24.40 ? 61   TRP A CZ3 1 
ATOM   425  C  CH2 . TRP A 1 61  ? 7.213   8.789   -2.194  1.00 25.69 ? 61   TRP A CH2 1 
ATOM   426  N  N   . ILE A 1 62  ? 9.646   1.219   -4.896  1.00 23.88 ? 62   ILE A N   1 
ATOM   427  C  CA  . ILE A 1 62  ? 9.484   -0.228  -5.024  1.00 23.26 ? 62   ILE A CA  1 
ATOM   428  C  C   . ILE A 1 62  ? 10.815  -0.878  -5.371  1.00 24.16 ? 62   ILE A C   1 
ATOM   429  O  O   . ILE A 1 62  ? 11.132  -1.969  -4.888  1.00 23.49 ? 62   ILE A O   1 
ATOM   430  C  CB  . ILE A 1 62  ? 8.426   -0.613  -6.092  1.00 25.76 ? 62   ILE A CB  1 
ATOM   431  C  CG1 . ILE A 1 62  ? 7.070   0.030   -5.757  1.00 28.01 ? 62   ILE A CG1 1 
ATOM   432  C  CG2 . ILE A 1 62  ? 8.313   -2.136  -6.223  1.00 26.47 ? 62   ILE A CG2 1 
ATOM   433  C  CD1 . ILE A 1 62  ? 6.406   -0.627  -4.572  1.00 31.63 ? 62   ILE A CD1 1 
ATOM   434  N  N   . HIS A 1 63  ? 11.584  -0.237  -6.244  1.00 24.29 ? 63   HIS A N   1 
ATOM   435  C  CA  . HIS A 1 63  ? 12.875  -0.776  -6.596  1.00 25.86 ? 63   HIS A CA  1 
ATOM   436  C  C   . HIS A 1 63  ? 13.720  -0.905  -5.323  1.00 25.87 ? 63   HIS A C   1 
ATOM   437  O  O   . HIS A 1 63  ? 14.396  -1.920  -5.122  1.00 23.32 ? 63   HIS A O   1 
ATOM   438  C  CB  . HIS A 1 63  ? 13.626  0.130   -7.550  1.00 27.74 ? 63   HIS A CB  1 
ATOM   439  C  CG  . HIS A 1 63  ? 12.973  0.330   -8.879  1.00 27.92 ? 63   HIS A CG  1 
ATOM   440  N  ND1 . HIS A 1 63  ? 12.238  -0.649  -9.522  1.00 31.05 ? 63   HIS A ND1 1 
ATOM   441  C  CD2 . HIS A 1 63  ? 13.055  1.366   -9.749  1.00 28.11 ? 63   HIS A CD2 1 
ATOM   442  C  CE1 . HIS A 1 63  ? 11.849  -0.198  -10.701 1.00 28.53 ? 63   HIS A CE1 1 
ATOM   443  N  NE2 . HIS A 1 63  ? 12.343  1.016   -10.868 1.00 30.75 ? 63   HIS A NE2 1 
ATOM   444  N  N   . GLN A 1 64  ? 13.697  0.115   -4.479  1.00 26.32 ? 64   GLN A N   1 
ATOM   445  C  CA  . GLN A 1 64  ? 14.514  0.067   -3.259  1.00 28.61 ? 64   GLN A CA  1 
ATOM   446  C  C   . GLN A 1 64  ? 14.032  -1.034  -2.295  1.00 29.28 ? 64   GLN A C   1 
ATOM   447  O  O   . GLN A 1 64  ? 14.855  -1.701  -1.667  1.00 27.86 ? 64   GLN A O   1 
ATOM   448  C  CB  . GLN A 1 64  ? 14.500  1.402   -2.532  1.00 31.29 ? 64   GLN A CB  1 
ATOM   449  C  CG  . GLN A 1 64  ? 15.164  2.564   -3.251  1.00 34.76 ? 64   GLN A CG  1 
ATOM   450  C  CD  . GLN A 1 64  ? 15.024  3.827   -2.422  1.00 39.19 ? 64   GLN A CD  1 
ATOM   451  O  OE1 . GLN A 1 64  ? 15.240  3.803   -1.215  1.00 42.10 ? 64   GLN A OE1 1 
ATOM   452  N  NE2 . GLN A 1 64  ? 14.601  4.917   -3.048  1.00 40.80 ? 64   GLN A NE2 1 
ATOM   453  N  N   . ALA A 1 65  ? 12.716  -1.220  -2.154  1.00 27.05 ? 65   ALA A N   1 
ATOM   454  C  CA  . ALA A 1 65  ? 12.211  -2.366  -1.347  1.00 27.80 ? 65   ALA A CA  1 
ATOM   455  C  C   . ALA A 1 65  ? 12.638  -3.718  -1.940  1.00 28.61 ? 65   ALA A C   1 
ATOM   456  O  O   . ALA A 1 65  ? 12.893  -4.678  -1.218  1.00 28.56 ? 65   ALA A O   1 
ATOM   457  C  CB  . ALA A 1 65  ? 10.697  -2.310  -1.189  1.00 27.83 ? 65   ALA A CB  1 
ATOM   458  N  N   . ALA A 1 66  ? 12.692  -3.809  -3.268  1.00 27.38 ? 66   ALA A N   1 
ATOM   459  C  CA  . ALA A 1 66  ? 13.139  -5.016  -3.895  1.00 27.05 ? 66   ALA A CA  1 
ATOM   460  C  C   . ALA A 1 66  ? 14.612  -5.261  -3.578  1.00 29.17 ? 66   ALA A C   1 
ATOM   461  O  O   . ALA A 1 66  ? 14.968  -6.358  -3.179  1.00 27.56 ? 66   ALA A O   1 
ATOM   462  C  CB  . ALA A 1 66  ? 12.928  -4.958  -5.400  1.00 28.22 ? 66   ALA A CB  1 
ATOM   463  N  N   . ASP A 1 67  ? 15.444  -4.227  -3.685  1.00 27.90 ? 67   ASP A N   1 
ATOM   464  C  CA  . ASP A 1 67  ? 16.856  -4.384  -3.374  1.00 31.21 ? 67   ASP A CA  1 
ATOM   465  C  C   . ASP A 1 67  ? 17.049  -4.724  -1.903  1.00 34.49 ? 67   ASP A C   1 
ATOM   466  O  O   . ASP A 1 67  ? 17.923  -5.475  -1.570  1.00 33.49 ? 67   ASP A O   1 
ATOM   467  C  CB  . ASP A 1 67  ? 17.645  -3.134  -3.719  1.00 32.19 ? 67   ASP A CB  1 
ATOM   468  C  CG  . ASP A 1 67  ? 17.852  -2.978  -5.212  1.00 34.73 ? 67   ASP A CG  1 
ATOM   469  O  OD1 . ASP A 1 67  ? 17.694  -3.975  -5.932  1.00 34.94 ? 67   ASP A OD1 1 
ATOM   470  O  OD2 . ASP A 1 67  ? 18.154  -1.865  -5.651  1.00 38.42 ? 67   ASP A OD2 1 
ATOM   471  N  N   . ALA A 1 68  ? 16.222  -4.176  -1.029  1.00 34.43 ? 68   ALA A N   1 
ATOM   472  C  CA  . ALA A 1 68  ? 16.408  -4.375  0.385   1.00 35.17 ? 68   ALA A CA  1 
ATOM   473  C  C   . ALA A 1 68  ? 15.666  -5.626  0.892   1.00 34.38 ? 68   ALA A C   1 
ATOM   474  O  O   . ALA A 1 68  ? 15.788  -5.965  2.061   1.00 33.89 ? 68   ALA A O   1 
ATOM   475  C  CB  . ALA A 1 68  ? 15.953  -3.117  1.141   1.00 34.83 ? 68   ALA A CB  1 
ATOM   476  N  N   . ALA A 1 69  ? 14.913  -6.302  0.023   1.00 31.25 ? 69   ALA A N   1 
ATOM   477  C  CA  . ALA A 1 69  ? 14.035  -7.399  0.406   1.00 30.49 ? 69   ALA A CA  1 
ATOM   478  C  C   . ALA A 1 69  ? 13.151  -7.014  1.584   1.00 29.80 ? 69   ALA A C   1 
ATOM   479  O  O   . ALA A 1 69  ? 12.961  -7.796  2.510   1.00 28.85 ? 69   ALA A O   1 
ATOM   480  C  CB  . ALA A 1 69  ? 14.823  -8.679  0.711   1.00 29.95 ? 69   ALA A CB  1 
ATOM   481  N  N   . GLU A 1 70  ? 12.584  -5.806  1.521   1.00 28.60 ? 70   GLU A N   1 
ATOM   482  C  CA  . GLU A 1 70  ? 11.638  -5.346  2.502   1.00 29.71 ? 70   GLU A CA  1 
ATOM   483  C  C   . GLU A 1 70  ? 10.185  -5.532  1.991   1.00 31.86 ? 70   GLU A C   1 
ATOM   484  O  O   . GLU A 1 70  ? 9.904   -5.355  0.795   1.00 31.64 ? 70   GLU A O   1 
ATOM   485  C  CB  . GLU A 1 70  ? 11.883  -3.879  2.814   1.00 30.67 ? 70   GLU A CB  1 
ATOM   486  C  CG  . GLU A 1 70  ? 13.145  -3.620  3.635   1.00 31.13 ? 70   GLU A CG  1 
ATOM   487  C  CD  . GLU A 1 70  ? 13.540  -2.154  3.666   1.00 33.99 ? 70   GLU A CD  1 
ATOM   488  O  OE1 . GLU A 1 70  ? 12.866  -1.332  3.003   1.00 34.51 ? 70   GLU A OE1 1 
ATOM   489  O  OE2 . GLU A 1 70  ? 14.530  -1.806  4.365   1.00 39.41 ? 70   GLU A OE2 1 
ATOM   490  N  N   . PRO A 1 71  ? 9.273   -5.849  2.899   1.00 30.27 ? 71   PRO A N   1 
ATOM   491  C  CA  . PRO A 1 71  ? 7.879   -5.946  2.497   1.00 30.51 ? 71   PRO A CA  1 
ATOM   492  C  C   . PRO A 1 71  ? 7.263   -4.577  2.216   1.00 26.87 ? 71   PRO A C   1 
ATOM   493  O  O   . PRO A 1 71  ? 7.672   -3.540  2.781   1.00 26.83 ? 71   PRO A O   1 
ATOM   494  C  CB  . PRO A 1 71  ? 7.191   -6.612  3.694   1.00 31.01 ? 71   PRO A CB  1 
ATOM   495  C  CG  . PRO A 1 71  ? 8.139   -6.570  4.805   1.00 32.34 ? 71   PRO A CG  1 
ATOM   496  C  CD  . PRO A 1 71  ? 9.506   -6.346  4.267   1.00 32.94 ? 71   PRO A CD  1 
ATOM   497  N  N   . VAL A 1 72  ? 6.259   -4.602  1.364   1.00 25.46 ? 72   VAL A N   1 
ATOM   498  C  CA  . VAL A 1 72  ? 5.537   -3.416  0.929   1.00 24.75 ? 72   VAL A CA  1 
ATOM   499  C  C   . VAL A 1 72  ? 4.032   -3.618  1.112   1.00 26.07 ? 72   VAL A C   1 
ATOM   500  O  O   . VAL A 1 72  ? 3.506   -4.675  0.769   1.00 25.72 ? 72   VAL A O   1 
ATOM   501  C  CB  . VAL A 1 72  ? 5.830   -3.155  -0.545  1.00 24.07 ? 72   VAL A CB  1 
ATOM   502  C  CG1 . VAL A 1 72  ? 4.941   -2.037  -1.103  1.00 24.05 ? 72   VAL A CG1 1 
ATOM   503  C  CG2 . VAL A 1 72  ? 7.315   -2.862  -0.730  1.00 24.54 ? 72   VAL A CG2 1 
ATOM   504  N  N   . ILE A 1 73  ? 3.390   -2.606  1.692   1.00 23.82 ? 73   ILE A N   1 
ATOM   505  C  CA  . ILE A 1 73  ? 1.944   -2.402  1.711   1.00 24.48 ? 73   ILE A CA  1 
ATOM   506  C  C   . ILE A 1 73  ? 1.709   -1.265  0.742   1.00 24.79 ? 73   ILE A C   1 
ATOM   507  O  O   . ILE A 1 73  ? 2.282   -0.155  0.907   1.00 24.03 ? 73   ILE A O   1 
ATOM   508  C  CB  . ILE A 1 73  ? 1.449   -2.017  3.130   1.00 24.39 ? 73   ILE A CB  1 
ATOM   509  C  CG1 . ILE A 1 73  ? 1.794   -3.137  4.109   1.00 25.41 ? 73   ILE A CG1 1 
ATOM   510  C  CG2 . ILE A 1 73  ? -0.027  -1.652  3.144   1.00 26.19 ? 73   ILE A CG2 1 
ATOM   511  C  CD1 . ILE A 1 73  ? 1.485   -2.834  5.567   1.00 26.75 ? 73   ILE A CD1 1 
ATOM   512  N  N   . LEU A 1 74  ? 0.962   -1.557  -0.323  1.00 22.29 ? 74   LEU A N   1 
ATOM   513  C  CA  . LEU A 1 74  ? 0.817   -0.606  -1.397  1.00 23.43 ? 74   LEU A CA  1 
ATOM   514  C  C   . LEU A 1 74  ? -0.619  -0.316  -1.667  1.00 22.59 ? 74   LEU A C   1 
ATOM   515  O  O   . LEU A 1 74  ? -1.421  -1.235  -1.913  1.00 20.27 ? 74   LEU A O   1 
ATOM   516  C  CB  . LEU A 1 74  ? 1.445   -1.133  -2.671  1.00 23.26 ? 74   LEU A CB  1 
ATOM   517  C  CG  . LEU A 1 74  ? 1.292   -0.367  -3.994  1.00 22.91 ? 74   LEU A CG  1 
ATOM   518  C  CD1 . LEU A 1 74  ? 1.941   1.016   -4.005  1.00 22.52 ? 74   LEU A CD1 1 
ATOM   519  C  CD2 . LEU A 1 74  ? 1.917   -1.211  -5.108  1.00 24.07 ? 74   LEU A CD2 1 
ATOM   520  N  N   . ASN A 1 75  ? -0.931  0.965   -1.616  1.00 21.49 ? 75   ASN A N   1 
ATOM   521  C  CA  . ASN A 1 75  ? -2.193  1.449   -2.084  1.00 22.69 ? 75   ASN A CA  1 
ATOM   522  C  C   . ASN A 1 75  ? -1.854  2.371   -3.235  1.00 24.03 ? 75   ASN A C   1 
ATOM   523  O  O   . ASN A 1 75  ? -1.494  3.536   -3.048  1.00 22.45 ? 75   ASN A O   1 
ATOM   524  C  CB  . ASN A 1 75  ? -2.950  2.202   -1.005  1.00 22.51 ? 75   ASN A CB  1 
ATOM   525  C  CG  . ASN A 1 75  ? -4.283  2.695   -1.503  1.00 24.07 ? 75   ASN A CG  1 
ATOM   526  O  OD1 . ASN A 1 75  ? -4.566  2.665   -2.711  1.00 24.44 ? 75   ASN A OD1 1 
ATOM   527  N  ND2 . ASN A 1 75  ? -5.107  3.168   -0.588  1.00 24.18 ? 75   ASN A ND2 1 
ATOM   528  N  N   . ALA A 1 76  ? -2.000  1.845   -4.444  1.00 24.45 ? 76   ALA A N   1 
ATOM   529  C  CA  . ALA A 1 76  ? -1.553  2.544   -5.635  1.00 23.20 ? 76   ALA A CA  1 
ATOM   530  C  C   . ALA A 1 76  ? -2.539  3.569   -6.178  1.00 23.96 ? 76   ALA A C   1 
ATOM   531  O  O   . ALA A 1 76  ? -2.271  4.151   -7.231  1.00 24.48 ? 76   ALA A O   1 
ATOM   532  C  CB  . ALA A 1 76  ? -1.256  1.530   -6.717  1.00 24.04 ? 76   ALA A CB  1 
ATOM   533  N  N   . GLY A 1 77  ? -3.691  3.750   -5.533  1.00 23.34 ? 77   GLY A N   1 
ATOM   534  C  CA  . GLY A 1 77  ? -4.738  4.589   -6.111  1.00 24.21 ? 77   GLY A CA  1 
ATOM   535  C  C   . GLY A 1 77  ? -5.132  4.172   -7.539  1.00 23.10 ? 77   GLY A C   1 
ATOM   536  O  O   . GLY A 1 77  ? -5.237  2.974   -7.832  1.00 22.17 ? 77   GLY A O   1 
ATOM   537  N  N   . GLY A 1 78  ? -5.359  5.146   -8.422  1.00 23.83 ? 78   GLY A N   1 
ATOM   538  C  CA  . GLY A 1 78  ? -5.888  4.842   -9.747  1.00 23.89 ? 78   GLY A CA  1 
ATOM   539  C  C   . GLY A 1 78  ? -4.940  3.957   -10.532 1.00 24.11 ? 78   GLY A C   1 
ATOM   540  O  O   . GLY A 1 78  ? -5.372  3.285   -11.462 1.00 25.12 ? 78   GLY A O   1 
ATOM   541  N  N   . LEU A 1 79  ? -3.642  3.985   -10.185 1.00 23.43 ? 79   LEU A N   1 
ATOM   542  C  CA  . LEU A 1 79  ? -2.632  3.244   -10.961 1.00 24.21 ? 79   LEU A CA  1 
ATOM   543  C  C   . LEU A 1 79  ? -2.845  1.769   -10.787 1.00 24.35 ? 79   LEU A C   1 
ATOM   544  O  O   . LEU A 1 79  ? -2.330  0.955   -11.574 1.00 21.75 ? 79   LEU A O   1 
ATOM   545  C  CB  . LEU A 1 79  ? -1.228  3.552   -10.490 1.00 22.09 ? 79   LEU A CB  1 
ATOM   546  C  CG  . LEU A 1 79  ? -0.813  4.988   -10.646 1.00 21.82 ? 79   LEU A CG  1 
ATOM   547  C  CD1 . LEU A 1 79  ? 0.597   5.137   -10.113 1.00 22.69 ? 79   LEU A CD1 1 
ATOM   548  C  CD2 . LEU A 1 79  ? -0.886  5.424   -12.090 1.00 22.37 ? 79   LEU A CD2 1 
ATOM   549  N  N   . THR A 1 80  ? -3.535  1.427   -9.697  1.00 24.65 ? 80   THR A N   1 
ATOM   550  C  CA  . THR A 1 80  ? -3.971  0.028   -9.464  1.00 25.24 ? 80   THR A CA  1 
ATOM   551  C  C   . THR A 1 80  ? -4.549  -0.557  -10.735 1.00 22.51 ? 80   THR A C   1 
ATOM   552  O  O   . THR A 1 80  ? -4.277  -1.725  -11.107 1.00 22.16 ? 80   THR A O   1 
ATOM   553  C  CB  . THR A 1 80  ? -5.010  -0.043  -8.332  1.00 24.82 ? 80   THR A CB  1 
ATOM   554  O  OG1 . THR A 1 80  ? -4.476  0.586   -7.158  1.00 25.75 ? 80   THR A OG1 1 
ATOM   555  C  CG2 . THR A 1 80  ? -5.323  -1.491  -8.005  1.00 28.28 ? 80   THR A CG2 1 
ATOM   556  N  N   . HIS A 1 81  ? -5.361  0.253   -11.411 1.00 22.42 ? 81   HIS A N   1 
ATOM   557  C  CA  . HIS A 1 81  ? -6.201  -0.261  -12.476 1.00 22.85 ? 81   HIS A CA  1 
ATOM   558  C  C   . HIS A 1 81  ? -5.581  -0.066  -13.846 1.00 24.10 ? 81   HIS A C   1 
ATOM   559  O  O   . HIS A 1 81  ? -6.154  -0.540  -14.812 1.00 25.37 ? 81   HIS A O   1 
ATOM   560  C  CB  . HIS A 1 81  ? -7.578  0.419   -12.452 1.00 24.73 ? 81   HIS A CB  1 
ATOM   561  C  CG  . HIS A 1 81  ? -8.148  0.553   -11.084 1.00 24.71 ? 81   HIS A CG  1 
ATOM   562  N  ND1 . HIS A 1 81  ? -8.480  -0.537  -10.311 1.00 25.04 ? 81   HIS A ND1 1 
ATOM   563  C  CD2 . HIS A 1 81  ? -8.384  1.648   -10.320 1.00 24.49 ? 81   HIS A CD2 1 
ATOM   564  C  CE1 . HIS A 1 81  ? -8.903  -0.117  -9.131  1.00 24.81 ? 81   HIS A CE1 1 
ATOM   565  N  NE2 . HIS A 1 81  ? -8.863  1.206   -9.114  1.00 25.05 ? 81   HIS A NE2 1 
ATOM   566  N  N   . THR A 1 82  ? -4.424  0.600   -13.920 1.00 23.34 ? 82   THR A N   1 
ATOM   567  C  CA  . THR A 1 82  ? -3.891  1.104   -15.175 1.00 23.39 ? 82   THR A CA  1 
ATOM   568  C  C   . THR A 1 82  ? -2.434  0.790   -15.413 1.00 24.17 ? 82   THR A C   1 
ATOM   569  O  O   . THR A 1 82  ? -2.031  0.714   -16.556 1.00 25.50 ? 82   THR A O   1 
ATOM   570  C  CB  . THR A 1 82  ? -4.081  2.630   -15.277 1.00 22.77 ? 82   THR A CB  1 
ATOM   571  O  OG1 . THR A 1 82  ? -3.302  3.296   -14.274 1.00 22.33 ? 82   THR A OG1 1 
ATOM   572  C  CG2 . THR A 1 82  ? -5.540  2.975   -15.122 1.00 23.74 ? 82   THR A CG2 1 
ATOM   573  N  N   . SER A 1 83  ? -1.621  0.637   -14.365 1.00 21.91 ? 83   SER A N   1 
ATOM   574  C  CA  . SER A 1 83  ? -0.159  0.658   -14.560 1.00 23.08 ? 83   SER A CA  1 
ATOM   575  C  C   . SER A 1 83  ? 0.492   -0.736  -14.611 1.00 25.14 ? 83   SER A C   1 
ATOM   576  O  O   . SER A 1 83  ? 0.674   -1.424  -13.571 1.00 25.12 ? 83   SER A O   1 
ATOM   577  C  CB  . SER A 1 83  ? 0.540   1.532   -13.509 1.00 22.86 ? 83   SER A CB  1 
ATOM   578  O  OG  . SER A 1 83  ? 1.913   1.486   -13.761 1.00 23.07 ? 83   SER A OG  1 
ATOM   579  N  N   . VAL A 1 84  ? 0.847   -1.143  -15.820 1.00 22.90 ? 84   VAL A N   1 
ATOM   580  C  CA  . VAL A 1 84  ? 1.650   -2.357  -16.000 1.00 22.97 ? 84   VAL A CA  1 
ATOM   581  C  C   . VAL A 1 84  ? 3.061   -2.121  -15.448 1.00 23.06 ? 84   VAL A C   1 
ATOM   582  O  O   . VAL A 1 84  ? 3.644   -2.987  -14.827 1.00 23.03 ? 84   VAL A O   1 
ATOM   583  C  CB  . VAL A 1 84  ? 1.677   -2.796  -17.469 1.00 22.70 ? 84   VAL A CB  1 
ATOM   584  C  CG1 . VAL A 1 84  ? 2.662   -3.955  -17.674 1.00 23.82 ? 84   VAL A CG1 1 
ATOM   585  C  CG2 . VAL A 1 84  ? 0.266   -3.166  -17.897 1.00 22.27 ? 84   VAL A CG2 1 
ATOM   586  N  N   . ALA A 1 85  ? 3.604   -0.941  -15.678 1.00 25.01 ? 85   ALA A N   1 
ATOM   587  C  CA  . ALA A 1 85  ? 4.928   -0.585  -15.142 1.00 24.15 ? 85   ALA A CA  1 
ATOM   588  C  C   . ALA A 1 85  ? 5.028   -0.805  -13.621 1.00 23.10 ? 85   ALA A C   1 
ATOM   589  O  O   . ALA A 1 85  ? 6.020   -1.364  -13.100 1.00 24.15 ? 85   ALA A O   1 
ATOM   590  C  CB  . ALA A 1 85  ? 5.247   0.870   -15.496 1.00 24.33 ? 85   ALA A CB  1 
ATOM   591  N  N   . LEU A 1 86  ? 4.012   -0.352  -12.905 1.00 21.94 ? 86   LEU A N   1 
ATOM   592  C  CA  . LEU A 1 86  ? 3.999   -0.522  -11.465 1.00 21.99 ? 86   LEU A CA  1 
ATOM   593  C  C   . LEU A 1 86  ? 3.942   -2.013  -11.118 1.00 23.65 ? 86   LEU A C   1 
ATOM   594  O  O   . LEU A 1 86  ? 4.706   -2.510  -10.269 1.00 22.86 ? 86   LEU A O   1 
ATOM   595  C  CB  . LEU A 1 86  ? 2.832   0.233   -10.860 1.00 24.09 ? 86   LEU A CB  1 
ATOM   596  C  CG  . LEU A 1 86  ? 2.732   0.240   -9.325  1.00 25.72 ? 86   LEU A CG  1 
ATOM   597  C  CD1 . LEU A 1 86  ? 4.016   0.758   -8.707  1.00 25.91 ? 86   LEU A CD1 1 
ATOM   598  C  CD2 . LEU A 1 86  ? 1.522   1.070   -8.961  1.00 26.74 ? 86   LEU A CD2 1 
ATOM   599  N  N   . ARG A 1 87  ? 3.048   -2.752  -11.785 1.00 22.60 ? 87   ARG A N   1 
ATOM   600  C  CA  . ARG A 1 87  ? 2.989   -4.175  -11.584 1.00 21.78 ? 87   ARG A CA  1 
ATOM   601  C  C   . ARG A 1 87  ? 4.365   -4.814  -11.755 1.00 24.13 ? 87   ARG A C   1 
ATOM   602  O  O   . ARG A 1 87  ? 4.770   -5.653  -10.952 1.00 26.84 ? 87   ARG A O   1 
ATOM   603  C  CB  . ARG A 1 87  ? 2.005   -4.784  -12.550 1.00 23.39 ? 87   ARG A CB  1 
ATOM   604  C  CG  . ARG A 1 87  ? 2.012   -6.295  -12.547 1.00 22.60 ? 87   ARG A CG  1 
ATOM   605  C  CD  . ARG A 1 87  ? 1.299   -6.767  -13.769 1.00 26.48 ? 87   ARG A CD  1 
ATOM   606  N  NE  . ARG A 1 87  ? 1.271   -8.228  -13.938 1.00 28.24 ? 87   ARG A NE  1 
ATOM   607  C  CZ  . ARG A 1 87  ? 0.177   -8.990  -13.825 1.00 27.92 ? 87   ARG A CZ  1 
ATOM   608  N  NH1 . ARG A 1 87  ? -0.978  -8.477  -13.440 1.00 27.05 ? 87   ARG A NH1 1 
ATOM   609  N  NH2 . ARG A 1 87  ? 0.250   -10.298 -14.079 1.00 29.44 ? 87   ARG A NH2 1 
ATOM   610  N  N   . ASP A 1 88  ? 5.052   -4.493  -12.841 1.00 23.30 ? 88   ASP A N   1 
ATOM   611  C  CA  . ASP A 1 88  ? 6.323   -5.146  -13.105 1.00 27.32 ? 88   ASP A CA  1 
ATOM   612  C  C   . ASP A 1 88  ? 7.391   -4.804  -12.044 1.00 27.10 ? 88   ASP A C   1 
ATOM   613  O  O   . ASP A 1 88  ? 8.232   -5.622  -11.735 1.00 26.84 ? 88   ASP A O   1 
ATOM   614  C  CB  . ASP A 1 88  ? 6.806   -4.803  -14.504 1.00 28.57 ? 88   ASP A CB  1 
ATOM   615  C  CG  . ASP A 1 88  ? 5.932   -5.442  -15.599 1.00 29.31 ? 88   ASP A CG  1 
ATOM   616  O  OD1 . ASP A 1 88  ? 5.144   -6.358  -15.292 1.00 32.71 ? 88   ASP A OD1 1 
ATOM   617  O  OD2 . ASP A 1 88  ? 6.034   -4.999  -16.756 1.00 32.37 ? 88   ASP A OD2 1 
ATOM   618  N  N   . ALA A 1 89  ? 7.335   -3.603  -11.480 1.00 25.23 ? 89   ALA A N   1 
ATOM   619  C  CA  . ALA A 1 89  ? 8.246   -3.279  -10.413 1.00 26.54 ? 89   ALA A CA  1 
ATOM   620  C  C   . ALA A 1 89  ? 7.920   -4.097  -9.183  1.00 27.02 ? 89   ALA A C   1 
ATOM   621  O  O   . ALA A 1 89  ? 8.813   -4.574  -8.506  1.00 25.26 ? 89   ALA A O   1 
ATOM   622  C  CB  . ALA A 1 89  ? 8.191   -1.810  -10.094 1.00 26.39 ? 89   ALA A CB  1 
ATOM   623  N  N   . CYS A 1 90  ? 6.629   -4.234  -8.878  1.00 25.75 ? 90   CYS A N   1 
ATOM   624  C  CA  . CYS A 1 90  ? 6.216   -4.958  -7.708  1.00 24.03 ? 90   CYS A CA  1 
ATOM   625  C  C   . CYS A 1 90  ? 6.461   -6.425  -7.871  1.00 26.03 ? 90   CYS A C   1 
ATOM   626  O  O   . CYS A 1 90  ? 6.615   -7.111  -6.881  1.00 23.85 ? 90   CYS A O   1 
ATOM   627  C  CB  . CYS A 1 90  ? 4.738   -4.793  -7.463  1.00 24.95 ? 90   CYS A CB  1 
ATOM   628  S  SG  . CYS A 1 90  ? 4.320   -3.147  -6.983  1.00 26.00 ? 90   CYS A SG  1 
ATOM   629  N  N   . ALA A 1 91  ? 6.406   -6.916  -9.105  1.00 25.49 ? 91   ALA A N   1 
ATOM   630  C  CA  . ALA A 1 91  ? 6.649   -8.353  -9.368  1.00 28.29 ? 91   ALA A CA  1 
ATOM   631  C  C   . ALA A 1 91  ? 8.069   -8.792  -8.972  1.00 31.66 ? 91   ALA A C   1 
ATOM   632  O  O   . ALA A 1 91  ? 8.297   -9.968  -8.709  1.00 28.78 ? 91   ALA A O   1 
ATOM   633  C  CB  . ALA A 1 91  ? 6.401   -8.679  -10.827 1.00 28.04 ? 91   ALA A CB  1 
ATOM   634  N  N   . GLU A 1 92  ? 8.997   -7.825  -8.937  1.00 31.60 ? 92   GLU A N   1 
ATOM   635  C  CA  . GLU A 1 92  ? 10.359  -8.013  -8.437  1.00 34.82 ? 92   GLU A CA  1 
ATOM   636  C  C   . GLU A 1 92  ? 10.503  -8.185  -6.910  1.00 33.56 ? 92   GLU A C   1 
ATOM   637  O  O   . GLU A 1 92  ? 11.540  -8.609  -6.444  1.00 31.65 ? 92   GLU A O   1 
ATOM   638  C  CB  . GLU A 1 92  ? 11.189  -6.779  -8.767  1.00 37.63 ? 92   GLU A CB  1 
ATOM   639  C  CG  . GLU A 1 92  ? 12.137  -6.852  -9.929  1.00 44.34 ? 92   GLU A CG  1 
ATOM   640  C  CD  . GLU A 1 92  ? 13.268  -5.831  -9.764  1.00 42.73 ? 92   GLU A CD  1 
ATOM   641  O  OE1 . GLU A 1 92  ? 12.972  -4.618  -9.771  1.00 44.04 ? 92   GLU A OE1 1 
ATOM   642  O  OE2 . GLU A 1 92  ? 14.449  -6.235  -9.600  1.00 45.51 ? 92   GLU A OE2 1 
ATOM   643  N  N   . LEU A 1 93  ? 9.531   -7.722  -6.134  1.00 31.52 ? 93   LEU A N   1 
ATOM   644  C  CA  . LEU A 1 93  ? 9.619   -7.830  -4.696  1.00 30.83 ? 93   LEU A CA  1 
ATOM   645  C  C   . LEU A 1 93  ? 9.719   -9.292  -4.303  1.00 32.53 ? 93   LEU A C   1 
ATOM   646  O  O   . LEU A 1 93  ? 8.926   -10.119 -4.756  1.00 32.33 ? 93   LEU A O   1 
ATOM   647  C  CB  . LEU A 1 93  ? 8.393   -7.227  -4.049  1.00 27.13 ? 93   LEU A CB  1 
ATOM   648  C  CG  . LEU A 1 93  ? 8.234   -5.714  -4.271  1.00 27.40 ? 93   LEU A CG  1 
ATOM   649  C  CD1 . LEU A 1 93  ? 6.861   -5.261  -3.784  1.00 25.99 ? 93   LEU A CD1 1 
ATOM   650  C  CD2 . LEU A 1 93  ? 9.359   -4.943  -3.590  1.00 28.07 ? 93   LEU A CD2 1 
ATOM   651  N  N   . SER A 1 94  ? 10.675  -9.611  -3.440  1.00 35.41 ? 94   SER A N   1 
ATOM   652  C  CA  . SER A 1 94  ? 10.813  -10.981 -2.921  1.00 34.70 ? 94   SER A CA  1 
ATOM   653  C  C   . SER A 1 94  ? 10.113  -11.135 -1.573  1.00 33.54 ? 94   SER A C   1 
ATOM   654  O  O   . SER A 1 94  ? 9.661   -12.220 -1.257  1.00 34.76 ? 94   SER A O   1 
ATOM   655  C  CB  . SER A 1 94  ? 12.292  -11.379 -2.818  1.00 37.14 ? 94   SER A CB  1 
ATOM   656  O  OG  . SER A 1 94  ? 12.955  -10.561 -1.866  1.00 36.69 ? 94   SER A OG  1 
ATOM   657  N  N   . ALA A 1 95  ? 10.041  -10.059 -0.782  1.00 32.41 ? 95   ALA A N   1 
ATOM   658  C  CA  . ALA A 1 95  ? 9.221   -10.026 0.419   1.00 30.00 ? 95   ALA A CA  1 
ATOM   659  C  C   . ALA A 1 95  ? 7.747   -9.791  0.074   1.00 28.58 ? 95   ALA A C   1 
ATOM   660  O  O   . ALA A 1 95  ? 7.423   -9.417  -1.057  1.00 28.76 ? 95   ALA A O   1 
ATOM   661  C  CB  . ALA A 1 95  ? 9.714   -8.958  1.377   1.00 31.24 ? 95   ALA A CB  1 
ATOM   662  N  N   . PRO A 1 96  ? 6.857   -9.977  1.056   1.00 29.44 ? 96   PRO A N   1 
ATOM   663  C  CA  . PRO A 1 96  ? 5.443   -9.897  0.761   1.00 28.40 ? 96   PRO A CA  1 
ATOM   664  C  C   . PRO A 1 96  ? 4.984   -8.544  0.315   1.00 27.06 ? 96   PRO A C   1 
ATOM   665  O  O   . PRO A 1 96  ? 5.533   -7.521  0.715   1.00 27.36 ? 96   PRO A O   1 
ATOM   666  C  CB  . PRO A 1 96  ? 4.785   -10.215 2.091   1.00 30.55 ? 96   PRO A CB  1 
ATOM   667  C  CG  . PRO A 1 96  ? 5.745   -11.131 2.761   1.00 33.09 ? 96   PRO A CG  1 
ATOM   668  C  CD  . PRO A 1 96  ? 7.079   -10.501 2.426   1.00 32.20 ? 96   PRO A CD  1 
ATOM   669  N  N   . LEU A 1 97  ? 3.955   -8.564  -0.527  1.00 24.97 ? 97   LEU A N   1 
ATOM   670  C  CA  . LEU A 1 97  ? 3.339   -7.374  -1.060  1.00 24.07 ? 97   LEU A CA  1 
ATOM   671  C  C   . LEU A 1 97  ? 1.880   -7.505  -0.745  1.00 23.20 ? 97   LEU A C   1 
ATOM   672  O  O   . LEU A 1 97  ? 1.213   -8.463  -1.215  1.00 21.95 ? 97   LEU A O   1 
ATOM   673  C  CB  . LEU A 1 97  ? 3.554   -7.295  -2.556  1.00 24.27 ? 97   LEU A CB  1 
ATOM   674  C  CG  . LEU A 1 97  ? 2.702   -6.283  -3.290  1.00 26.14 ? 97   LEU A CG  1 
ATOM   675  C  CD1 . LEU A 1 97  ? 3.094   -4.869  -2.878  1.00 27.04 ? 97   LEU A CD1 1 
ATOM   676  C  CD2 . LEU A 1 97  ? 2.849   -6.536  -4.787  1.00 28.75 ? 97   LEU A CD2 1 
ATOM   677  N  N   . ILE A 1 98  ? 1.394   -6.564  0.053   1.00 24.62 ? 98   ILE A N   1 
ATOM   678  C  CA  . ILE A 1 98  ? -0.035  -6.477  0.387   1.00 24.50 ? 98   ILE A CA  1 
ATOM   679  C  C   . ILE A 1 98  ? -0.590  -5.262  -0.287  1.00 24.39 ? 98   ILE A C   1 
ATOM   680  O  O   . ILE A 1 98  ? -0.134  -4.132  -0.042  1.00 24.07 ? 98   ILE A O   1 
ATOM   681  C  CB  . ILE A 1 98  ? -0.314  -6.380  1.888   1.00 27.00 ? 98   ILE A CB  1 
ATOM   682  C  CG1 . ILE A 1 98  ? 0.577   -7.335  2.734   1.00 28.29 ? 98   ILE A CG1 1 
ATOM   683  C  CG2 . ILE A 1 98  ? -1.789  -6.611  2.155   1.00 27.88 ? 98   ILE A CG2 1 
ATOM   684  C  CD1 . ILE A 1 98  ? 0.429   -8.780  2.430   1.00 33.18 ? 98   ILE A CD1 1 
ATOM   685  N  N   . GLU A 1 99  ? -1.530  -5.506  -1.193  1.00 23.22 ? 99   GLU A N   1 
ATOM   686  C  CA  . GLU A 1 99  ? -2.322  -4.473  -1.815  1.00 23.04 ? 99   GLU A CA  1 
ATOM   687  C  C   . GLU A 1 99  ? -3.467  -4.022  -0.896  1.00 23.51 ? 99   GLU A C   1 
ATOM   688  O  O   . GLU A 1 99  ? -4.219  -4.838  -0.402  1.00 21.56 ? 99   GLU A O   1 
ATOM   689  C  CB  . GLU A 1 99  ? -2.858  -5.024  -3.137  1.00 24.95 ? 99   GLU A CB  1 
ATOM   690  C  CG  . GLU A 1 99  ? -3.748  -4.077  -3.919  1.00 26.77 ? 99   GLU A CG  1 
ATOM   691  C  CD  . GLU A 1 99  ? -4.316  -4.708  -5.205  1.00 27.17 ? 99   GLU A CD  1 
ATOM   692  O  OE1 . GLU A 1 99  ? -4.044  -5.886  -5.465  1.00 27.91 ? 99   GLU A OE1 1 
ATOM   693  O  OE2 . GLU A 1 99  ? -5.060  -4.039  -5.941  1.00 27.85 ? 99   GLU A OE2 1 
ATOM   694  N  N   . VAL A 1 100 ? -3.566  -2.720  -0.668  1.00 23.12 ? 100  VAL A N   1 
ATOM   695  C  CA  . VAL A 1 100 ? -4.571  -2.151  0.197   1.00 25.19 ? 100  VAL A CA  1 
ATOM   696  C  C   . VAL A 1 100 ? -5.373  -1.097  -0.567  1.00 25.19 ? 100  VAL A C   1 
ATOM   697  O  O   . VAL A 1 100 ? -4.808  -0.239  -1.249  1.00 25.09 ? 100  VAL A O   1 
ATOM   698  C  CB  . VAL A 1 100 ? -3.976  -1.520  1.456   1.00 25.76 ? 100  VAL A CB  1 
ATOM   699  C  CG1 . VAL A 1 100 ? -5.045  -0.727  2.210   1.00 28.77 ? 100  VAL A CG1 1 
ATOM   700  C  CG2 . VAL A 1 100 ? -3.423  -2.593  2.370   1.00 26.16 ? 100  VAL A CG2 1 
ATOM   701  N  N   . HIS A 1 101 ? -6.692  -1.213  -0.464  1.00 24.02 ? 101  HIS A N   1 
ATOM   702  C  CA  . HIS A 1 101 ? -7.617  -0.155  -0.840  1.00 23.69 ? 101  HIS A CA  1 
ATOM   703  C  C   . HIS A 1 101 ? -8.510  0.174   0.319   1.00 25.00 ? 101  HIS A C   1 
ATOM   704  O  O   . HIS A 1 101 ? -9.074  -0.703  0.962   1.00 21.58 ? 101  HIS A O   1 
ATOM   705  C  CB  . HIS A 1 101 ? -8.433  -0.551  -2.056  1.00 24.57 ? 101  HIS A CB  1 
ATOM   706  C  CG  . HIS A 1 101 ? -7.569  -0.885  -3.212  1.00 28.57 ? 101  HIS A CG  1 
ATOM   707  N  ND1 . HIS A 1 101 ? -6.855  0.085   -3.888  1.00 33.64 ? 101  HIS A ND1 1 
ATOM   708  C  CD2 . HIS A 1 101 ? -7.151  -2.074  -3.705  1.00 28.75 ? 101  HIS A CD2 1 
ATOM   709  C  CE1 . HIS A 1 101 ? -6.092  -0.493  -4.799  1.00 31.58 ? 101  HIS A CE1 1 
ATOM   710  N  NE2 . HIS A 1 101 ? -6.260  -1.800  -4.714  1.00 30.24 ? 101  HIS A NE2 1 
ATOM   711  N  N   . ILE A 1 102 ? -8.633  1.480   0.555   1.00 23.95 ? 102  ILE A N   1 
ATOM   712  C  CA  . ILE A 1 102 ? -9.460  2.033   1.585   1.00 23.92 ? 102  ILE A CA  1 
ATOM   713  C  C   . ILE A 1 102 ? -10.946 1.766   1.278   1.00 23.17 ? 102  ILE A C   1 
ATOM   714  O  O   . ILE A 1 102 ? -11.671 1.255   2.126   1.00 23.16 ? 102  ILE A O   1 
ATOM   715  C  CB  . ILE A 1 102 ? -9.148  3.553   1.712   1.00 23.59 ? 102  ILE A CB  1 
ATOM   716  C  CG1 . ILE A 1 102 ? -7.756  3.727   2.338   1.00 23.43 ? 102  ILE A CG1 1 
ATOM   717  C  CG2 . ILE A 1 102 ? -10.173 4.299   2.555   1.00 27.01 ? 102  ILE A CG2 1 
ATOM   718  C  CD1 . ILE A 1 102 ? -7.182  5.114   2.110   1.00 23.64 ? 102  ILE A CD1 1 
ATOM   719  N  N   . SER A 1 103 ? -11.355 2.095   0.055   1.00 23.19 ? 103  SER A N   1 
ATOM   720  C  CA  . SER A 1 103 ? -12.698 1.947   -0.388  1.00 23.69 ? 103  SER A CA  1 
ATOM   721  C  C   . SER A 1 103 ? -12.869 0.498   -0.866  1.00 23.22 ? 103  SER A C   1 
ATOM   722  O  O   . SER A 1 103 ? -11.898 -0.205  -1.137  1.00 21.56 ? 103  SER A O   1 
ATOM   723  C  CB  . SER A 1 103 ? -12.989 2.950   -1.514  1.00 23.25 ? 103  SER A CB  1 
ATOM   724  O  OG  . SER A 1 103 ? -12.343 2.562   -2.744  1.00 24.73 ? 103  SER A OG  1 
ATOM   725  N  N   . ASN A 1 104 ? -14.122 0.069   -0.952  1.00 22.91 ? 104  ASN A N   1 
ATOM   726  C  CA  . ASN A 1 104 ? -14.443 -1.195  -1.568  1.00 23.89 ? 104  ASN A CA  1 
ATOM   727  C  C   . ASN A 1 104 ? -14.518 -0.947  -3.061  1.00 23.94 ? 104  ASN A C   1 
ATOM   728  O  O   . ASN A 1 104 ? -15.518 -0.489  -3.586  1.00 22.83 ? 104  ASN A O   1 
ATOM   729  C  CB  . ASN A 1 104 ? -15.769 -1.787  -1.037  1.00 24.70 ? 104  ASN A CB  1 
ATOM   730  C  CG  . ASN A 1 104 ? -16.051 -3.183  -1.615  1.00 24.94 ? 104  ASN A CG  1 
ATOM   731  O  OD1 . ASN A 1 104 ? -15.408 -3.634  -2.585  1.00 22.36 ? 104  ASN A OD1 1 
ATOM   732  N  ND2 . ASN A 1 104 ? -16.981 -3.879  -0.999  1.00 27.93 ? 104  ASN A ND2 1 
ATOM   733  N  N   . VAL A 1 105 ? -13.432 -1.289  -3.737  1.00 26.57 ? 105  VAL A N   1 
ATOM   734  C  CA  . VAL A 1 105 ? -13.342 -1.134  -5.178  1.00 27.83 ? 105  VAL A CA  1 
ATOM   735  C  C   . VAL A 1 105 ? -14.343 -1.962  -5.998  1.00 29.15 ? 105  VAL A C   1 
ATOM   736  O  O   . VAL A 1 105 ? -14.444 -1.751  -7.200  1.00 31.72 ? 105  VAL A O   1 
ATOM   737  C  CB  . VAL A 1 105 ? -11.915 -1.396  -5.705  1.00 27.06 ? 105  VAL A CB  1 
ATOM   738  C  CG1 . VAL A 1 105 ? -10.929 -0.396  -5.093  1.00 29.19 ? 105  VAL A CG1 1 
ATOM   739  C  CG2 . VAL A 1 105 ? -11.457 -2.827  -5.478  1.00 28.67 ? 105  VAL A CG2 1 
ATOM   740  N  N   . HIS A 1 106 ? -15.057 -2.888  -5.371  1.00 25.18 ? 106  HIS A N   1 
ATOM   741  C  CA  . HIS A 1 106 ? -16.021 -3.711  -6.093  1.00 24.77 ? 106  HIS A CA  1 
ATOM   742  C  C   . HIS A 1 106 ? -17.409 -3.185  -5.997  1.00 24.01 ? 106  HIS A C   1 
ATOM   743  O  O   . HIS A 1 106 ? -18.318 -3.769  -6.568  1.00 26.26 ? 106  HIS A O   1 
ATOM   744  C  CB  . HIS A 1 106 ? -15.981 -5.149  -5.577  1.00 24.65 ? 106  HIS A CB  1 
ATOM   745  C  CG  . HIS A 1 106 ? -14.644 -5.753  -5.707  1.00 26.33 ? 106  HIS A CG  1 
ATOM   746  N  ND1 . HIS A 1 106 ? -14.097 -6.101  -6.922  1.00 27.54 ? 106  HIS A ND1 1 
ATOM   747  C  CD2 . HIS A 1 106 ? -13.690 -5.982  -4.778  1.00 26.27 ? 106  HIS A CD2 1 
ATOM   748  C  CE1 . HIS A 1 106 ? -12.868 -6.533  -6.727  1.00 26.35 ? 106  HIS A CE1 1 
ATOM   749  N  NE2 . HIS A 1 106 ? -12.615 -6.501  -5.432  1.00 26.56 ? 106  HIS A NE2 1 
ATOM   750  N  N   . ALA A 1 107 ? -17.580 -2.105  -5.252  1.00 25.70 ? 107  ALA A N   1 
ATOM   751  C  CA  . ALA A 1 107 ? -18.888 -1.505  -5.054  1.00 28.80 ? 107  ALA A CA  1 
ATOM   752  C  C   . ALA A 1 107 ? -19.036 -0.199  -5.846  1.00 28.88 ? 107  ALA A C   1 
ATOM   753  O  O   . ALA A 1 107 ? -19.924 0.586   -5.568  1.00 29.56 ? 107  ALA A O   1 
ATOM   754  C  CB  . ALA A 1 107 ? -19.136 -1.224  -3.565  1.00 28.48 ? 107  ALA A CB  1 
ATOM   755  N  N   . ARG A 1 108 ? -18.190 0.029   -6.836  1.00 27.33 ? 108  ARG A N   1 
ATOM   756  C  CA  . ARG A 1 108 ? -18.174 1.314   -7.557  1.00 30.76 ? 108  ARG A CA  1 
ATOM   757  C  C   . ARG A 1 108 ? -18.192 1.034   -9.034  1.00 29.65 ? 108  ARG A C   1 
ATOM   758  O  O   . ARG A 1 108 ? -18.862 0.094   -9.447  1.00 29.86 ? 108  ARG A O   1 
ATOM   759  C  CB  . ARG A 1 108 ? -16.897 2.101   -7.148  1.00 33.71 ? 108  ARG A CB  1 
ATOM   760  C  CG  . ARG A 1 108 ? -16.804 2.367   -5.645  1.00 38.83 ? 108  ARG A CG  1 
ATOM   761  C  CD  . ARG A 1 108 ? -15.433 2.894   -5.226  1.00 42.59 ? 108  ARG A CD  1 
ATOM   762  N  NE  . ARG A 1 108 ? -15.174 4.240   -5.751  1.00 43.93 ? 108  ARG A NE  1 
ATOM   763  C  CZ  . ARG A 1 108 ? -14.000 4.886   -5.631  1.00 51.07 ? 108  ARG A CZ  1 
ATOM   764  N  NH1 . ARG A 1 108 ? -12.960 4.320   -5.003  1.00 52.58 ? 108  ARG A NH1 1 
ATOM   765  N  NH2 . ARG A 1 108 ? -13.854 6.104   -6.144  1.00 46.29 ? 108  ARG A NH2 1 
ATOM   766  N  N   . GLU A 1 109 ? -17.402 1.768   -9.827  1.00 27.55 ? 109  GLU A N   1 
ATOM   767  C  CA  . GLU A 1 109 ? -17.392 1.567   -11.270 1.00 28.71 ? 109  GLU A CA  1 
ATOM   768  C  C   . GLU A 1 109 ? -16.747 0.247   -11.613 1.00 29.12 ? 109  GLU A C   1 
ATOM   769  O  O   . GLU A 1 109 ? -15.769 -0.160  -10.995 1.00 28.49 ? 109  GLU A O   1 
ATOM   770  C  CB  . GLU A 1 109 ? -16.597 2.646   -12.019 1.00 28.10 ? 109  GLU A CB  1 
ATOM   771  C  CG  . GLU A 1 109 ? -17.098 4.048   -11.822 1.00 28.95 ? 109  GLU A CG  1 
ATOM   772  C  CD  . GLU A 1 109 ? -16.391 4.768   -10.705 1.00 28.73 ? 109  GLU A CD  1 
ATOM   773  O  OE1 . GLU A 1 109 ? -15.993 4.160   -9.684  1.00 30.19 ? 109  GLU A OE1 1 
ATOM   774  O  OE2 . GLU A 1 109 ? -16.222 5.973   -10.858 1.00 34.27 ? 109  GLU A OE2 1 
ATOM   775  N  N   . GLU A 1 110 ? -17.259 -0.387  -12.647 1.00 28.07 ? 110  GLU A N   1 
ATOM   776  C  CA  . GLU A 1 110 ? -16.734 -1.673  -13.107 1.00 30.59 ? 110  GLU A CA  1 
ATOM   777  C  C   . GLU A 1 110 ? -15.213 -1.656  -13.322 1.00 28.01 ? 110  GLU A C   1 
ATOM   778  O  O   . GLU A 1 110 ? -14.523 -2.629  -12.974 1.00 27.65 ? 110  GLU A O   1 
ATOM   779  C  CB  . GLU A 1 110 ? -17.462 -2.081  -14.399 1.00 36.44 ? 110  GLU A CB  1 
ATOM   780  C  CG  . GLU A 1 110 ? -16.923 -3.322  -15.087 1.00 47.28 ? 110  GLU A CG  1 
ATOM   781  C  CD  . GLU A 1 110 ? -17.105 -4.579  -14.255 1.00 60.83 ? 110  GLU A CD  1 
ATOM   782  O  OE1 . GLU A 1 110 ? -18.048 -4.606  -13.409 1.00 62.33 ? 110  GLU A OE1 1 
ATOM   783  O  OE2 . GLU A 1 110 ? -16.306 -5.543  -14.454 1.00 73.88 ? 110  GLU A OE2 1 
ATOM   784  N  N   . PHE A 1 111 ? -14.675 -0.560  -13.851 1.00 24.62 ? 111  PHE A N   1 
ATOM   785  C  CA  . PHE A 1 111 ? -13.249 -0.518  -14.136 1.00 26.28 ? 111  PHE A CA  1 
ATOM   786  C  C   . PHE A 1 111 ? -12.382 -0.649  -12.897 1.00 26.63 ? 111  PHE A C   1 
ATOM   787  O  O   . PHE A 1 111 ? -11.239 -1.044  -12.997 1.00 26.80 ? 111  PHE A O   1 
ATOM   788  C  CB  . PHE A 1 111 ? -12.838 0.719   -14.949 1.00 29.27 ? 111  PHE A CB  1 
ATOM   789  C  CG  . PHE A 1 111 ? -13.058 2.029   -14.253 1.00 27.56 ? 111  PHE A CG  1 
ATOM   790  C  CD1 . PHE A 1 111 ? -12.186 2.483   -13.292 1.00 26.80 ? 111  PHE A CD1 1 
ATOM   791  C  CD2 . PHE A 1 111 ? -14.108 2.847   -14.631 1.00 27.92 ? 111  PHE A CD2 1 
ATOM   792  C  CE1 . PHE A 1 111 ? -12.389 3.718   -12.696 1.00 27.26 ? 111  PHE A CE1 1 
ATOM   793  C  CE2 . PHE A 1 111 ? -14.300 4.078   -14.048 1.00 27.89 ? 111  PHE A CE2 1 
ATOM   794  C  CZ  . PHE A 1 111 ? -13.437 4.510   -13.072 1.00 27.63 ? 111  PHE A CZ  1 
ATOM   795  N  N   . ARG A 1 112 ? -12.931 -0.342  -11.722 1.00 25.26 ? 112  ARG A N   1 
ATOM   796  C  CA  . ARG A 1 112 ? -12.171 -0.465  -10.482 1.00 22.55 ? 112  ARG A CA  1 
ATOM   797  C  C   . ARG A 1 112 ? -12.082 -1.867  -9.970  1.00 22.57 ? 112  ARG A C   1 
ATOM   798  O  O   . ARG A 1 112 ? -11.313 -2.137  -9.006  1.00 22.71 ? 112  ARG A O   1 
ATOM   799  C  CB  . ARG A 1 112 ? -12.771 0.403   -9.412  1.00 23.58 ? 112  ARG A CB  1 
ATOM   800  C  CG  . ARG A 1 112 ? -12.581 1.878   -9.644  1.00 24.25 ? 112  ARG A CG  1 
ATOM   801  C  CD  . ARG A 1 112 ? -13.011 2.717   -8.441  1.00 24.84 ? 112  ARG A CD  1 
ATOM   802  N  NE  . ARG A 1 112 ? -13.389 4.009   -8.959  1.00 25.13 ? 112  ARG A NE  1 
ATOM   803  C  CZ  . ARG A 1 112 ? -12.524 4.979   -9.224  1.00 25.67 ? 112  ARG A CZ  1 
ATOM   804  N  NH1 . ARG A 1 112 ? -11.217 4.855   -8.895  1.00 25.32 ? 112  ARG A NH1 1 
ATOM   805  N  NH2 . ARG A 1 112 ? -12.987 6.112   -9.701  1.00 24.72 ? 112  ARG A NH2 1 
ATOM   806  N  N   . ARG A 1 113 ? -12.861 -2.770  -10.570 1.00 22.03 ? 113  ARG A N   1 
ATOM   807  C  CA  . ARG A 1 113 ? -12.825 -4.193  -10.198 1.00 23.07 ? 113  ARG A CA  1 
ATOM   808  C  C   . ARG A 1 113 ? -11.690 -4.980  -10.826 1.00 24.97 ? 113  ARG A C   1 
ATOM   809  O  O   . ARG A 1 113 ? -11.510 -6.138  -10.485 1.00 26.94 ? 113  ARG A O   1 
ATOM   810  C  CB  . ARG A 1 113 ? -14.167 -4.891  -10.494 1.00 21.84 ? 113  ARG A CB  1 
ATOM   811  C  CG  . ARG A 1 113 ? -15.310 -4.047  -9.937  1.00 22.83 ? 113  ARG A CG  1 
ATOM   812  C  CD  . ARG A 1 113 ? -16.634 -4.778  -9.860  1.00 26.39 ? 113  ARG A CD  1 
ATOM   813  N  NE  . ARG A 1 113 ? -16.556 -6.010  -9.084  1.00 25.15 ? 113  ARG A NE  1 
ATOM   814  C  CZ  . ARG A 1 113 ? -17.571 -6.844  -8.935  1.00 28.95 ? 113  ARG A CZ  1 
ATOM   815  N  NH1 . ARG A 1 113 ? -18.751 -6.566  -9.502  1.00 30.05 ? 113  ARG A NH1 1 
ATOM   816  N  NH2 . ARG A 1 113 ? -17.413 -7.924  -8.208  1.00 27.92 ? 113  ARG A NH2 1 
ATOM   817  N  N   . HIS A 1 114 ? -10.893 -4.361  -11.685 1.00 25.19 ? 114  HIS A N   1 
ATOM   818  C  CA  . HIS A 1 114 ? -9.668  -4.967  -12.137 1.00 23.96 ? 114  HIS A CA  1 
ATOM   819  C  C   . HIS A 1 114 ? -8.409  -4.274  -11.568 1.00 22.85 ? 114  HIS A C   1 
ATOM   820  O  O   . HIS A 1 114 ? -8.271  -3.029  -11.617 1.00 22.26 ? 114  HIS A O   1 
ATOM   821  C  CB  . HIS A 1 114 ? -9.598  -4.955  -13.656 1.00 27.57 ? 114  HIS A CB  1 
ATOM   822  C  CG  . HIS A 1 114 ? -8.314  -5.514  -14.145 1.00 27.91 ? 114  HIS A CG  1 
ATOM   823  N  ND1 . HIS A 1 114 ? -7.272  -4.721  -14.573 1.00 29.94 ? 114  HIS A ND1 1 
ATOM   824  C  CD2 . HIS A 1 114 ? -7.842  -6.782  -14.133 1.00 30.72 ? 114  HIS A CD2 1 
ATOM   825  C  CE1 . HIS A 1 114 ? -6.237  -5.487  -14.880 1.00 29.05 ? 114  HIS A CE1 1 
ATOM   826  N  NE2 . HIS A 1 114 ? -6.548  -6.739  -14.595 1.00 30.57 ? 114  HIS A NE2 1 
ATOM   827  N  N   . SER A 1 115 ? -7.520  -5.086  -11.007 1.00 20.32 ? 115  SER A N   1 
ATOM   828  C  CA  . SER A 1 115 ? -6.240  -4.676  -10.511 1.00 21.33 ? 115  SER A CA  1 
ATOM   829  C  C   . SER A 1 115 ? -5.148  -5.422  -11.200 1.00 21.92 ? 115  SER A C   1 
ATOM   830  O  O   . SER A 1 115 ? -5.178  -6.671  -11.273 1.00 22.31 ? 115  SER A O   1 
ATOM   831  C  CB  . SER A 1 115 ? -6.147  -4.960  -9.021  1.00 20.95 ? 115  SER A CB  1 
ATOM   832  O  OG  . SER A 1 115 ? -4.849  -4.699  -8.517  1.00 22.06 ? 115  SER A OG  1 
ATOM   833  N  N   . TYR A 1 116 ? -4.180  -4.674  -11.727 1.00 23.51 ? 116  TYR A N   1 
ATOM   834  C  CA  . TYR A 1 116 ? -2.943  -5.278  -12.270 1.00 22.80 ? 116  TYR A CA  1 
ATOM   835  C  C   . TYR A 1 116 ? -2.069  -5.808  -11.159 1.00 22.36 ? 116  TYR A C   1 
ATOM   836  O  O   . TYR A 1 116 ? -1.187  -6.616  -11.418 1.00 23.21 ? 116  TYR A O   1 
ATOM   837  C  CB  . TYR A 1 116 ? -2.100  -4.291  -13.075 1.00 23.41 ? 116  TYR A CB  1 
ATOM   838  C  CG  . TYR A 1 116 ? -2.599  -4.094  -14.488 1.00 25.39 ? 116  TYR A CG  1 
ATOM   839  C  CD1 . TYR A 1 116 ? -2.549  -5.142  -15.423 1.00 26.63 ? 116  TYR A CD1 1 
ATOM   840  C  CD2 . TYR A 1 116 ? -3.186  -2.912  -14.866 1.00 26.15 ? 116  TYR A CD2 1 
ATOM   841  C  CE1 . TYR A 1 116 ? -3.045  -4.994  -16.692 1.00 26.87 ? 116  TYR A CE1 1 
ATOM   842  C  CE2 . TYR A 1 116 ? -3.663  -2.742  -16.163 1.00 28.61 ? 116  TYR A CE2 1 
ATOM   843  C  CZ  . TYR A 1 116 ? -3.590  -3.768  -17.049 1.00 28.77 ? 116  TYR A CZ  1 
ATOM   844  O  OH  . TYR A 1 116 ? -4.074  -3.579  -18.302 1.00 32.71 ? 116  TYR A OH  1 
ATOM   845  N  N   . LEU A 1 117 ? -2.303  -5.346  -9.937  1.00 21.68 ? 117  LEU A N   1 
ATOM   846  C  CA  . LEU A 1 117 ? -1.433  -5.718  -8.831  1.00 23.52 ? 117  LEU A CA  1 
ATOM   847  C  C   . LEU A 1 117 ? -1.843  -6.992  -8.165  1.00 21.92 ? 117  LEU A C   1 
ATOM   848  O  O   . LEU A 1 117 ? -1.001  -7.716  -7.710  1.00 21.41 ? 117  LEU A O   1 
ATOM   849  C  CB  . LEU A 1 117 ? -1.343  -4.596  -7.778  1.00 24.89 ? 117  LEU A CB  1 
ATOM   850  C  CG  . LEU A 1 117 ? -0.815  -3.242  -8.312  1.00 27.68 ? 117  LEU A CG  1 
ATOM   851  C  CD1 . LEU A 1 117 ? -1.072  -2.167  -7.276  1.00 28.26 ? 117  LEU A CD1 1 
ATOM   852  C  CD2 . LEU A 1 117 ? 0.660   -3.304  -8.670  1.00 28.22 ? 117  LEU A CD2 1 
ATOM   853  N  N   . SER A 1 118 ? -3.150  -7.245  -8.058  1.00 21.36 ? 118  SER A N   1 
ATOM   854  C  CA  . SER A 1 118 ? -3.587  -8.382  -7.257  1.00 23.05 ? 118  SER A CA  1 
ATOM   855  C  C   . SER A 1 118 ? -2.896  -9.712  -7.618  1.00 22.89 ? 118  SER A C   1 
ATOM   856  O  O   . SER A 1 118 ? -2.572  -10.464 -6.701  1.00 23.51 ? 118  SER A O   1 
ATOM   857  C  CB  . SER A 1 118 ? -5.109  -8.523  -7.270  1.00 22.24 ? 118  SER A CB  1 
ATOM   858  O  OG  . SER A 1 118 ? -5.712  -7.295  -6.843  1.00 22.02 ? 118  SER A OG  1 
ATOM   859  N  N   . PRO A 1 119 ? -2.730  -10.014 -8.934  1.00 22.81 ? 119  PRO A N   1 
ATOM   860  C  CA  . PRO A 1 119 ? -2.209  -11.318 -9.312  1.00 24.31 ? 119  PRO A CA  1 
ATOM   861  C  C   . PRO A 1 119 ? -0.807  -11.518 -8.826  1.00 25.59 ? 119  PRO A C   1 
ATOM   862  O  O   . PRO A 1 119 ? -0.458  -12.658 -8.558  1.00 24.35 ? 119  PRO A O   1 
ATOM   863  C  CB  . PRO A 1 119 ? -2.264  -11.308 -10.850 1.00 24.21 ? 119  PRO A CB  1 
ATOM   864  C  CG  . PRO A 1 119 ? -3.340  -10.351 -11.170 1.00 22.99 ? 119  PRO A CG  1 
ATOM   865  C  CD  . PRO A 1 119 ? -3.162  -9.261  -10.137 1.00 23.20 ? 119  PRO A CD  1 
ATOM   866  N  N   . ILE A 1 120 ? -0.044  -10.422 -8.647  1.00 25.43 ? 120  ILE A N   1 
ATOM   867  C  CA  . ILE A 1 120 ? 1.347   -10.533 -8.152  1.00 26.78 ? 120  ILE A CA  1 
ATOM   868  C  C   . ILE A 1 120 ? 1.518   -10.218 -6.648  1.00 27.09 ? 120  ILE A C   1 
ATOM   869  O  O   . ILE A 1 120 ? 2.575   -10.397 -6.102  1.00 25.19 ? 120  ILE A O   1 
ATOM   870  C  CB  . ILE A 1 120 ? 2.358   -9.791  -9.063  1.00 27.99 ? 120  ILE A CB  1 
ATOM   871  C  CG1 . ILE A 1 120 ? 2.028   -8.324  -9.317  1.00 29.38 ? 120  ILE A CG1 1 
ATOM   872  C  CG2 . ILE A 1 120 ? 2.361   -10.420 -10.449 1.00 28.26 ? 120  ILE A CG2 1 
ATOM   873  C  CD1 . ILE A 1 120 ? 2.282   -7.436  -8.141  1.00 31.93 ? 120  ILE A CD1 1 
ATOM   874  N  N   . ALA A 1 121 ? 0.468   -9.763  -5.994  1.00 23.88 ? 121  ALA A N   1 
ATOM   875  C  CA  . ALA A 1 121 ? 0.482   -9.511  -4.571  1.00 23.61 ? 121  ALA A CA  1 
ATOM   876  C  C   . ALA A 1 121 ? 0.379   -10.804 -3.789  1.00 23.22 ? 121  ALA A C   1 
ATOM   877  O  O   . ALA A 1 121 ? -0.120  -11.787 -4.282  1.00 24.62 ? 121  ALA A O   1 
ATOM   878  C  CB  . ALA A 1 121 ? -0.685  -8.592  -4.198  1.00 23.29 ? 121  ALA A CB  1 
ATOM   879  N  N   . THR A 1 122 ? 0.872   -10.782 -2.567  1.00 23.95 ? 122  THR A N   1 
ATOM   880  C  CA  . THR A 1 122 ? 0.626   -11.845 -1.611  1.00 23.10 ? 122  THR A CA  1 
ATOM   881  C  C   . THR A 1 122 ? -0.859  -11.869 -1.315  1.00 23.40 ? 122  THR A C   1 
ATOM   882  O  O   . THR A 1 122 ? -1.511  -12.899 -1.381  1.00 24.61 ? 122  THR A O   1 
ATOM   883  C  CB  . THR A 1 122 ? 1.361   -11.577 -0.302  1.00 23.91 ? 122  THR A CB  1 
ATOM   884  O  OG1 . THR A 1 122 ? 2.754   -11.387 -0.561  1.00 23.24 ? 122  THR A OG1 1 
ATOM   885  C  CG2 . THR A 1 122 ? 1.165   -12.729 0.689   1.00 25.73 ? 122  THR A CG2 1 
ATOM   886  N  N   . GLY A 1 123 ? -1.413  -10.709 -1.004  1.00 23.06 ? 123  GLY A N   1 
ATOM   887  C  CA  . GLY A 1 123 ? -2.848  -10.627 -0.746  1.00 22.60 ? 123  GLY A CA  1 
ATOM   888  C  C   . GLY A 1 123 ? -3.328  -9.199  -0.876  1.00 22.72 ? 123  GLY A C   1 
ATOM   889  O  O   . GLY A 1 123 ? -2.518  -8.262  -1.131  1.00 22.07 ? 123  GLY A O   1 
ATOM   890  N  N   . VAL A 1 124 ? -4.625  -9.045  -0.673  1.00 21.87 ? 124  VAL A N   1 
ATOM   891  C  CA  . VAL A 1 124 ? -5.328  -7.837  -0.962  1.00 22.22 ? 124  VAL A CA  1 
ATOM   892  C  C   . VAL A 1 124 ? -6.339  -7.598  0.135   1.00 23.38 ? 124  VAL A C   1 
ATOM   893  O  O   . VAL A 1 124 ? -7.073  -8.503  0.508   1.00 23.75 ? 124  VAL A O   1 
ATOM   894  C  CB  . VAL A 1 124 ? -6.101  -7.962  -2.317  1.00 23.82 ? 124  VAL A CB  1 
ATOM   895  C  CG1 . VAL A 1 124 ? -6.606  -6.599  -2.782  1.00 25.79 ? 124  VAL A CG1 1 
ATOM   896  C  CG2 . VAL A 1 124 ? -5.218  -8.588  -3.384  1.00 23.67 ? 124  VAL A CG2 1 
ATOM   897  N  N   . ILE A 1 125 ? -6.398  -6.369  0.626   1.00 22.76 ? 125  ILE A N   1 
ATOM   898  C  CA  . ILE A 1 125 ? -7.419  -5.960  1.567   1.00 22.82 ? 125  ILE A CA  1 
ATOM   899  C  C   . ILE A 1 125 ? -8.112  -4.744  0.999   1.00 22.49 ? 125  ILE A C   1 
ATOM   900  O  O   . ILE A 1 125 ? -7.453  -3.709  0.725   1.00 22.59 ? 125  ILE A O   1 
ATOM   901  C  CB  . ILE A 1 125 ? -6.825  -5.552  2.936   1.00 23.56 ? 125  ILE A CB  1 
ATOM   902  C  CG1 . ILE A 1 125 ? -6.079  -6.702  3.547   1.00 22.98 ? 125  ILE A CG1 1 
ATOM   903  C  CG2 . ILE A 1 125 ? -7.941  -5.059  3.857   1.00 25.00 ? 125  ILE A CG2 1 
ATOM   904  C  CD1 . ILE A 1 125 ? -5.231  -6.335  4.764   1.00 24.43 ? 125  ILE A CD1 1 
ATOM   905  N  N   . VAL A 1 126 ? -9.424  -4.849  0.790   1.00 21.87 ? 126  VAL A N   1 
ATOM   906  C  CA  . VAL A 1 126 ? -10.190 -3.708  0.364   1.00 23.29 ? 126  VAL A CA  1 
ATOM   907  C  C   . VAL A 1 126 ? -11.399 -3.431  1.248   1.00 22.71 ? 126  VAL A C   1 
ATOM   908  O  O   . VAL A 1 126 ? -12.036 -4.350  1.791   1.00 22.96 ? 126  VAL A O   1 
ATOM   909  C  CB  . VAL A 1 126 ? -10.646 -3.781  -1.140  1.00 24.57 ? 126  VAL A CB  1 
ATOM   910  C  CG1 . VAL A 1 126 ? -9.507  -4.291  -2.055  1.00 25.93 ? 126  VAL A CG1 1 
ATOM   911  C  CG2 . VAL A 1 126 ? -11.897 -4.583  -1.333  1.00 24.55 ? 126  VAL A CG2 1 
ATOM   912  N  N   . GLY A 1 127 ? -11.751 -2.162  1.308   1.00 21.03 ? 127  GLY A N   1 
ATOM   913  C  CA  . GLY A 1 127 ? -13.015 -1.740  1.901   1.00 23.56 ? 127  GLY A CA  1 
ATOM   914  C  C   . GLY A 1 127 ? -13.022 -1.678  3.416   1.00 22.62 ? 127  GLY A C   1 
ATOM   915  O  O   . GLY A 1 127 ? -14.054 -1.461  3.990   1.00 24.57 ? 127  GLY A O   1 
ATOM   916  N  N   . LEU A 1 128 ? -11.874 -1.872  4.064   1.00 24.36 ? 128  LEU A N   1 
ATOM   917  C  CA  . LEU A 1 128 ? -11.819 -1.851  5.527   1.00 25.09 ? 128  LEU A CA  1 
ATOM   918  C  C   . LEU A 1 128 ? -11.306 -0.520  6.037   1.00 27.15 ? 128  LEU A C   1 
ATOM   919  O  O   . LEU A 1 128 ? -10.910 -0.410  7.185   1.00 27.66 ? 128  LEU A O   1 
ATOM   920  C  CB  . LEU A 1 128 ? -10.995 -3.025  6.085   1.00 24.81 ? 128  LEU A CB  1 
ATOM   921  C  CG  . LEU A 1 128 ? -11.535 -4.392  5.640   1.00 25.57 ? 128  LEU A CG  1 
ATOM   922  C  CD1 . LEU A 1 128 ? -10.805 -5.512  6.376   1.00 26.40 ? 128  LEU A CD1 1 
ATOM   923  C  CD2 . LEU A 1 128 ? -13.047 -4.478  5.840   1.00 25.60 ? 128  LEU A CD2 1 
ATOM   924  N  N   . GLY A 1 129 ? -11.346 0.487   5.167   1.00 26.39 ? 129  GLY A N   1 
ATOM   925  C  CA  . GLY A 1 129 ? -10.854 1.801   5.493   1.00 28.75 ? 129  GLY A CA  1 
ATOM   926  C  C   . GLY A 1 129 ? -9.374  1.807   5.794   1.00 26.92 ? 129  GLY A C   1 
ATOM   927  O  O   . GLY A 1 129 ? -8.621  0.918   5.380   1.00 27.32 ? 129  GLY A O   1 
ATOM   928  N  N   . ILE A 1 130 ? -8.954  2.822   6.519   1.00 26.55 ? 130  ILE A N   1 
ATOM   929  C  CA  . ILE A 1 130 ? -7.550  2.911   6.907   1.00 30.60 ? 130  ILE A CA  1 
ATOM   930  C  C   . ILE A 1 130 ? -7.123  1.753   7.812   1.00 27.47 ? 130  ILE A C   1 
ATOM   931  O  O   . ILE A 1 130 ? -5.939  1.438   7.894   1.00 23.70 ? 130  ILE A O   1 
ATOM   932  C  CB  . ILE A 1 130 ? -7.198  4.275   7.535   1.00 34.84 ? 130  ILE A CB  1 
ATOM   933  C  CG1 . ILE A 1 130 ? -8.006  4.504   8.795   1.00 41.53 ? 130  ILE A CG1 1 
ATOM   934  C  CG2 . ILE A 1 130 ? -7.435  5.425   6.536   1.00 35.52 ? 130  ILE A CG2 1 
ATOM   935  C  CD1 . ILE A 1 130 ? -7.501  5.685   9.594   1.00 48.38 ? 130  ILE A CD1 1 
ATOM   936  N  N   . GLN A 1 131 ? -8.060  1.075   8.467   1.00 26.56 ? 131  GLN A N   1 
ATOM   937  C  CA  . GLN A 1 131 ? -7.658  -0.075  9.291   1.00 28.75 ? 131  GLN A CA  1 
ATOM   938  C  C   . GLN A 1 131 ? -7.043  -1.164  8.442   1.00 27.98 ? 131  GLN A C   1 
ATOM   939  O  O   . GLN A 1 131 ? -6.307  -1.996  8.937   1.00 29.28 ? 131  GLN A O   1 
ATOM   940  C  CB  . GLN A 1 131 ? -8.816  -0.656  10.079  1.00 34.33 ? 131  GLN A CB  1 
ATOM   941  C  CG  . GLN A 1 131 ? -8.319  -1.256  11.368  1.00 41.40 ? 131  GLN A CG  1 
ATOM   942  C  CD  . GLN A 1 131 ? -9.406  -1.979  12.114  1.00 43.73 ? 131  GLN A CD  1 
ATOM   943  O  OE1 . GLN A 1 131 ? -10.620 -1.727  11.911  1.00 51.53 ? 131  GLN A OE1 1 
ATOM   944  N  NE2 . GLN A 1 131 ? -8.990  -2.884  12.986  1.00 36.50 ? 131  GLN A NE2 1 
ATOM   945  N  N   . GLY A 1 132 ? -7.349  -1.141  7.149   1.00 25.39 ? 132  GLY A N   1 
ATOM   946  C  CA  . GLY A 1 132 ? -6.717  -2.024  6.215   1.00 25.64 ? 132  GLY A CA  1 
ATOM   947  C  C   . GLY A 1 132 ? -5.216  -2.034  6.267   1.00 24.04 ? 132  GLY A C   1 
ATOM   948  O  O   . GLY A 1 132 ? -4.576  -3.090  6.187   1.00 25.93 ? 132  GLY A O   1 
ATOM   949  N  N   . TYR A 1 133 ? -4.641  -0.855  6.386   1.00 25.04 ? 133  TYR A N   1 
ATOM   950  C  CA  . TYR A 1 133 ? -3.191  -0.723  6.518   1.00 24.73 ? 133  TYR A CA  1 
ATOM   951  C  C   . TYR A 1 133 ? -2.674  -1.383  7.806   1.00 25.03 ? 133  TYR A C   1 
ATOM   952  O  O   . TYR A 1 133 ? -1.614  -2.032  7.796   1.00 26.37 ? 133  TYR A O   1 
ATOM   953  C  CB  . TYR A 1 133 ? -2.809  0.755   6.554   1.00 24.37 ? 133  TYR A CB  1 
ATOM   954  C  CG  . TYR A 1 133 ? -3.017  1.534   5.270   1.00 24.57 ? 133  TYR A CG  1 
ATOM   955  C  CD1 . TYR A 1 133 ? -2.049  1.528   4.263   1.00 24.76 ? 133  TYR A CD1 1 
ATOM   956  C  CD2 . TYR A 1 133 ? -4.140  2.308   5.095   1.00 22.83 ? 133  TYR A CD2 1 
ATOM   957  C  CE1 . TYR A 1 133 ? -2.200  2.277   3.120   1.00 24.63 ? 133  TYR A CE1 1 
ATOM   958  C  CE2 . TYR A 1 133 ? -4.318  3.031   3.950   1.00 24.66 ? 133  TYR A CE2 1 
ATOM   959  C  CZ  . TYR A 1 133 ? -3.328  3.009   2.956   1.00 24.97 ? 133  TYR A CZ  1 
ATOM   960  O  OH  . TYR A 1 133 ? -3.481  3.766   1.832   1.00 24.62 ? 133  TYR A OH  1 
ATOM   961  N  N   . LEU A 1 134 ? -3.394  -1.159  8.909   1.00 24.76 ? 134  LEU A N   1 
ATOM   962  C  CA  . LEU A 1 134 ? -3.023  -1.721  10.243  1.00 26.08 ? 134  LEU A CA  1 
ATOM   963  C  C   . LEU A 1 134 ? -3.102  -3.244  10.207  1.00 26.32 ? 134  LEU A C   1 
ATOM   964  O  O   . LEU A 1 134 ? -2.223  -3.975  10.694  1.00 27.26 ? 134  LEU A O   1 
ATOM   965  C  CB  . LEU A 1 134 ? -3.963  -1.160  11.316  1.00 27.41 ? 134  LEU A CB  1 
ATOM   966  C  CG  . LEU A 1 134 ? -4.018  0.382   11.352  1.00 30.84 ? 134  LEU A CG  1 
ATOM   967  C  CD1 . LEU A 1 134 ? -4.754  0.899   12.579  1.00 32.81 ? 134  LEU A CD1 1 
ATOM   968  C  CD2 . LEU A 1 134 ? -2.619  0.967   11.309  1.00 32.18 ? 134  LEU A CD2 1 
ATOM   969  N  N   . LEU A 1 135 ? -4.127  -3.734  9.540   1.00 25.05 ? 135  LEU A N   1 
ATOM   970  C  CA  . LEU A 1 135 ? -4.310  -5.175  9.408   1.00 25.60 ? 135  LEU A CA  1 
ATOM   971  C  C   . LEU A 1 135 ? -3.210  -5.788  8.537   1.00 25.62 ? 135  LEU A C   1 
ATOM   972  O  O   . LEU A 1 135 ? -2.685  -6.859  8.867   1.00 24.61 ? 135  LEU A O   1 
ATOM   973  C  CB  . LEU A 1 135 ? -5.674  -5.481  8.815   1.00 26.83 ? 135  LEU A CB  1 
ATOM   974  C  CG  . LEU A 1 135 ? -6.823  -5.027  9.741   1.00 29.70 ? 135  LEU A CG  1 
ATOM   975  C  CD1 . LEU A 1 135 ? -8.106  -5.203  8.950   1.00 30.25 ? 135  LEU A CD1 1 
ATOM   976  C  CD2 . LEU A 1 135 ? -6.872  -5.757  11.070  1.00 30.83 ? 135  LEU A CD2 1 
ATOM   977  N  N   . ALA A 1 136 ? -2.842  -5.107  7.457   1.00 25.02 ? 136  ALA A N   1 
ATOM   978  C  CA  . ALA A 1 136 ? -1.697  -5.539  6.675   1.00 26.00 ? 136  ALA A CA  1 
ATOM   979  C  C   . ALA A 1 136 ? -0.437  -5.575  7.547   1.00 27.32 ? 136  ALA A C   1 
ATOM   980  O  O   . ALA A 1 136 ? 0.338   -6.535  7.458   1.00 24.02 ? 136  ALA A O   1 
ATOM   981  C  CB  . ALA A 1 136 ? -1.499  -4.675  5.448   1.00 26.82 ? 136  ALA A CB  1 
ATOM   982  N  N   . LEU A 1 137 ? -0.232  -4.568  8.393   1.00 28.76 ? 137  LEU A N   1 
ATOM   983  C  CA  . LEU A 1 137 ? 0.983   -4.554  9.223   1.00 30.98 ? 137  LEU A CA  1 
ATOM   984  C  C   . LEU A 1 137 ? 0.997   -5.769  10.093  1.00 29.80 ? 137  LEU A C   1 
ATOM   985  O  O   . LEU A 1 137 ? 2.034   -6.395  10.256  1.00 27.61 ? 137  LEU A O   1 
ATOM   986  C  CB  . LEU A 1 137 ? 1.056   -3.343  10.160  1.00 31.73 ? 137  LEU A CB  1 
ATOM   987  C  CG  . LEU A 1 137 ? 1.477   -1.996  9.597   1.00 35.65 ? 137  LEU A CG  1 
ATOM   988  C  CD1 . LEU A 1 137 ? 1.331   -0.973  10.711  1.00 37.75 ? 137  LEU A CD1 1 
ATOM   989  C  CD2 . LEU A 1 137 ? 2.904   -2.014  9.030   1.00 37.14 ? 137  LEU A CD2 1 
ATOM   990  N  N   . ARG A 1 138 ? -0.169  -6.108  10.639  1.00 30.78 ? 138  ARG A N   1 
ATOM   991  C  CA  . ARG A 1 138 ? -0.283  -7.259  11.532  1.00 32.77 ? 138  ARG A CA  1 
ATOM   992  C  C   . ARG A 1 138 ? -0.013  -8.593  10.822  1.00 33.88 ? 138  ARG A C   1 
ATOM   993  O  O   . ARG A 1 138 ? 0.617   -9.516  11.394  1.00 31.32 ? 138  ARG A O   1 
ATOM   994  C  CB  . ARG A 1 138 ? -1.626  -7.223  12.239  1.00 37.62 ? 138  ARG A CB  1 
ATOM   995  C  CG  . ARG A 1 138 ? -1.695  -8.198  13.400  1.00 44.11 ? 138  ARG A CG  1 
ATOM   996  C  CD  . ARG A 1 138 ? -3.015  -8.024  14.130  1.00 44.88 ? 138  ARG A CD  1 
ATOM   997  N  NE  . ARG A 1 138 ? -3.039  -6.731  14.812  1.00 45.62 ? 138  ARG A NE  1 
ATOM   998  C  CZ  . ARG A 1 138 ? -2.613  -6.532  16.059  1.00 41.22 ? 138  ARG A CZ  1 
ATOM   999  N  NH1 . ARG A 1 138 ? -2.139  -7.527  16.779  1.00 42.25 ? 138  ARG A NH1 1 
ATOM   1000 N  NH2 . ARG A 1 138 ? -2.667  -5.325  16.592  1.00 47.36 ? 138  ARG A NH2 1 
ATOM   1001 N  N   . TYR A 1 139 ? -0.459  -8.707  9.564   1.00 31.81 ? 139  TYR A N   1 
ATOM   1002 C  CA  . TYR A 1 139 ? -0.132  -9.881  8.772   1.00 28.53 ? 139  TYR A CA  1 
ATOM   1003 C  C   . TYR A 1 139 ? 1.375   -10.001 8.712   1.00 30.94 ? 139  TYR A C   1 
ATOM   1004 O  O   . TYR A 1 139 ? 1.931   -11.047 8.987   1.00 28.06 ? 139  TYR A O   1 
ATOM   1005 C  CB  . TYR A 1 139 ? -0.676  -9.750  7.337   1.00 28.83 ? 139  TYR A CB  1 
ATOM   1006 C  CG  . TYR A 1 139 ? -0.232  -10.888 6.497   1.00 28.23 ? 139  TYR A CG  1 
ATOM   1007 C  CD1 . TYR A 1 139 ? -0.860  -12.127 6.590   1.00 29.40 ? 139  TYR A CD1 1 
ATOM   1008 C  CD2 . TYR A 1 139 ? 0.859   -10.758 5.652   1.00 27.82 ? 139  TYR A CD2 1 
ATOM   1009 C  CE1 . TYR A 1 139 ? -0.442  -13.193 5.823   1.00 28.98 ? 139  TYR A CE1 1 
ATOM   1010 C  CE2 . TYR A 1 139 ? 1.266   -11.794 4.865   1.00 27.61 ? 139  TYR A CE2 1 
ATOM   1011 C  CZ  . TYR A 1 139 ? 0.636   -13.015 4.977   1.00 28.70 ? 139  TYR A CZ  1 
ATOM   1012 O  OH  . TYR A 1 139 ? 1.096   -14.041 4.226   1.00 33.82 ? 139  TYR A OH  1 
ATOM   1013 N  N   . LEU A 1 140 ? 2.039   -8.909  8.334   1.00 30.35 ? 140  LEU A N   1 
ATOM   1014 C  CA  . LEU A 1 140 ? 3.490   -8.952  8.130   1.00 30.88 ? 140  LEU A CA  1 
ATOM   1015 C  C   . LEU A 1 140 ? 4.243   -9.239  9.433   1.00 34.70 ? 140  LEU A C   1 
ATOM   1016 O  O   . LEU A 1 140 ? 5.267   -9.893  9.401   1.00 33.54 ? 140  LEU A O   1 
ATOM   1017 C  CB  . LEU A 1 140 ? 3.962   -7.628  7.570   1.00 29.46 ? 140  LEU A CB  1 
ATOM   1018 C  CG  . LEU A 1 140 ? 3.445   -7.346  6.164   1.00 30.67 ? 140  LEU A CG  1 
ATOM   1019 C  CD1 . LEU A 1 140 ? 3.742   -5.889  5.801   1.00 33.10 ? 140  LEU A CD1 1 
ATOM   1020 C  CD2 . LEU A 1 140 ? 4.079   -8.344  5.200   1.00 31.33 ? 140  LEU A CD2 1 
ATOM   1021 N  N   . ALA A 1 141 ? 3.728   -8.740  10.561  1.00 35.12 ? 141  ALA A N   1 
ATOM   1022 C  CA  . ALA A 1 141 ? 4.290   -9.064  11.878  1.00 38.89 ? 141  ALA A CA  1 
ATOM   1023 C  C   . ALA A 1 141 ? 4.190   -10.570 12.213  1.00 45.01 ? 141  ALA A C   1 
ATOM   1024 O  O   . ALA A 1 141 ? 5.031   -11.070 12.930  1.00 44.82 ? 141  ALA A O   1 
ATOM   1025 C  CB  . ALA A 1 141 ? 3.642   -8.216  12.966  1.00 37.56 ? 141  ALA A CB  1 
ATOM   1026 N  N   . GLU A 1 142 ? 3.202   -11.287 11.673  1.00 49.12 ? 142  GLU A N   1 
ATOM   1027 C  CA  . GLU A 1 142 ? 3.141   -12.767 11.758  1.00 51.42 ? 142  GLU A CA  1 
ATOM   1028 C  C   . GLU A 1 142 ? 3.885   -13.524 10.652  1.00 56.41 ? 142  GLU A C   1 
ATOM   1029 O  O   . GLU A 1 142 ? 3.984   -14.746 10.692  1.00 58.17 ? 142  GLU A O   1 
ATOM   1030 C  CB  . GLU A 1 142 ? 1.691   -13.244 11.742  1.00 56.83 ? 142  GLU A CB  1 
ATOM   1031 C  CG  . GLU A 1 142 ? 1.134   -13.579 13.106  1.00 59.62 ? 142  GLU A CG  1 
ATOM   1032 C  CD  . GLU A 1 142 ? 1.073   -12.374 14.031  1.00 65.96 ? 142  GLU A CD  1 
ATOM   1033 O  OE1 . GLU A 1 142 ? 0.490   -11.319 13.675  1.00 69.72 ? 142  GLU A OE1 1 
ATOM   1034 O  OE2 . GLU A 1 142 ? 1.607   -12.487 15.149  1.00 72.49 ? 142  GLU A OE2 1 
ATOM   1035 N  N   . HIS A 1 143 ? 4.371   -12.822 9.641   1.00 60.53 ? 143  HIS A N   1 
ATOM   1036 C  CA  A HIS A 1 143 ? 5.054   -13.484 8.530   0.50 62.65 ? 143  HIS A CA  1 
ATOM   1037 C  CA  B HIS A 1 143 ? 5.153   -13.434 8.574   0.50 60.97 ? 143  HIS A CA  1 
ATOM   1038 C  C   A HIS A 1 143 ? 6.403   -12.821 8.257   0.50 65.68 ? 143  HIS A C   1 
ATOM   1039 C  C   B HIS A 1 143 ? 6.641   -13.218 8.845   0.50 60.61 ? 143  HIS A C   1 
ATOM   1040 O  O   A HIS A 1 143 ? 7.310   -12.888 9.096   0.50 68.83 ? 143  HIS A O   1 
ATOM   1041 O  O   B HIS A 1 143 ? 7.372   -14.156 9.158   0.50 57.84 ? 143  HIS A O   1 
ATOM   1042 C  CB  A HIS A 1 143 ? 4.162   -13.488 7.278   0.50 58.39 ? 143  HIS A CB  1 
ATOM   1043 C  CB  B HIS A 1 143 ? 4.775   -12.836 7.213   0.50 57.86 ? 143  HIS A CB  1 
ATOM   1044 C  CG  A HIS A 1 143 ? 3.051   -14.497 7.327   0.50 56.29 ? 143  HIS A CG  1 
ATOM   1045 C  CG  B HIS A 1 143 ? 5.703   -13.232 6.109   0.50 56.69 ? 143  HIS A CG  1 
ATOM   1046 N  ND1 A HIS A 1 143 ? 1.986   -14.390 8.198   0.50 54.26 ? 143  HIS A ND1 1 
ATOM   1047 N  ND1 B HIS A 1 143 ? 5.497   -14.349 5.324   0.50 56.44 ? 143  HIS A ND1 1 
ATOM   1048 C  CD2 A HIS A 1 143 ? 2.833   -15.621 6.603   0.50 54.91 ? 143  HIS A CD2 1 
ATOM   1049 C  CD2 B HIS A 1 143 ? 6.860   -12.676 5.677   0.50 55.35 ? 143  HIS A CD2 1 
ATOM   1050 C  CE1 A HIS A 1 143 ? 1.163   -15.408 8.012   0.50 53.42 ? 143  HIS A CE1 1 
ATOM   1051 C  CE1 B HIS A 1 143 ? 6.479   -14.455 4.446   0.50 54.94 ? 143  HIS A CE1 1 
ATOM   1052 N  NE2 A HIS A 1 143 ? 1.652   -16.167 7.047   0.50 54.18 ? 143  HIS A NE2 1 
ATOM   1053 N  NE2 B HIS A 1 143 ? 7.320   -13.455 4.641   0.50 55.38 ? 143  HIS A NE2 1 
HETATM 1054 C  CAK . NDY B 2 .   ? -8.171  8.995   -2.910  1.00 67.76 ? 1144 NDY A CAK 1 
HETATM 1055 C  CAI . NDY B 2 .   ? -7.990  10.203  -2.222  1.00 70.74 ? 1144 NDY A CAI 1 
HETATM 1056 C  CAH . NDY B 2 .   ? -8.559  11.413  -2.672  1.00 67.72 ? 1144 NDY A CAH 1 
HETATM 1057 C  CAJ . NDY B 2 .   ? -9.324  11.434  -3.830  1.00 65.24 ? 1144 NDY A CAJ 1 
HETATM 1058 C  CAL . NDY B 2 .   ? -9.494  10.235  -4.524  1.00 65.79 ? 1144 NDY A CAL 1 
HETATM 1059 C  CAQ . NDY B 2 .   ? -8.922  9.006   -4.099  1.00 63.34 ? 1144 NDY A CAQ 1 
HETATM 1060 C  CAM . NDY B 2 .   ? -9.215  7.808   -4.833  1.00 49.07 ? 1144 NDY A CAM 1 
HETATM 1061 C  CAR . NDY B 2 .   ? -8.086  6.999   -5.373  1.00 40.18 ? 1144 NDY A CAR 1 
HETATM 1062 O  OAC . NDY B 2 .   ? -6.918  7.440   -4.706  1.00 40.88 ? 1144 NDY A OAC 1 
HETATM 1063 C  CAP . NDY B 2 .   ? -8.365  5.586   -5.236  1.00 31.83 ? 1144 NDY A CAP 1 
HETATM 1064 C  CAG . NDY B 2 .   ? -7.987  4.895   -4.080  1.00 29.24 ? 1144 NDY A CAG 1 
HETATM 1065 C  CAU . NDY B 2 .   ? -8.171  3.465   -3.876  1.00 30.24 ? 1144 NDY A CAU 1 
HETATM 1066 C  CAO . NDY B 2 .   ? -8.616  3.233   -2.500  1.00 28.29 ? 1144 NDY A CAO 1 
HETATM 1067 O  OAB . NDY B 2 .   ? -9.809  2.934   -2.224  1.00 30.49 ? 1144 NDY A OAB 1 
HETATM 1068 O  OAA . NDY B 2 .   ? -7.767  3.304   -1.605  1.00 27.82 ? 1144 NDY A OAA 1 
HETATM 1069 O  OAF . NDY B 2 .   ? -6.877  2.797   -4.083  1.00 30.88 ? 1144 NDY A OAF 1 
HETATM 1070 C  CAN . NDY B 2 .   ? -9.134  2.814   -4.890  1.00 27.47 ? 1144 NDY A CAN 1 
HETATM 1071 C  CAS . NDY B 2 .   ? -8.858  3.347   -6.275  1.00 28.99 ? 1144 NDY A CAS 1 
HETATM 1072 O  OAD . NDY B 2 .   ? -9.847  2.833   -7.263  1.00 27.28 ? 1144 NDY A OAD 1 
HETATM 1073 C  CAT . NDY B 2 .   ? -8.965  4.898   -6.333  1.00 29.95 ? 1144 NDY A CAT 1 
HETATM 1074 O  OAE . NDY B 2 .   ? -8.306  5.198   -7.576  1.00 30.73 ? 1144 NDY A OAE 1 
HETATM 1075 S  S   . SO4 C 3 .   ? 7.162   12.642  -13.129 0.33 77.52 ? 1145 SO4 A S   1 
HETATM 1076 O  O1  . SO4 C 3 .   ? 6.580   13.480  -14.198 0.33 81.04 ? 1145 SO4 A O1  1 
HETATM 1077 O  O2  . SO4 C 3 .   ? 6.107   12.276  -12.161 0.33 78.19 ? 1145 SO4 A O2  1 
HETATM 1078 O  O3  . SO4 C 3 .   ? 7.694   11.405  -13.731 0.33 78.22 ? 1145 SO4 A O3  1 
HETATM 1079 O  O4  . SO4 C 3 .   ? 8.251   13.397  -12.445 0.33 76.23 ? 1145 SO4 A O4  1 
HETATM 1080 CL CL  . CL  D 4 .   ? -3.993  -8.804  -14.569 1.00 32.21 ? 1146 CL  A CL  1 
HETATM 1081 NA NA  . NA  E 5 .   ? 7.237   -11.389 -6.315  1.00 43.63 ? 1147 NA  A NA  1 
HETATM 1082 NA NA  . NA  F 5 .   ? 12.718  1.368   3.759   1.00 48.36 ? 1148 NA  A NA  1 
HETATM 1083 NA NA  . NA  G 5 .   ? -10.935 1.777   9.208   1.00 45.94 ? 1149 NA  A NA  1 
HETATM 1084 O  O   . HOH H 6 .   ? 12.266  -5.619  6.444   1.00 47.88 ? 2001 HOH A O   1 
HETATM 1085 O  O   . HOH H 6 .   ? 11.456  1.767   -0.411  1.00 34.33 ? 2002 HOH A O   1 
HETATM 1086 O  O   . HOH H 6 .   ? -1.662  15.751  -2.262  1.00 22.68 ? 2003 HOH A O   1 
HETATM 1087 O  O   . HOH H 6 .   ? -5.974  7.822   -7.503  1.00 31.18 ? 2004 HOH A O   1 
HETATM 1088 O  O   . HOH H 6 .   ? -2.097  13.148  -3.439  1.00 27.44 ? 2005 HOH A O   1 
HETATM 1089 O  O   . HOH H 6 .   ? -8.165  13.297  -5.425  1.00 52.57 ? 2006 HOH A O   1 
HETATM 1090 O  O   . HOH H 6 .   ? -4.301  14.310  3.518   1.00 26.65 ? 2007 HOH A O   1 
HETATM 1091 O  O   . HOH H 6 .   ? 4.771   11.733  5.871   1.00 42.32 ? 2008 HOH A O   1 
HETATM 1092 O  O   . HOH H 6 .   ? -2.928  18.496  -2.190  1.00 40.38 ? 2009 HOH A O   1 
HETATM 1093 O  O   . HOH H 6 .   ? -11.916 7.753   -6.249  1.00 46.76 ? 2010 HOH A O   1 
HETATM 1094 O  O   . HOH H 6 .   ? -9.571  9.582   5.577   1.00 44.12 ? 2011 HOH A O   1 
HETATM 1095 O  O   . HOH H 6 .   ? -13.411 8.798   8.320   1.00 49.05 ? 2012 HOH A O   1 
HETATM 1096 O  O   . HOH H 6 .   ? 5.419   14.550  -7.698  1.00 49.51 ? 2013 HOH A O   1 
HETATM 1097 O  O   . HOH H 6 .   ? 3.040   8.910   -15.324 0.33 41.35 ? 2014 HOH A O   1 
HETATM 1098 O  O   . HOH H 6 .   ? -2.010  15.136  5.596   1.00 28.36 ? 2015 HOH A O   1 
HETATM 1099 O  O   . HOH H 6 .   ? 1.681   12.833  4.888   1.00 32.57 ? 2016 HOH A O   1 
HETATM 1100 O  O   . HOH H 6 .   ? 2.423   12.147  10.497  1.00 32.96 ? 2017 HOH A O   1 
HETATM 1101 O  O   . HOH H 6 .   ? -2.193  3.269   15.426  1.00 46.71 ? 2018 HOH A O   1 
HETATM 1102 O  O   . HOH H 6 .   ? 7.197   6.652   8.218   1.00 39.50 ? 2019 HOH A O   1 
HETATM 1103 O  O   . HOH H 6 .   ? -2.116  4.182   -18.068 0.33 25.30 ? 2020 HOH A O   1 
HETATM 1104 O  O   . HOH H 6 .   ? -3.624  -4.506  13.370  1.00 54.60 ? 2021 HOH A O   1 
HETATM 1105 O  O   . HOH H 6 .   ? 4.617   -8.802  16.450  1.00 43.25 ? 2022 HOH A O   1 
HETATM 1106 O  O   . HOH H 6 .   ? -11.944 -3.840  -16.173 1.00 40.78 ? 2023 HOH A O   1 
HETATM 1107 O  O   . HOH H 6 .   ? -15.437 9.775   -8.237  1.00 41.19 ? 2024 HOH A O   1 
HETATM 1108 O  O   . HOH H 6 .   ? 4.360   9.732   4.049   1.00 39.73 ? 2025 HOH A O   1 
HETATM 1109 O  O   . HOH H 6 .   ? 12.299  8.957   -0.497  1.00 50.94 ? 2026 HOH A O   1 
HETATM 1110 O  O   . HOH H 6 .   ? 5.918   10.928  1.285   1.00 34.79 ? 2027 HOH A O   1 
HETATM 1111 O  O   . HOH H 6 .   ? 1.927   13.358  0.539   1.00 36.80 ? 2028 HOH A O   1 
HETATM 1112 O  O   . HOH H 6 .   ? 1.824   14.118  -3.218  1.00 43.22 ? 2029 HOH A O   1 
HETATM 1113 O  O   . HOH H 6 .   ? 6.734   12.977  -5.293  1.00 31.91 ? 2030 HOH A O   1 
HETATM 1114 O  O   . HOH H 6 .   ? 3.456   13.633  -5.184  1.00 31.58 ? 2031 HOH A O   1 
HETATM 1115 O  O   . HOH H 6 .   ? 2.614   9.791   -12.280 1.00 35.09 ? 2032 HOH A O   1 
HETATM 1116 O  O   . HOH H 6 .   ? 5.945   9.480   -13.318 1.00 28.46 ? 2033 HOH A O   1 
HETATM 1117 O  O   . HOH H 6 .   ? 1.611   3.455   -16.331 1.00 31.08 ? 2034 HOH A O   1 
HETATM 1118 O  O   . HOH H 6 .   ? 0.414   6.353   -14.854 1.00 46.59 ? 2035 HOH A O   1 
HETATM 1119 O  O   . HOH H 6 .   ? 3.609   6.692   -15.920 1.00 51.02 ? 2036 HOH A O   1 
HETATM 1120 O  O   . HOH H 6 .   ? 12.118  5.644   -10.629 1.00 27.22 ? 2037 HOH A O   1 
HETATM 1121 O  O   . HOH H 6 .   ? 11.249  10.119  -9.087  1.00 44.55 ? 2038 HOH A O   1 
HETATM 1122 O  O   . HOH H 6 .   ? 13.581  8.219   -4.422  1.00 42.38 ? 2039 HOH A O   1 
HETATM 1123 O  O   . HOH H 6 .   ? 14.968  3.301   -9.359  1.00 40.45 ? 2040 HOH A O   1 
HETATM 1124 O  O   . HOH H 6 .   ? 11.274  -3.202  -8.523  1.00 37.16 ? 2041 HOH A O   1 
HETATM 1125 O  O   . HOH H 6 .   ? 16.011  0.614   0.896   1.00 40.97 ? 2042 HOH A O   1 
HETATM 1126 O  O   . HOH H 6 .   ? 13.451  0.205   0.734   1.00 37.38 ? 2043 HOH A O   1 
HETATM 1127 O  O   . HOH H 6 .   ? 17.098  -0.746  -1.398  1.00 37.05 ? 2044 HOH A O   1 
HETATM 1128 O  O   . HOH H 6 .   ? 14.162  7.525   -1.476  1.00 46.38 ? 2045 HOH A O   1 
HETATM 1129 O  O   . HOH H 6 .   ? 10.999  -7.083  -1.482  1.00 25.56 ? 2046 HOH A O   1 
HETATM 1130 O  O   . HOH H 6 .   ? 13.340  -8.369  -3.037  1.00 50.26 ? 2047 HOH A O   1 
HETATM 1131 O  O   . HOH H 6 .   ? -3.149  -0.890  -4.198  1.00 30.87 ? 2048 HOH A O   1 
HETATM 1132 O  O   . HOH H 6 .   ? -4.379  5.936   -13.579 1.00 22.38 ? 2049 HOH A O   1 
HETATM 1133 O  O   . HOH H 6 .   ? -0.625  -1.300  -11.195 1.00 27.07 ? 2050 HOH A O   1 
HETATM 1134 O  O   . HOH H 6 .   ? -7.594  -2.578  -15.522 1.00 32.84 ? 2051 HOH A O   1 
HETATM 1135 O  O   . HOH H 6 .   ? -1.118  4.094   -15.530 1.00 27.75 ? 2052 HOH A O   1 
HETATM 1136 O  O   . HOH H 6 .   ? -3.549  0.287   -18.571 1.00 35.52 ? 2053 HOH A O   1 
HETATM 1137 O  O   . HOH H 6 .   ? -2.449  -11.638 -14.580 1.00 36.76 ? 2054 HOH A O   1 
HETATM 1138 O  O   . HOH H 6 .   ? 9.132   -7.557  -13.246 1.00 35.29 ? 2055 HOH A O   1 
HETATM 1139 O  O   . HOH H 6 .   ? 5.815   -9.480  -5.779  1.00 34.89 ? 2056 HOH A O   1 
HETATM 1140 O  O   . HOH H 6 .   ? 9.154   -11.800 -6.924  1.00 42.14 ? 2057 HOH A O   1 
HETATM 1141 O  O   . HOH H 6 .   ? 6.121   -10.411 -3.254  1.00 30.52 ? 2058 HOH A O   1 
HETATM 1142 O  O   . HOH H 6 .   ? 7.340   -13.018 0.003   1.00 41.67 ? 2059 HOH A O   1 
HETATM 1143 O  O   . HOH H 6 .   ? -7.880  -4.293  -5.854  1.00 32.03 ? 2060 HOH A O   1 
HETATM 1144 O  O   . HOH H 6 .   ? -9.052  -1.370  3.695   1.00 19.60 ? 2061 HOH A O   1 
HETATM 1145 O  O   . HOH H 6 .   ? -14.043 2.371   3.317   1.00 36.25 ? 2062 HOH A O   1 
HETATM 1146 O  O   . HOH H 6 .   ? -16.272 1.709   -0.281  1.00 37.90 ? 2063 HOH A O   1 
HETATM 1147 O  O   . HOH H 6 .   ? -16.380 -1.241  -8.419  1.00 34.99 ? 2064 HOH A O   1 
HETATM 1148 O  O   . HOH H 6 .   ? -19.779 -2.459  -8.430  1.00 39.17 ? 2065 HOH A O   1 
HETATM 1149 O  O   . HOH H 6 .   ? -15.148 -9.236  -8.264  1.00 28.95 ? 2066 HOH A O   1 
HETATM 1150 O  O   . HOH H 6 .   ? -13.001 -9.770  -4.531  1.00 31.88 ? 2067 HOH A O   1 
HETATM 1151 O  O   . HOH H 6 .   ? -10.294 -8.248  -4.070  0.50 20.66 ? 2068 HOH A O   1 
HETATM 1152 O  O   . HOH H 6 .   ? -20.232 2.518   -3.320  1.00 49.16 ? 2069 HOH A O   1 
HETATM 1153 O  O   . HOH H 6 .   ? -19.102 0.811   -14.279 1.00 38.72 ? 2070 HOH A O   1 
HETATM 1154 O  O   . HOH H 6 .   ? -16.663 0.987   -15.693 1.00 33.23 ? 2071 HOH A O   1 
HETATM 1155 O  O   . HOH H 6 .   ? -13.265 -4.836  -14.204 1.00 39.12 ? 2072 HOH A O   1 
HETATM 1156 O  O   . HOH H 6 .   ? -19.755 -3.831  -11.113 1.00 45.16 ? 2073 HOH A O   1 
HETATM 1157 O  O   . HOH H 6 .   ? -16.528 -7.443  -12.341 1.00 44.20 ? 2074 HOH A O   1 
HETATM 1158 O  O   . HOH H 6 .   ? -10.374 -1.719  -15.364 1.00 25.26 ? 2075 HOH A O   1 
HETATM 1159 O  O   . HOH H 6 .   ? -9.497  -4.005  -8.372  1.00 26.54 ? 2076 HOH A O   1 
HETATM 1160 O  O   . HOH H 6 .   ? -13.977 8.952   -10.452 1.00 36.16 ? 2077 HOH A O   1 
HETATM 1161 O  O   . HOH H 6 .   ? -12.019 -8.538  -9.799  0.50 44.61 ? 2078 HOH A O   1 
HETATM 1162 O  O   . HOH H 6 .   ? -9.705  -6.991  -8.249  1.00 34.97 ? 2079 HOH A O   1 
HETATM 1163 O  O   . HOH H 6 .   ? -10.440 -8.558  -12.366 1.00 41.55 ? 2080 HOH A O   1 
HETATM 1164 O  O   . HOH H 6 .   ? -12.588 -7.110  -13.788 1.00 42.25 ? 2081 HOH A O   1 
HETATM 1165 O  O   . HOH H 6 .   ? -5.162  -8.398  -17.232 1.00 38.98 ? 2082 HOH A O   1 
HETATM 1166 O  O   . HOH H 6 .   ? 0.083   -14.491 -10.577 1.00 42.18 ? 2083 HOH A O   1 
HETATM 1167 O  O   . HOH H 6 .   ? 0.524   -13.438 -6.144  1.00 39.04 ? 2084 HOH A O   1 
HETATM 1168 O  O   . HOH H 6 .   ? 4.775   -11.906 -7.159  1.00 48.37 ? 2085 HOH A O   1 
HETATM 1169 O  O   . HOH H 6 .   ? -0.790  -15.358 -1.662  1.00 30.56 ? 2086 HOH A O   1 
HETATM 1170 O  O   . HOH H 6 .   ? -9.443  -8.106  -1.248  0.50 26.39 ? 2087 HOH A O   1 
HETATM 1171 O  O   . HOH H 6 .   ? -14.899 0.052   6.079   1.00 38.74 ? 2088 HOH A O   1 
HETATM 1172 O  O   . HOH H 6 .   ? -11.144 4.516   7.309   1.00 38.48 ? 2089 HOH A O   1 
HETATM 1173 O  O   . HOH H 6 .   ? -5.867  -3.449  13.766  1.00 32.77 ? 2090 HOH A O   1 
HETATM 1174 O  O   . HOH H 6 .   ? 3.563   -13.961 3.443   1.00 52.02 ? 2091 HOH A O   1 
HETATM 1175 O  O   . HOH H 6 .   ? 14.355  2.041   5.786   1.00 42.46 ? 2092 HOH A O   1 
# 
loop_
_pdbx_poly_seq_scheme.asym_id 
_pdbx_poly_seq_scheme.entity_id 
_pdbx_poly_seq_scheme.seq_id 
_pdbx_poly_seq_scheme.mon_id 
_pdbx_poly_seq_scheme.ndb_seq_num 
_pdbx_poly_seq_scheme.pdb_seq_num 
_pdbx_poly_seq_scheme.auth_seq_num 
_pdbx_poly_seq_scheme.pdb_mon_id 
_pdbx_poly_seq_scheme.auth_mon_id 
_pdbx_poly_seq_scheme.pdb_strand_id 
_pdbx_poly_seq_scheme.pdb_ins_code 
_pdbx_poly_seq_scheme.hetero 
A 1 1   SER 1   1   ?   ?   ?   A . n 
A 1 2   GLU 2   2   ?   ?   ?   A . n 
A 1 3   LEU 3   3   3   LEU LEU A . n 
A 1 4   ILE 4   4   4   ILE ILE A . n 
A 1 5   VAL 5   5   5   VAL VAL A . n 
A 1 6   ASN 6   6   6   ASN ASN A . n 
A 1 7   VAL 7   7   7   VAL VAL A . n 
A 1 8   ILE 8   8   8   ILE ILE A . n 
A 1 9   ASN 9   9   9   ASN ASN A . n 
A 1 10  GLY 10  10  10  GLY GLY A . n 
A 1 11  PRO 11  11  11  PRO PRO A . n 
A 1 12  ASN 12  12  12  ASN ASN A . n 
A 1 13  LEU 13  13  13  LEU LEU A . n 
A 1 14  GLY 14  14  14  GLY GLY A . n 
A 1 15  ARG 15  15  15  ARG ARG A . n 
A 1 16  LEU 16  16  16  LEU LEU A . n 
A 1 17  GLY 17  17  17  GLY GLY A . n 
A 1 18  ARG 18  18  18  ARG ARG A . n 
A 1 19  ARG 19  19  ?   ?   ?   A . n 
A 1 20  GLU 20  20  ?   ?   ?   A . n 
A 1 21  PRO 21  21  ?   ?   ?   A . n 
A 1 22  ALA 22  22  ?   ?   ?   A . n 
A 1 23  VAL 23  23  ?   ?   ?   A . n 
A 1 24  TYR 24  24  24  TYR TYR A . n 
A 1 25  GLY 25  25  25  GLY GLY A . n 
A 1 26  GLY 26  26  26  GLY GLY A . n 
A 1 27  THR 27  27  27  THR THR A . n 
A 1 28  THR 28  28  28  THR THR A . n 
A 1 29  HIS 29  29  29  HIS HIS A . n 
A 1 30  ASP 30  30  30  ASP ASP A . n 
A 1 31  GLU 31  31  31  GLU GLU A . n 
A 1 32  LEU 32  32  32  LEU LEU A . n 
A 1 33  VAL 33  33  33  VAL VAL A . n 
A 1 34  ALA 34  34  34  ALA ALA A . n 
A 1 35  LEU 35  35  35  LEU LEU A . n 
A 1 36  ILE 36  36  36  ILE ILE A . n 
A 1 37  GLU 37  37  37  GLU GLU A . n 
A 1 38  ARG 38  38  38  ARG ARG A . n 
A 1 39  GLU 39  39  39  GLU GLU A . n 
A 1 40  ALA 40  40  40  ALA ALA A . n 
A 1 41  ALA 41  41  41  ALA ALA A . n 
A 1 42  GLU 42  42  42  GLU GLU A . n 
A 1 43  LEU 43  43  43  LEU LEU A . n 
A 1 44  GLY 44  44  44  GLY GLY A . n 
A 1 45  LEU 45  45  45  LEU LEU A . n 
A 1 46  LYS 46  46  46  LYS LYS A . n 
A 1 47  ALA 47  47  47  ALA ALA A . n 
A 1 48  VAL 48  48  48  VAL VAL A . n 
A 1 49  VAL 49  49  49  VAL VAL A . n 
A 1 50  ARG 50  50  50  ARG ARG A . n 
A 1 51  GLN 51  51  51  GLN GLN A . n 
A 1 52  SER 52  52  52  SER SER A . n 
A 1 53  ASP 53  53  53  ASP ASP A . n 
A 1 54  SER 54  54  54  SER SER A . n 
A 1 55  GLU 55  55  55  GLU GLU A . n 
A 1 56  ALA 56  56  56  ALA ALA A . n 
A 1 57  GLN 57  57  57  GLN GLN A . n 
A 1 58  LEU 58  58  58  LEU LEU A . n 
A 1 59  LEU 59  59  59  LEU LEU A . n 
A 1 60  ASP 60  60  60  ASP ASP A . n 
A 1 61  TRP 61  61  61  TRP TRP A . n 
A 1 62  ILE 62  62  62  ILE ILE A . n 
A 1 63  HIS 63  63  63  HIS HIS A . n 
A 1 64  GLN 64  64  64  GLN GLN A . n 
A 1 65  ALA 65  65  65  ALA ALA A . n 
A 1 66  ALA 66  66  66  ALA ALA A . n 
A 1 67  ASP 67  67  67  ASP ASP A . n 
A 1 68  ALA 68  68  68  ALA ALA A . n 
A 1 69  ALA 69  69  69  ALA ALA A . n 
A 1 70  GLU 70  70  70  GLU GLU A . n 
A 1 71  PRO 71  71  71  PRO PRO A . n 
A 1 72  VAL 72  72  72  VAL VAL A . n 
A 1 73  ILE 73  73  73  ILE ILE A . n 
A 1 74  LEU 74  74  74  LEU LEU A . n 
A 1 75  ASN 75  75  75  ASN ASN A . n 
A 1 76  ALA 76  76  76  ALA ALA A . n 
A 1 77  GLY 77  77  77  GLY GLY A . n 
A 1 78  GLY 78  78  78  GLY GLY A . n 
A 1 79  LEU 79  79  79  LEU LEU A . n 
A 1 80  THR 80  80  80  THR THR A . n 
A 1 81  HIS 81  81  81  HIS HIS A . n 
A 1 82  THR 82  82  82  THR THR A . n 
A 1 83  SER 83  83  83  SER SER A . n 
A 1 84  VAL 84  84  84  VAL VAL A . n 
A 1 85  ALA 85  85  85  ALA ALA A . n 
A 1 86  LEU 86  86  86  LEU LEU A . n 
A 1 87  ARG 87  87  87  ARG ARG A . n 
A 1 88  ASP 88  88  88  ASP ASP A . n 
A 1 89  ALA 89  89  89  ALA ALA A . n 
A 1 90  CYS 90  90  90  CYS CYS A . n 
A 1 91  ALA 91  91  91  ALA ALA A . n 
A 1 92  GLU 92  92  92  GLU GLU A . n 
A 1 93  LEU 93  93  93  LEU LEU A . n 
A 1 94  SER 94  94  94  SER SER A . n 
A 1 95  ALA 95  95  95  ALA ALA A . n 
A 1 96  PRO 96  96  96  PRO PRO A . n 
A 1 97  LEU 97  97  97  LEU LEU A . n 
A 1 98  ILE 98  98  98  ILE ILE A . n 
A 1 99  GLU 99  99  99  GLU GLU A . n 
A 1 100 VAL 100 100 100 VAL VAL A . n 
A 1 101 HIS 101 101 101 HIS HIS A . n 
A 1 102 ILE 102 102 102 ILE ILE A . n 
A 1 103 SER 103 103 103 SER SER A . n 
A 1 104 ASN 104 104 104 ASN ASN A . n 
A 1 105 VAL 105 105 105 VAL VAL A . n 
A 1 106 HIS 106 106 106 HIS HIS A . n 
A 1 107 ALA 107 107 107 ALA ALA A . n 
A 1 108 ARG 108 108 108 ARG ARG A . n 
A 1 109 GLU 109 109 109 GLU GLU A . n 
A 1 110 GLU 110 110 110 GLU GLU A . n 
A 1 111 PHE 111 111 111 PHE PHE A . n 
A 1 112 ARG 112 112 112 ARG ARG A . n 
A 1 113 ARG 113 113 113 ARG ARG A . n 
A 1 114 HIS 114 114 114 HIS HIS A . n 
A 1 115 SER 115 115 115 SER SER A . n 
A 1 116 TYR 116 116 116 TYR TYR A . n 
A 1 117 LEU 117 117 117 LEU LEU A . n 
A 1 118 SER 118 118 118 SER SER A . n 
A 1 119 PRO 119 119 119 PRO PRO A . n 
A 1 120 ILE 120 120 120 ILE ILE A . n 
A 1 121 ALA 121 121 121 ALA ALA A . n 
A 1 122 THR 122 122 122 THR THR A . n 
A 1 123 GLY 123 123 123 GLY GLY A . n 
A 1 124 VAL 124 124 124 VAL VAL A . n 
A 1 125 ILE 125 125 125 ILE ILE A . n 
A 1 126 VAL 126 126 126 VAL VAL A . n 
A 1 127 GLY 127 127 127 GLY GLY A . n 
A 1 128 LEU 128 128 128 LEU LEU A . n 
A 1 129 GLY 129 129 129 GLY GLY A . n 
A 1 130 ILE 130 130 130 ILE ILE A . n 
A 1 131 GLN 131 131 131 GLN GLN A . n 
A 1 132 GLY 132 132 132 GLY GLY A . n 
A 1 133 TYR 133 133 133 TYR TYR A . n 
A 1 134 LEU 134 134 134 LEU LEU A . n 
A 1 135 LEU 135 135 135 LEU LEU A . n 
A 1 136 ALA 136 136 136 ALA ALA A . n 
A 1 137 LEU 137 137 137 LEU LEU A . n 
A 1 138 ARG 138 138 138 ARG ARG A . n 
A 1 139 TYR 139 139 139 TYR TYR A . n 
A 1 140 LEU 140 140 140 LEU LEU A . n 
A 1 141 ALA 141 141 141 ALA ALA A . n 
A 1 142 GLU 142 142 142 GLU GLU A . n 
A 1 143 HIS 143 143 143 HIS HIS A . n 
A 1 144 VAL 144 144 ?   ?   ?   A . n 
A 1 145 GLY 145 145 ?   ?   ?   A . n 
A 1 146 THR 146 146 ?   ?   ?   A . n 
# 
loop_
_pdbx_nonpoly_scheme.asym_id 
_pdbx_nonpoly_scheme.entity_id 
_pdbx_nonpoly_scheme.mon_id 
_pdbx_nonpoly_scheme.ndb_seq_num 
_pdbx_nonpoly_scheme.pdb_seq_num 
_pdbx_nonpoly_scheme.auth_seq_num 
_pdbx_nonpoly_scheme.pdb_mon_id 
_pdbx_nonpoly_scheme.auth_mon_id 
_pdbx_nonpoly_scheme.pdb_strand_id 
_pdbx_nonpoly_scheme.pdb_ins_code 
B 2 NDY 1  1144 1144 NDY NDY A . 
C 3 SO4 1  1145 1145 SO4 SO4 A . 
D 4 CL  1  1146 1146 CL  CL  A . 
E 5 NA  1  1147 1147 NA  NA  A . 
F 5 NA  1  1148 1148 NA  NA  A . 
G 5 NA  1  1149 1149 NA  NA  A . 
H 6 HOH 1  2001 2001 HOH HOH A . 
H 6 HOH 2  2002 2002 HOH HOH A . 
H 6 HOH 3  2003 2003 HOH HOH A . 
H 6 HOH 4  2004 2004 HOH HOH A . 
H 6 HOH 5  2005 2005 HOH HOH A . 
H 6 HOH 6  2006 2006 HOH HOH A . 
H 6 HOH 7  2007 2007 HOH HOH A . 
H 6 HOH 8  2008 2008 HOH HOH A . 
H 6 HOH 9  2009 2009 HOH HOH A . 
H 6 HOH 10 2010 2010 HOH HOH A . 
H 6 HOH 11 2011 2011 HOH HOH A . 
H 6 HOH 12 2012 2012 HOH HOH A . 
H 6 HOH 13 2013 2013 HOH HOH A . 
H 6 HOH 14 2014 2014 HOH HOH A . 
H 6 HOH 15 2015 2015 HOH HOH A . 
H 6 HOH 16 2016 2016 HOH HOH A . 
H 6 HOH 17 2017 2017 HOH HOH A . 
H 6 HOH 18 2018 2018 HOH HOH A . 
H 6 HOH 19 2019 2019 HOH HOH A . 
H 6 HOH 20 2020 2020 HOH HOH A . 
H 6 HOH 21 2021 2021 HOH HOH A . 
H 6 HOH 22 2022 2022 HOH HOH A . 
H 6 HOH 23 2023 2023 HOH HOH A . 
H 6 HOH 24 2024 2024 HOH HOH A . 
H 6 HOH 25 2025 2025 HOH HOH A . 
H 6 HOH 26 2026 2026 HOH HOH A . 
H 6 HOH 27 2027 2027 HOH HOH A . 
H 6 HOH 28 2028 2028 HOH HOH A . 
H 6 HOH 29 2029 2029 HOH HOH A . 
H 6 HOH 30 2030 2030 HOH HOH A . 
H 6 HOH 31 2031 2031 HOH HOH A . 
H 6 HOH 32 2032 2032 HOH HOH A . 
H 6 HOH 33 2033 2033 HOH HOH A . 
H 6 HOH 34 2034 2034 HOH HOH A . 
H 6 HOH 35 2035 2035 HOH HOH A . 
H 6 HOH 36 2036 2036 HOH HOH A . 
H 6 HOH 37 2037 2037 HOH HOH A . 
H 6 HOH 38 2038 2038 HOH HOH A . 
H 6 HOH 39 2039 2039 HOH HOH A . 
H 6 HOH 40 2040 2040 HOH HOH A . 
H 6 HOH 41 2041 2041 HOH HOH A . 
H 6 HOH 42 2042 2042 HOH HOH A . 
H 6 HOH 43 2043 2043 HOH HOH A . 
H 6 HOH 44 2044 2044 HOH HOH A . 
H 6 HOH 45 2045 2045 HOH HOH A . 
H 6 HOH 46 2046 2046 HOH HOH A . 
H 6 HOH 47 2047 2047 HOH HOH A . 
H 6 HOH 48 2048 2048 HOH HOH A . 
H 6 HOH 49 2049 2049 HOH HOH A . 
H 6 HOH 50 2050 2050 HOH HOH A . 
H 6 HOH 51 2051 2051 HOH HOH A . 
H 6 HOH 52 2052 2052 HOH HOH A . 
H 6 HOH 53 2053 2053 HOH HOH A . 
H 6 HOH 54 2054 2054 HOH HOH A . 
H 6 HOH 55 2055 2055 HOH HOH A . 
H 6 HOH 56 2056 2056 HOH HOH A . 
H 6 HOH 57 2057 2057 HOH HOH A . 
H 6 HOH 58 2058 2058 HOH HOH A . 
H 6 HOH 59 2059 2059 HOH HOH A . 
H 6 HOH 60 2060 2060 HOH HOH A . 
H 6 HOH 61 2061 2061 HOH HOH A . 
H 6 HOH 62 2062 2062 HOH HOH A . 
H 6 HOH 63 2063 2063 HOH HOH A . 
H 6 HOH 64 2064 2064 HOH HOH A . 
H 6 HOH 65 2065 2065 HOH HOH A . 
H 6 HOH 66 2066 2066 HOH HOH A . 
H 6 HOH 67 2067 2067 HOH HOH A . 
H 6 HOH 68 2068 2068 HOH HOH A . 
H 6 HOH 69 2069 2069 HOH HOH A . 
H 6 HOH 70 2070 2070 HOH HOH A . 
H 6 HOH 71 2071 2071 HOH HOH A . 
H 6 HOH 72 2072 2072 HOH HOH A . 
H 6 HOH 73 2073 2073 HOH HOH A . 
H 6 HOH 74 2074 2074 HOH HOH A . 
H 6 HOH 75 2075 2075 HOH HOH A . 
H 6 HOH 76 2076 2076 HOH HOH A . 
H 6 HOH 77 2077 2077 HOH HOH A . 
H 6 HOH 78 2078 2078 HOH HOH A . 
H 6 HOH 79 2079 2079 HOH HOH A . 
H 6 HOH 80 2080 2080 HOH HOH A . 
H 6 HOH 81 2081 2081 HOH HOH A . 
H 6 HOH 82 2082 2082 HOH HOH A . 
H 6 HOH 83 2083 2083 HOH HOH A . 
H 6 HOH 84 2084 2084 HOH HOH A . 
H 6 HOH 85 2085 2085 HOH HOH A . 
H 6 HOH 86 2086 2086 HOH HOH A . 
H 6 HOH 87 2087 2087 HOH HOH A . 
H 6 HOH 88 2088 2088 HOH HOH A . 
H 6 HOH 89 2089 2089 HOH HOH A . 
H 6 HOH 90 2090 2090 HOH HOH A . 
H 6 HOH 91 2091 2091 HOH HOH A . 
H 6 HOH 92 2092 2092 HOH HOH A . 
# 
_pdbx_struct_assembly.id                   1 
_pdbx_struct_assembly.details              author_and_software_defined_assembly 
_pdbx_struct_assembly.method_details       PISA 
_pdbx_struct_assembly.oligomeric_details   dodecameric 
_pdbx_struct_assembly.oligomeric_count     12 
# 
_pdbx_struct_assembly_gen.assembly_id       1 
_pdbx_struct_assembly_gen.oper_expression   1,2,3,4,5,6,7,8,9,10,11,12 
_pdbx_struct_assembly_gen.asym_id_list      A,B,C,D,E,F,G,H 
# 
loop_
_pdbx_struct_assembly_prop.biol_id 
_pdbx_struct_assembly_prop.type 
_pdbx_struct_assembly_prop.value 
_pdbx_struct_assembly_prop.details 
1 'ABSA (A^2)' 36680  ? 
1 MORE         -887.8 ? 
1 'SSA (A^2)'  49490  ? 
# 
loop_
_pdbx_struct_oper_list.id 
_pdbx_struct_oper_list.type 
_pdbx_struct_oper_list.name 
_pdbx_struct_oper_list.symmetry_operation 
_pdbx_struct_oper_list.matrix[1][1] 
_pdbx_struct_oper_list.matrix[1][2] 
_pdbx_struct_oper_list.matrix[1][3] 
_pdbx_struct_oper_list.vector[1] 
_pdbx_struct_oper_list.matrix[2][1] 
_pdbx_struct_oper_list.matrix[2][2] 
_pdbx_struct_oper_list.matrix[2][3] 
_pdbx_struct_oper_list.vector[2] 
_pdbx_struct_oper_list.matrix[3][1] 
_pdbx_struct_oper_list.matrix[3][2] 
_pdbx_struct_oper_list.matrix[3][3] 
_pdbx_struct_oper_list.vector[3] 
1  'identity operation'         1_555  x,y,z           1.0000000000  0.0000000000  0.0000000000  0.0000000000   0.0000000000  1.0000000000  0.0000000000  0.0000000000   0.0000000000  0.0000000000  1.0000000000  0.0000000000   
2  'crystal symmetry operation' 46_445 -y-1/2,z-1/2,-x -0.2382255698 0.2436460315  -0.9401516842 -42.9928209873 -0.9691913986 0.0027382538  0.2462935947  -19.3030405662 0.0625828309  0.9698603576  0.2354873159  -9.6899642109  
3  'crystal symmetry operation' 16_545 x,-y-1/2,-z+1/2 -0.9938004248 -0.1111153451 0.0037544402  -34.5939452003 -0.1111153451 0.9915267495  -0.0672910482 -3.6992065602  0.0037544402  -0.0672910482 -0.9977263247 -52.3568996174 
4  'crystal symmetry operation' 21_545 y,z-1/2,x+1/2   -0.3125962192 -0.3361633889 -0.8884130682 -48.3312059376 0.9441080874  -0.0069513073 -0.3295627384 -2.0296517327  0.1046112947  -0.9417780287 0.3195475265  -24.6858556749 
5  'crystal symmetry operation' 36_455 -y-1/2,-z,x+1/2 0.3446756727  -0.2387985089 0.9078402683  10.2408221823  -0.9387199450 -0.0896206810 0.3328257779  -17.4094776364 0.0018829636  -0.9669247156 -0.2550549917 -41.5514593801 
6  'crystal symmetry operation' 27_455 -x-1/2,y,-z+1/2 0.8278065791  0.0832346181  -0.5548047098 -16.5108224427 0.0832346181  -0.9962096637 -0.0252646854 -17.9258501446 -0.5548047098 -0.0252646854 -0.8315969154 -57.0843048390 
7  'crystal symmetry operation' 38_445 -x-1/2,-y-1/2,z -0.8340061543 0.0278807270  0.5510502696  -16.4079654255 0.0278807270  -0.9953170858 0.0925557336  -15.7972980428 0.5510502696  0.0925557336  0.8293232401  5.7418743989   
8  'crystal symmetry operation' 19_545 -z,-x-1/2,y+1/2 -0.2382255698 -0.9691913986 0.0625828309  -28.3439047685 0.2436460315  0.0027382538  0.9698603576  19.9257989952  -0.9401516842 0.2462935947  0.2354873159  -33.3836941459 
9  'crystal symmetry operation' 42_445 z-1/2,-x-1/2,-y 0.3446756727  -0.9387199450 0.0018829636  -19.7941462764 -0.2387985089 -0.0896206810 -0.9669247156 -39.2918892200 0.9078402683  0.3328257779  -0.2550549917 -14.1006149464 
10 'crystal symmetry operation' 29_455 z-1/2,x,y+1/2   -0.3125962192 0.9441080874  0.1046112947  -10.6095223065 -0.3361633889 -0.0069513073 -0.9417780287 -39.5098872037 -0.8884130682 -0.3295627384 0.3195475265  -35.7186684175 
11 'crystal symmetry operation' 11_555 y,-z,-x         0.2061461163  0.3313158663  0.9207244840  13.5704716741  0.9638032562  0.0938337345  -0.2495566341 1.3198151876   -0.1690770892 0.9388423867  -0.2999798508 -27.7720507916 
12 'crystal symmetry operation' 8_555  -z,x,-y         0.2061461163  0.9638032562  -0.1690770892 -8.7651597171  0.3313158663  0.0938337345  0.9388423867  21.4536226808  0.9207244840  -0.2495566341 -0.2999798508 -20.4963525477  
# 
loop_
_pdbx_struct_special_symmetry.id 
_pdbx_struct_special_symmetry.PDB_model_num 
_pdbx_struct_special_symmetry.auth_asym_id 
_pdbx_struct_special_symmetry.auth_comp_id 
_pdbx_struct_special_symmetry.auth_seq_id 
_pdbx_struct_special_symmetry.PDB_ins_code 
_pdbx_struct_special_symmetry.label_asym_id 
_pdbx_struct_special_symmetry.label_comp_id 
_pdbx_struct_special_symmetry.label_seq_id 
1 1 A SO4 1145 ? C SO4 . 
2 1 A SO4 1145 ? C SO4 . 
3 1 A HOH 2014 ? H HOH . 
4 1 A HOH 2020 ? H HOH . 
5 1 A HOH 2068 ? H HOH . 
6 1 A HOH 2078 ? H HOH . 
7 1 A HOH 2087 ? H HOH . 
# 
loop_
_pdbx_struct_conn_angle.id 
_pdbx_struct_conn_angle.ptnr1_label_atom_id 
_pdbx_struct_conn_angle.ptnr1_label_alt_id 
_pdbx_struct_conn_angle.ptnr1_label_asym_id 
_pdbx_struct_conn_angle.ptnr1_label_comp_id 
_pdbx_struct_conn_angle.ptnr1_label_seq_id 
_pdbx_struct_conn_angle.ptnr1_auth_atom_id 
_pdbx_struct_conn_angle.ptnr1_auth_asym_id 
_pdbx_struct_conn_angle.ptnr1_auth_comp_id 
_pdbx_struct_conn_angle.ptnr1_auth_seq_id 
_pdbx_struct_conn_angle.ptnr1_PDB_ins_code 
_pdbx_struct_conn_angle.ptnr1_symmetry 
_pdbx_struct_conn_angle.ptnr2_label_atom_id 
_pdbx_struct_conn_angle.ptnr2_label_alt_id 
_pdbx_struct_conn_angle.ptnr2_label_asym_id 
_pdbx_struct_conn_angle.ptnr2_label_comp_id 
_pdbx_struct_conn_angle.ptnr2_label_seq_id 
_pdbx_struct_conn_angle.ptnr2_auth_atom_id 
_pdbx_struct_conn_angle.ptnr2_auth_asym_id 
_pdbx_struct_conn_angle.ptnr2_auth_comp_id 
_pdbx_struct_conn_angle.ptnr2_auth_seq_id 
_pdbx_struct_conn_angle.ptnr2_PDB_ins_code 
_pdbx_struct_conn_angle.ptnr2_symmetry 
_pdbx_struct_conn_angle.ptnr3_label_atom_id 
_pdbx_struct_conn_angle.ptnr3_label_alt_id 
_pdbx_struct_conn_angle.ptnr3_label_asym_id 
_pdbx_struct_conn_angle.ptnr3_label_comp_id 
_pdbx_struct_conn_angle.ptnr3_label_seq_id 
_pdbx_struct_conn_angle.ptnr3_auth_atom_id 
_pdbx_struct_conn_angle.ptnr3_auth_asym_id 
_pdbx_struct_conn_angle.ptnr3_auth_comp_id 
_pdbx_struct_conn_angle.ptnr3_auth_seq_id 
_pdbx_struct_conn_angle.ptnr3_PDB_ins_code 
_pdbx_struct_conn_angle.ptnr3_symmetry 
_pdbx_struct_conn_angle.value 
_pdbx_struct_conn_angle.value_esd 
1  OD1 ? A ASN 6  ? A ASN 6    ? 1_555 NA ? F NA . ? A NA 1148 ? 1_555 OE1 ? A GLU 70 ? A GLU 70   ? 1_555 80.5  ? 
2  OD1 ? A ASN 6  ? A ASN 6    ? 1_555 NA ? F NA . ? A NA 1148 ? 1_555 O   ? H HOH .  ? A HOH 2092 ? 1_555 148.0 ? 
3  OE1 ? A GLU 70 ? A GLU 70   ? 1_555 NA ? F NA . ? A NA 1148 ? 1_555 O   ? H HOH .  ? A HOH 2092 ? 1_555 114.3 ? 
4  O   ? A ALA 91 ? A ALA 91   ? 1_555 NA ? E NA . ? A NA 1147 ? 1_555 O   ? A LEU 93 ? A LEU 93   ? 1_555 91.0  ? 
5  O   ? A ALA 91 ? A ALA 91   ? 1_555 NA ? E NA . ? A NA 1147 ? 1_555 O   ? H HOH .  ? A HOH 2056 ? 1_555 90.6  ? 
6  O   ? A LEU 93 ? A LEU 93   ? 1_555 NA ? E NA . ? A NA 1147 ? 1_555 O   ? H HOH .  ? A HOH 2056 ? 1_555 82.3  ? 
7  O   ? A ALA 91 ? A ALA 91   ? 1_555 NA ? E NA . ? A NA 1147 ? 1_555 O   ? H HOH .  ? A HOH 2057 ? 1_555 61.6  ? 
8  O   ? A LEU 93 ? A LEU 93   ? 1_555 NA ? E NA . ? A NA 1147 ? 1_555 O   ? H HOH .  ? A HOH 2057 ? 1_555 70.9  ? 
9  O   ? H HOH .  ? A HOH 2056 ? 1_555 NA ? E NA . ? A NA 1147 ? 1_555 O   ? H HOH .  ? A HOH 2057 ? 1_555 140.0 ? 
10 O   ? A ALA 91 ? A ALA 91   ? 1_555 NA ? E NA . ? A NA 1147 ? 1_555 O   ? H HOH .  ? A HOH 2085 ? 1_555 99.7  ? 
11 O   ? A LEU 93 ? A LEU 93   ? 1_555 NA ? E NA . ? A NA 1147 ? 1_555 O   ? H HOH .  ? A HOH 2085 ? 1_555 151.6 ? 
12 O   ? H HOH .  ? A HOH 2056 ? 1_555 NA ? E NA . ? A NA 1147 ? 1_555 O   ? H HOH .  ? A HOH 2085 ? 1_555 71.4  ? 
13 O   ? H HOH .  ? A HOH 2057 ? 1_555 NA ? E NA . ? A NA 1147 ? 1_555 O   ? H HOH .  ? A HOH 2085 ? 1_555 137.2 ? 
# 
loop_
_pdbx_audit_revision_history.ordinal 
_pdbx_audit_revision_history.data_content_type 
_pdbx_audit_revision_history.major_revision 
_pdbx_audit_revision_history.minor_revision 
_pdbx_audit_revision_history.revision_date 
1 'Structure model' 1 0 2014-04-16 
2 'Structure model' 1 1 2014-05-07 
3 'Structure model' 1 2 2018-01-24 
4 'Structure model' 1 3 2023-12-20 
# 
_pdbx_audit_revision_details.ordinal             1 
_pdbx_audit_revision_details.revision_ordinal    1 
_pdbx_audit_revision_details.data_content_type   'Structure model' 
_pdbx_audit_revision_details.provider            repository 
_pdbx_audit_revision_details.type                'Initial release' 
_pdbx_audit_revision_details.description         ? 
_pdbx_audit_revision_details.details             ? 
# 
loop_
_pdbx_audit_revision_group.ordinal 
_pdbx_audit_revision_group.revision_ordinal 
_pdbx_audit_revision_group.data_content_type 
_pdbx_audit_revision_group.group 
1 2 'Structure model' 'Database references'    
2 3 'Structure model' 'Database references'    
3 4 'Structure model' 'Data collection'        
4 4 'Structure model' 'Database references'    
5 4 'Structure model' 'Derived calculations'   
6 4 'Structure model' Other                    
7 4 'Structure model' 'Refinement description' 
# 
loop_
_pdbx_audit_revision_category.ordinal 
_pdbx_audit_revision_category.revision_ordinal 
_pdbx_audit_revision_category.data_content_type 
_pdbx_audit_revision_category.category 
1  3 'Structure model' citation                      
2  3 'Structure model' citation_author               
3  4 'Structure model' chem_comp_atom                
4  4 'Structure model' chem_comp_bond                
5  4 'Structure model' database_2                    
6  4 'Structure model' pdbx_database_status          
7  4 'Structure model' pdbx_initial_refinement_model 
8  4 'Structure model' pdbx_struct_conn_angle        
9  4 'Structure model' pdbx_struct_special_symmetry  
10 4 'Structure model' struct_conn                   
11 4 'Structure model' struct_site                   
# 
loop_
_pdbx_audit_revision_item.ordinal 
_pdbx_audit_revision_item.revision_ordinal 
_pdbx_audit_revision_item.data_content_type 
_pdbx_audit_revision_item.item 
1  3 'Structure model' '_citation.journal_abbrev'                    
2  3 'Structure model' '_citation.journal_id_ISSN'                   
3  3 'Structure model' '_citation.page_last'                         
4  3 'Structure model' '_citation.pdbx_database_id_DOI'              
5  3 'Structure model' '_citation.title'                             
6  3 'Structure model' '_citation_author.name'                       
7  4 'Structure model' '_database_2.pdbx_DOI'                        
8  4 'Structure model' '_database_2.pdbx_database_accession'         
9  4 'Structure model' '_pdbx_database_status.status_code_sf'        
10 4 'Structure model' '_pdbx_struct_conn_angle.ptnr1_auth_comp_id'  
11 4 'Structure model' '_pdbx_struct_conn_angle.ptnr1_auth_seq_id'   
12 4 'Structure model' '_pdbx_struct_conn_angle.ptnr1_label_asym_id' 
13 4 'Structure model' '_pdbx_struct_conn_angle.ptnr1_label_atom_id' 
14 4 'Structure model' '_pdbx_struct_conn_angle.ptnr1_label_comp_id' 
15 4 'Structure model' '_pdbx_struct_conn_angle.ptnr1_label_seq_id'  
16 4 'Structure model' '_pdbx_struct_conn_angle.ptnr2_auth_seq_id'   
17 4 'Structure model' '_pdbx_struct_conn_angle.ptnr2_label_asym_id' 
18 4 'Structure model' '_pdbx_struct_conn_angle.ptnr3_auth_comp_id'  
19 4 'Structure model' '_pdbx_struct_conn_angle.ptnr3_auth_seq_id'   
20 4 'Structure model' '_pdbx_struct_conn_angle.ptnr3_label_asym_id' 
21 4 'Structure model' '_pdbx_struct_conn_angle.ptnr3_label_atom_id' 
22 4 'Structure model' '_pdbx_struct_conn_angle.ptnr3_label_comp_id' 
23 4 'Structure model' '_pdbx_struct_conn_angle.ptnr3_label_seq_id'  
24 4 'Structure model' '_pdbx_struct_conn_angle.value'               
25 4 'Structure model' '_struct_conn.pdbx_dist_value'                
26 4 'Structure model' '_struct_conn.ptnr1_auth_comp_id'             
27 4 'Structure model' '_struct_conn.ptnr1_auth_seq_id'              
28 4 'Structure model' '_struct_conn.ptnr1_label_asym_id'            
29 4 'Structure model' '_struct_conn.ptnr1_label_atom_id'            
30 4 'Structure model' '_struct_conn.ptnr1_label_comp_id'            
31 4 'Structure model' '_struct_conn.ptnr1_label_seq_id'             
32 4 'Structure model' '_struct_conn.ptnr2_auth_comp_id'             
33 4 'Structure model' '_struct_conn.ptnr2_auth_seq_id'              
34 4 'Structure model' '_struct_conn.ptnr2_label_asym_id'            
35 4 'Structure model' '_struct_conn.ptnr2_label_atom_id'            
36 4 'Structure model' '_struct_conn.ptnr2_label_comp_id'            
37 4 'Structure model' '_struct_conn.ptnr2_label_seq_id'             
38 4 'Structure model' '_struct_site.pdbx_auth_asym_id'              
39 4 'Structure model' '_struct_site.pdbx_auth_comp_id'              
40 4 'Structure model' '_struct_site.pdbx_auth_seq_id'               
# 
loop_
_software.name 
_software.classification 
_software.version 
_software.citation_id 
_software.pdbx_ordinal 
REFMAC refinement       5.7.0029 ? 1 
XDS    'data reduction' .        ? 2 
XSCALE 'data scaling'   .        ? 3 
MOLREP phasing          .        ? 4 
# 
loop_
_pdbx_database_remark.id 
_pdbx_database_remark.text 
650 
;
HELIX
DETERMINATION METHOD: AUTHOR PROVIDED.
;
700 
;
SHEET
DETERMINATION METHOD: AUTHOR PROVIDED.
;
# 
_pdbx_validate_close_contact.id               1 
_pdbx_validate_close_contact.PDB_model_num    1 
_pdbx_validate_close_contact.auth_atom_id_1   OE2 
_pdbx_validate_close_contact.auth_asym_id_1   A 
_pdbx_validate_close_contact.auth_comp_id_1   GLU 
_pdbx_validate_close_contact.auth_seq_id_1    55 
_pdbx_validate_close_contact.PDB_ins_code_1   ? 
_pdbx_validate_close_contact.label_alt_id_1   ? 
_pdbx_validate_close_contact.auth_atom_id_2   OG 
_pdbx_validate_close_contact.auth_asym_id_2   A 
_pdbx_validate_close_contact.auth_comp_id_2   SER 
_pdbx_validate_close_contact.auth_seq_id_2    83 
_pdbx_validate_close_contact.PDB_ins_code_2   ? 
_pdbx_validate_close_contact.label_alt_id_2   ? 
_pdbx_validate_close_contact.dist             2.18 
# 
loop_
_pdbx_validate_torsion.id 
_pdbx_validate_torsion.PDB_model_num 
_pdbx_validate_torsion.auth_comp_id 
_pdbx_validate_torsion.auth_asym_id 
_pdbx_validate_torsion.auth_seq_id 
_pdbx_validate_torsion.PDB_ins_code 
_pdbx_validate_torsion.label_alt_id 
_pdbx_validate_torsion.phi 
_pdbx_validate_torsion.psi 
1 1 ASN A 12  ? ? 75.48   -9.58   
2 1 ARG A 108 ? ? -130.93 -138.36 
# 
loop_
_pdbx_unobs_or_zero_occ_residues.id 
_pdbx_unobs_or_zero_occ_residues.PDB_model_num 
_pdbx_unobs_or_zero_occ_residues.polymer_flag 
_pdbx_unobs_or_zero_occ_residues.occupancy_flag 
_pdbx_unobs_or_zero_occ_residues.auth_asym_id 
_pdbx_unobs_or_zero_occ_residues.auth_comp_id 
_pdbx_unobs_or_zero_occ_residues.auth_seq_id 
_pdbx_unobs_or_zero_occ_residues.PDB_ins_code 
_pdbx_unobs_or_zero_occ_residues.label_asym_id 
_pdbx_unobs_or_zero_occ_residues.label_comp_id 
_pdbx_unobs_or_zero_occ_residues.label_seq_id 
1  1 Y 1 A SER 1   ? A SER 1   
2  1 Y 1 A GLU 2   ? A GLU 2   
3  1 Y 1 A ARG 19  ? A ARG 19  
4  1 Y 1 A GLU 20  ? A GLU 20  
5  1 Y 1 A PRO 21  ? A PRO 21  
6  1 Y 1 A ALA 22  ? A ALA 22  
7  1 Y 1 A VAL 23  ? A VAL 23  
8  1 Y 1 A VAL 144 ? A VAL 144 
9  1 Y 1 A GLY 145 ? A GLY 145 
10 1 Y 1 A THR 146 ? A THR 146 
# 
loop_
_chem_comp_atom.comp_id 
_chem_comp_atom.atom_id 
_chem_comp_atom.type_symbol 
_chem_comp_atom.pdbx_aromatic_flag 
_chem_comp_atom.pdbx_stereo_config 
_chem_comp_atom.pdbx_ordinal 
ALA N    N  N N 1   
ALA CA   C  N S 2   
ALA C    C  N N 3   
ALA O    O  N N 4   
ALA CB   C  N N 5   
ALA OXT  O  N N 6   
ALA H    H  N N 7   
ALA H2   H  N N 8   
ALA HA   H  N N 9   
ALA HB1  H  N N 10  
ALA HB2  H  N N 11  
ALA HB3  H  N N 12  
ALA HXT  H  N N 13  
ARG N    N  N N 14  
ARG CA   C  N S 15  
ARG C    C  N N 16  
ARG O    O  N N 17  
ARG CB   C  N N 18  
ARG CG   C  N N 19  
ARG CD   C  N N 20  
ARG NE   N  N N 21  
ARG CZ   C  N N 22  
ARG NH1  N  N N 23  
ARG NH2  N  N N 24  
ARG OXT  O  N N 25  
ARG H    H  N N 26  
ARG H2   H  N N 27  
ARG HA   H  N N 28  
ARG HB2  H  N N 29  
ARG HB3  H  N N 30  
ARG HG2  H  N N 31  
ARG HG3  H  N N 32  
ARG HD2  H  N N 33  
ARG HD3  H  N N 34  
ARG HE   H  N N 35  
ARG HH11 H  N N 36  
ARG HH12 H  N N 37  
ARG HH21 H  N N 38  
ARG HH22 H  N N 39  
ARG HXT  H  N N 40  
ASN N    N  N N 41  
ASN CA   C  N S 42  
ASN C    C  N N 43  
ASN O    O  N N 44  
ASN CB   C  N N 45  
ASN CG   C  N N 46  
ASN OD1  O  N N 47  
ASN ND2  N  N N 48  
ASN OXT  O  N N 49  
ASN H    H  N N 50  
ASN H2   H  N N 51  
ASN HA   H  N N 52  
ASN HB2  H  N N 53  
ASN HB3  H  N N 54  
ASN HD21 H  N N 55  
ASN HD22 H  N N 56  
ASN HXT  H  N N 57  
ASP N    N  N N 58  
ASP CA   C  N S 59  
ASP C    C  N N 60  
ASP O    O  N N 61  
ASP CB   C  N N 62  
ASP CG   C  N N 63  
ASP OD1  O  N N 64  
ASP OD2  O  N N 65  
ASP OXT  O  N N 66  
ASP H    H  N N 67  
ASP H2   H  N N 68  
ASP HA   H  N N 69  
ASP HB2  H  N N 70  
ASP HB3  H  N N 71  
ASP HD2  H  N N 72  
ASP HXT  H  N N 73  
CL  CL   CL N N 74  
CYS N    N  N N 75  
CYS CA   C  N R 76  
CYS C    C  N N 77  
CYS O    O  N N 78  
CYS CB   C  N N 79  
CYS SG   S  N N 80  
CYS OXT  O  N N 81  
CYS H    H  N N 82  
CYS H2   H  N N 83  
CYS HA   H  N N 84  
CYS HB2  H  N N 85  
CYS HB3  H  N N 86  
CYS HG   H  N N 87  
CYS HXT  H  N N 88  
GLN N    N  N N 89  
GLN CA   C  N S 90  
GLN C    C  N N 91  
GLN O    O  N N 92  
GLN CB   C  N N 93  
GLN CG   C  N N 94  
GLN CD   C  N N 95  
GLN OE1  O  N N 96  
GLN NE2  N  N N 97  
GLN OXT  O  N N 98  
GLN H    H  N N 99  
GLN H2   H  N N 100 
GLN HA   H  N N 101 
GLN HB2  H  N N 102 
GLN HB3  H  N N 103 
GLN HG2  H  N N 104 
GLN HG3  H  N N 105 
GLN HE21 H  N N 106 
GLN HE22 H  N N 107 
GLN HXT  H  N N 108 
GLU N    N  N N 109 
GLU CA   C  N S 110 
GLU C    C  N N 111 
GLU O    O  N N 112 
GLU CB   C  N N 113 
GLU CG   C  N N 114 
GLU CD   C  N N 115 
GLU OE1  O  N N 116 
GLU OE2  O  N N 117 
GLU OXT  O  N N 118 
GLU H    H  N N 119 
GLU H2   H  N N 120 
GLU HA   H  N N 121 
GLU HB2  H  N N 122 
GLU HB3  H  N N 123 
GLU HG2  H  N N 124 
GLU HG3  H  N N 125 
GLU HE2  H  N N 126 
GLU HXT  H  N N 127 
GLY N    N  N N 128 
GLY CA   C  N N 129 
GLY C    C  N N 130 
GLY O    O  N N 131 
GLY OXT  O  N N 132 
GLY H    H  N N 133 
GLY H2   H  N N 134 
GLY HA2  H  N N 135 
GLY HA3  H  N N 136 
GLY HXT  H  N N 137 
HIS N    N  N N 138 
HIS CA   C  N S 139 
HIS C    C  N N 140 
HIS O    O  N N 141 
HIS CB   C  N N 142 
HIS CG   C  Y N 143 
HIS ND1  N  Y N 144 
HIS CD2  C  Y N 145 
HIS CE1  C  Y N 146 
HIS NE2  N  Y N 147 
HIS OXT  O  N N 148 
HIS H    H  N N 149 
HIS H2   H  N N 150 
HIS HA   H  N N 151 
HIS HB2  H  N N 152 
HIS HB3  H  N N 153 
HIS HD1  H  N N 154 
HIS HD2  H  N N 155 
HIS HE1  H  N N 156 
HIS HE2  H  N N 157 
HIS HXT  H  N N 158 
HOH O    O  N N 159 
HOH H1   H  N N 160 
HOH H2   H  N N 161 
ILE N    N  N N 162 
ILE CA   C  N S 163 
ILE C    C  N N 164 
ILE O    O  N N 165 
ILE CB   C  N S 166 
ILE CG1  C  N N 167 
ILE CG2  C  N N 168 
ILE CD1  C  N N 169 
ILE OXT  O  N N 170 
ILE H    H  N N 171 
ILE H2   H  N N 172 
ILE HA   H  N N 173 
ILE HB   H  N N 174 
ILE HG12 H  N N 175 
ILE HG13 H  N N 176 
ILE HG21 H  N N 177 
ILE HG22 H  N N 178 
ILE HG23 H  N N 179 
ILE HD11 H  N N 180 
ILE HD12 H  N N 181 
ILE HD13 H  N N 182 
ILE HXT  H  N N 183 
LEU N    N  N N 184 
LEU CA   C  N S 185 
LEU C    C  N N 186 
LEU O    O  N N 187 
LEU CB   C  N N 188 
LEU CG   C  N N 189 
LEU CD1  C  N N 190 
LEU CD2  C  N N 191 
LEU OXT  O  N N 192 
LEU H    H  N N 193 
LEU H2   H  N N 194 
LEU HA   H  N N 195 
LEU HB2  H  N N 196 
LEU HB3  H  N N 197 
LEU HG   H  N N 198 
LEU HD11 H  N N 199 
LEU HD12 H  N N 200 
LEU HD13 H  N N 201 
LEU HD21 H  N N 202 
LEU HD22 H  N N 203 
LEU HD23 H  N N 204 
LEU HXT  H  N N 205 
LYS N    N  N N 206 
LYS CA   C  N S 207 
LYS C    C  N N 208 
LYS O    O  N N 209 
LYS CB   C  N N 210 
LYS CG   C  N N 211 
LYS CD   C  N N 212 
LYS CE   C  N N 213 
LYS NZ   N  N N 214 
LYS OXT  O  N N 215 
LYS H    H  N N 216 
LYS H2   H  N N 217 
LYS HA   H  N N 218 
LYS HB2  H  N N 219 
LYS HB3  H  N N 220 
LYS HG2  H  N N 221 
LYS HG3  H  N N 222 
LYS HD2  H  N N 223 
LYS HD3  H  N N 224 
LYS HE2  H  N N 225 
LYS HE3  H  N N 226 
LYS HZ1  H  N N 227 
LYS HZ2  H  N N 228 
LYS HZ3  H  N N 229 
LYS HXT  H  N N 230 
NA  NA   NA N N 231 
NDY CAK  C  Y N 232 
NDY CAI  C  Y N 233 
NDY CAH  C  Y N 234 
NDY CAJ  C  Y N 235 
NDY CAL  C  Y N 236 
NDY CAQ  C  Y N 237 
NDY CAM  C  N N 238 
NDY CAR  C  N R 239 
NDY OAC  O  N N 240 
NDY CAP  C  N N 241 
NDY CAG  C  N N 242 
NDY CAU  C  N R 243 
NDY CAO  C  N N 244 
NDY OAB  O  N N 245 
NDY OAA  O  N N 246 
NDY OAF  O  N N 247 
NDY CAN  C  N N 248 
NDY CAS  C  N R 249 
NDY OAD  O  N N 250 
NDY CAT  C  N R 251 
NDY OAE  O  N N 252 
NDY HAK  H  N N 253 
NDY HAI  H  N N 254 
NDY HAH  H  N N 255 
NDY HAJ  H  N N 256 
NDY HAL  H  N N 257 
NDY HAM1 H  N N 258 
NDY HAM2 H  N N 259 
NDY HAR  H  N N 260 
NDY HAC  H  N N 261 
NDY HAG  H  N N 262 
NDY HAT  H  N N 263 
NDY HAF  H  N N 264 
NDY HAN1 H  N N 265 
NDY HAN2 H  N N 266 
NDY HAB  H  N N 267 
NDY HAS  H  N N 268 
NDY HAD  H  N N 269 
NDY HAE  H  N N 270 
PHE N    N  N N 271 
PHE CA   C  N S 272 
PHE C    C  N N 273 
PHE O    O  N N 274 
PHE CB   C  N N 275 
PHE CG   C  Y N 276 
PHE CD1  C  Y N 277 
PHE CD2  C  Y N 278 
PHE CE1  C  Y N 279 
PHE CE2  C  Y N 280 
PHE CZ   C  Y N 281 
PHE OXT  O  N N 282 
PHE H    H  N N 283 
PHE H2   H  N N 284 
PHE HA   H  N N 285 
PHE HB2  H  N N 286 
PHE HB3  H  N N 287 
PHE HD1  H  N N 288 
PHE HD2  H  N N 289 
PHE HE1  H  N N 290 
PHE HE2  H  N N 291 
PHE HZ   H  N N 292 
PHE HXT  H  N N 293 
PRO N    N  N N 294 
PRO CA   C  N S 295 
PRO C    C  N N 296 
PRO O    O  N N 297 
PRO CB   C  N N 298 
PRO CG   C  N N 299 
PRO CD   C  N N 300 
PRO OXT  O  N N 301 
PRO H    H  N N 302 
PRO HA   H  N N 303 
PRO HB2  H  N N 304 
PRO HB3  H  N N 305 
PRO HG2  H  N N 306 
PRO HG3  H  N N 307 
PRO HD2  H  N N 308 
PRO HD3  H  N N 309 
PRO HXT  H  N N 310 
SER N    N  N N 311 
SER CA   C  N S 312 
SER C    C  N N 313 
SER O    O  N N 314 
SER CB   C  N N 315 
SER OG   O  N N 316 
SER OXT  O  N N 317 
SER H    H  N N 318 
SER H2   H  N N 319 
SER HA   H  N N 320 
SER HB2  H  N N 321 
SER HB3  H  N N 322 
SER HG   H  N N 323 
SER HXT  H  N N 324 
SO4 S    S  N N 325 
SO4 O1   O  N N 326 
SO4 O2   O  N N 327 
SO4 O3   O  N N 328 
SO4 O4   O  N N 329 
THR N    N  N N 330 
THR CA   C  N S 331 
THR C    C  N N 332 
THR O    O  N N 333 
THR CB   C  N R 334 
THR OG1  O  N N 335 
THR CG2  C  N N 336 
THR OXT  O  N N 337 
THR H    H  N N 338 
THR H2   H  N N 339 
THR HA   H  N N 340 
THR HB   H  N N 341 
THR HG1  H  N N 342 
THR HG21 H  N N 343 
THR HG22 H  N N 344 
THR HG23 H  N N 345 
THR HXT  H  N N 346 
TRP N    N  N N 347 
TRP CA   C  N S 348 
TRP C    C  N N 349 
TRP O    O  N N 350 
TRP CB   C  N N 351 
TRP CG   C  Y N 352 
TRP CD1  C  Y N 353 
TRP CD2  C  Y N 354 
TRP NE1  N  Y N 355 
TRP CE2  C  Y N 356 
TRP CE3  C  Y N 357 
TRP CZ2  C  Y N 358 
TRP CZ3  C  Y N 359 
TRP CH2  C  Y N 360 
TRP OXT  O  N N 361 
TRP H    H  N N 362 
TRP H2   H  N N 363 
TRP HA   H  N N 364 
TRP HB2  H  N N 365 
TRP HB3  H  N N 366 
TRP HD1  H  N N 367 
TRP HE1  H  N N 368 
TRP HE3  H  N N 369 
TRP HZ2  H  N N 370 
TRP HZ3  H  N N 371 
TRP HH2  H  N N 372 
TRP HXT  H  N N 373 
TYR N    N  N N 374 
TYR CA   C  N S 375 
TYR C    C  N N 376 
TYR O    O  N N 377 
TYR CB   C  N N 378 
TYR CG   C  Y N 379 
TYR CD1  C  Y N 380 
TYR CD2  C  Y N 381 
TYR CE1  C  Y N 382 
TYR CE2  C  Y N 383 
TYR CZ   C  Y N 384 
TYR OH   O  N N 385 
TYR OXT  O  N N 386 
TYR H    H  N N 387 
TYR H2   H  N N 388 
TYR HA   H  N N 389 
TYR HB2  H  N N 390 
TYR HB3  H  N N 391 
TYR HD1  H  N N 392 
TYR HD2  H  N N 393 
TYR HE1  H  N N 394 
TYR HE2  H  N N 395 
TYR HH   H  N N 396 
TYR HXT  H  N N 397 
VAL N    N  N N 398 
VAL CA   C  N S 399 
VAL C    C  N N 400 
VAL O    O  N N 401 
VAL CB   C  N N 402 
VAL CG1  C  N N 403 
VAL CG2  C  N N 404 
VAL OXT  O  N N 405 
VAL H    H  N N 406 
VAL H2   H  N N 407 
VAL HA   H  N N 408 
VAL HB   H  N N 409 
VAL HG11 H  N N 410 
VAL HG12 H  N N 411 
VAL HG13 H  N N 412 
VAL HG21 H  N N 413 
VAL HG22 H  N N 414 
VAL HG23 H  N N 415 
VAL HXT  H  N N 416 
# 
loop_
_chem_comp_bond.comp_id 
_chem_comp_bond.atom_id_1 
_chem_comp_bond.atom_id_2 
_chem_comp_bond.value_order 
_chem_comp_bond.pdbx_aromatic_flag 
_chem_comp_bond.pdbx_stereo_config 
_chem_comp_bond.pdbx_ordinal 
ALA N   CA   sing N N 1   
ALA N   H    sing N N 2   
ALA N   H2   sing N N 3   
ALA CA  C    sing N N 4   
ALA CA  CB   sing N N 5   
ALA CA  HA   sing N N 6   
ALA C   O    doub N N 7   
ALA C   OXT  sing N N 8   
ALA CB  HB1  sing N N 9   
ALA CB  HB2  sing N N 10  
ALA CB  HB3  sing N N 11  
ALA OXT HXT  sing N N 12  
ARG N   CA   sing N N 13  
ARG N   H    sing N N 14  
ARG N   H2   sing N N 15  
ARG CA  C    sing N N 16  
ARG CA  CB   sing N N 17  
ARG CA  HA   sing N N 18  
ARG C   O    doub N N 19  
ARG C   OXT  sing N N 20  
ARG CB  CG   sing N N 21  
ARG CB  HB2  sing N N 22  
ARG CB  HB3  sing N N 23  
ARG CG  CD   sing N N 24  
ARG CG  HG2  sing N N 25  
ARG CG  HG3  sing N N 26  
ARG CD  NE   sing N N 27  
ARG CD  HD2  sing N N 28  
ARG CD  HD3  sing N N 29  
ARG NE  CZ   sing N N 30  
ARG NE  HE   sing N N 31  
ARG CZ  NH1  sing N N 32  
ARG CZ  NH2  doub N N 33  
ARG NH1 HH11 sing N N 34  
ARG NH1 HH12 sing N N 35  
ARG NH2 HH21 sing N N 36  
ARG NH2 HH22 sing N N 37  
ARG OXT HXT  sing N N 38  
ASN N   CA   sing N N 39  
ASN N   H    sing N N 40  
ASN N   H2   sing N N 41  
ASN CA  C    sing N N 42  
ASN CA  CB   sing N N 43  
ASN CA  HA   sing N N 44  
ASN C   O    doub N N 45  
ASN C   OXT  sing N N 46  
ASN CB  CG   sing N N 47  
ASN CB  HB2  sing N N 48  
ASN CB  HB3  sing N N 49  
ASN CG  OD1  doub N N 50  
ASN CG  ND2  sing N N 51  
ASN ND2 HD21 sing N N 52  
ASN ND2 HD22 sing N N 53  
ASN OXT HXT  sing N N 54  
ASP N   CA   sing N N 55  
ASP N   H    sing N N 56  
ASP N   H2   sing N N 57  
ASP CA  C    sing N N 58  
ASP CA  CB   sing N N 59  
ASP CA  HA   sing N N 60  
ASP C   O    doub N N 61  
ASP C   OXT  sing N N 62  
ASP CB  CG   sing N N 63  
ASP CB  HB2  sing N N 64  
ASP CB  HB3  sing N N 65  
ASP CG  OD1  doub N N 66  
ASP CG  OD2  sing N N 67  
ASP OD2 HD2  sing N N 68  
ASP OXT HXT  sing N N 69  
CYS N   CA   sing N N 70  
CYS N   H    sing N N 71  
CYS N   H2   sing N N 72  
CYS CA  C    sing N N 73  
CYS CA  CB   sing N N 74  
CYS CA  HA   sing N N 75  
CYS C   O    doub N N 76  
CYS C   OXT  sing N N 77  
CYS CB  SG   sing N N 78  
CYS CB  HB2  sing N N 79  
CYS CB  HB3  sing N N 80  
CYS SG  HG   sing N N 81  
CYS OXT HXT  sing N N 82  
GLN N   CA   sing N N 83  
GLN N   H    sing N N 84  
GLN N   H2   sing N N 85  
GLN CA  C    sing N N 86  
GLN CA  CB   sing N N 87  
GLN CA  HA   sing N N 88  
GLN C   O    doub N N 89  
GLN C   OXT  sing N N 90  
GLN CB  CG   sing N N 91  
GLN CB  HB2  sing N N 92  
GLN CB  HB3  sing N N 93  
GLN CG  CD   sing N N 94  
GLN CG  HG2  sing N N 95  
GLN CG  HG3  sing N N 96  
GLN CD  OE1  doub N N 97  
GLN CD  NE2  sing N N 98  
GLN NE2 HE21 sing N N 99  
GLN NE2 HE22 sing N N 100 
GLN OXT HXT  sing N N 101 
GLU N   CA   sing N N 102 
GLU N   H    sing N N 103 
GLU N   H2   sing N N 104 
GLU CA  C    sing N N 105 
GLU CA  CB   sing N N 106 
GLU CA  HA   sing N N 107 
GLU C   O    doub N N 108 
GLU C   OXT  sing N N 109 
GLU CB  CG   sing N N 110 
GLU CB  HB2  sing N N 111 
GLU CB  HB3  sing N N 112 
GLU CG  CD   sing N N 113 
GLU CG  HG2  sing N N 114 
GLU CG  HG3  sing N N 115 
GLU CD  OE1  doub N N 116 
GLU CD  OE2  sing N N 117 
GLU OE2 HE2  sing N N 118 
GLU OXT HXT  sing N N 119 
GLY N   CA   sing N N 120 
GLY N   H    sing N N 121 
GLY N   H2   sing N N 122 
GLY CA  C    sing N N 123 
GLY CA  HA2  sing N N 124 
GLY CA  HA3  sing N N 125 
GLY C   O    doub N N 126 
GLY C   OXT  sing N N 127 
GLY OXT HXT  sing N N 128 
HIS N   CA   sing N N 129 
HIS N   H    sing N N 130 
HIS N   H2   sing N N 131 
HIS CA  C    sing N N 132 
HIS CA  CB   sing N N 133 
HIS CA  HA   sing N N 134 
HIS C   O    doub N N 135 
HIS C   OXT  sing N N 136 
HIS CB  CG   sing N N 137 
HIS CB  HB2  sing N N 138 
HIS CB  HB3  sing N N 139 
HIS CG  ND1  sing Y N 140 
HIS CG  CD2  doub Y N 141 
HIS ND1 CE1  doub Y N 142 
HIS ND1 HD1  sing N N 143 
HIS CD2 NE2  sing Y N 144 
HIS CD2 HD2  sing N N 145 
HIS CE1 NE2  sing Y N 146 
HIS CE1 HE1  sing N N 147 
HIS NE2 HE2  sing N N 148 
HIS OXT HXT  sing N N 149 
HOH O   H1   sing N N 150 
HOH O   H2   sing N N 151 
ILE N   CA   sing N N 152 
ILE N   H    sing N N 153 
ILE N   H2   sing N N 154 
ILE CA  C    sing N N 155 
ILE CA  CB   sing N N 156 
ILE CA  HA   sing N N 157 
ILE C   O    doub N N 158 
ILE C   OXT  sing N N 159 
ILE CB  CG1  sing N N 160 
ILE CB  CG2  sing N N 161 
ILE CB  HB   sing N N 162 
ILE CG1 CD1  sing N N 163 
ILE CG1 HG12 sing N N 164 
ILE CG1 HG13 sing N N 165 
ILE CG2 HG21 sing N N 166 
ILE CG2 HG22 sing N N 167 
ILE CG2 HG23 sing N N 168 
ILE CD1 HD11 sing N N 169 
ILE CD1 HD12 sing N N 170 
ILE CD1 HD13 sing N N 171 
ILE OXT HXT  sing N N 172 
LEU N   CA   sing N N 173 
LEU N   H    sing N N 174 
LEU N   H2   sing N N 175 
LEU CA  C    sing N N 176 
LEU CA  CB   sing N N 177 
LEU CA  HA   sing N N 178 
LEU C   O    doub N N 179 
LEU C   OXT  sing N N 180 
LEU CB  CG   sing N N 181 
LEU CB  HB2  sing N N 182 
LEU CB  HB3  sing N N 183 
LEU CG  CD1  sing N N 184 
LEU CG  CD2  sing N N 185 
LEU CG  HG   sing N N 186 
LEU CD1 HD11 sing N N 187 
LEU CD1 HD12 sing N N 188 
LEU CD1 HD13 sing N N 189 
LEU CD2 HD21 sing N N 190 
LEU CD2 HD22 sing N N 191 
LEU CD2 HD23 sing N N 192 
LEU OXT HXT  sing N N 193 
LYS N   CA   sing N N 194 
LYS N   H    sing N N 195 
LYS N   H2   sing N N 196 
LYS CA  C    sing N N 197 
LYS CA  CB   sing N N 198 
LYS CA  HA   sing N N 199 
LYS C   O    doub N N 200 
LYS C   OXT  sing N N 201 
LYS CB  CG   sing N N 202 
LYS CB  HB2  sing N N 203 
LYS CB  HB3  sing N N 204 
LYS CG  CD   sing N N 205 
LYS CG  HG2  sing N N 206 
LYS CG  HG3  sing N N 207 
LYS CD  CE   sing N N 208 
LYS CD  HD2  sing N N 209 
LYS CD  HD3  sing N N 210 
LYS CE  NZ   sing N N 211 
LYS CE  HE2  sing N N 212 
LYS CE  HE3  sing N N 213 
LYS NZ  HZ1  sing N N 214 
LYS NZ  HZ2  sing N N 215 
LYS NZ  HZ3  sing N N 216 
LYS OXT HXT  sing N N 217 
NDY CAK CAI  sing Y N 218 
NDY CAK CAQ  doub Y N 219 
NDY CAI CAH  doub Y N 220 
NDY CAH CAJ  sing Y N 221 
NDY CAJ CAL  doub Y N 222 
NDY CAL CAQ  sing Y N 223 
NDY CAQ CAM  sing N N 224 
NDY CAM CAR  sing N N 225 
NDY CAR OAC  sing N N 226 
NDY CAR CAP  sing N N 227 
NDY CAP CAG  doub N N 228 
NDY CAP CAT  sing N N 229 
NDY CAG CAU  sing N N 230 
NDY CAU CAO  sing N N 231 
NDY CAU OAF  sing N N 232 
NDY CAU CAN  sing N N 233 
NDY CAO OAB  sing N N 234 
NDY CAO OAA  doub N N 235 
NDY CAN CAS  sing N N 236 
NDY CAS OAD  sing N N 237 
NDY CAS CAT  sing N N 238 
NDY CAT OAE  sing N N 239 
NDY CAK HAK  sing N N 240 
NDY CAI HAI  sing N N 241 
NDY CAH HAH  sing N N 242 
NDY CAJ HAJ  sing N N 243 
NDY CAL HAL  sing N N 244 
NDY CAM HAM1 sing N N 245 
NDY CAM HAM2 sing N N 246 
NDY CAR HAR  sing N N 247 
NDY OAC HAC  sing N N 248 
NDY CAG HAG  sing N N 249 
NDY CAT HAT  sing N N 250 
NDY OAF HAF  sing N N 251 
NDY CAN HAN1 sing N N 252 
NDY CAN HAN2 sing N N 253 
NDY OAB HAB  sing N N 254 
NDY CAS HAS  sing N N 255 
NDY OAD HAD  sing N N 256 
NDY OAE HAE  sing N N 257 
PHE N   CA   sing N N 258 
PHE N   H    sing N N 259 
PHE N   H2   sing N N 260 
PHE CA  C    sing N N 261 
PHE CA  CB   sing N N 262 
PHE CA  HA   sing N N 263 
PHE C   O    doub N N 264 
PHE C   OXT  sing N N 265 
PHE CB  CG   sing N N 266 
PHE CB  HB2  sing N N 267 
PHE CB  HB3  sing N N 268 
PHE CG  CD1  doub Y N 269 
PHE CG  CD2  sing Y N 270 
PHE CD1 CE1  sing Y N 271 
PHE CD1 HD1  sing N N 272 
PHE CD2 CE2  doub Y N 273 
PHE CD2 HD2  sing N N 274 
PHE CE1 CZ   doub Y N 275 
PHE CE1 HE1  sing N N 276 
PHE CE2 CZ   sing Y N 277 
PHE CE2 HE2  sing N N 278 
PHE CZ  HZ   sing N N 279 
PHE OXT HXT  sing N N 280 
PRO N   CA   sing N N 281 
PRO N   CD   sing N N 282 
PRO N   H    sing N N 283 
PRO CA  C    sing N N 284 
PRO CA  CB   sing N N 285 
PRO CA  HA   sing N N 286 
PRO C   O    doub N N 287 
PRO C   OXT  sing N N 288 
PRO CB  CG   sing N N 289 
PRO CB  HB2  sing N N 290 
PRO CB  HB3  sing N N 291 
PRO CG  CD   sing N N 292 
PRO CG  HG2  sing N N 293 
PRO CG  HG3  sing N N 294 
PRO CD  HD2  sing N N 295 
PRO CD  HD3  sing N N 296 
PRO OXT HXT  sing N N 297 
SER N   CA   sing N N 298 
SER N   H    sing N N 299 
SER N   H2   sing N N 300 
SER CA  C    sing N N 301 
SER CA  CB   sing N N 302 
SER CA  HA   sing N N 303 
SER C   O    doub N N 304 
SER C   OXT  sing N N 305 
SER CB  OG   sing N N 306 
SER CB  HB2  sing N N 307 
SER CB  HB3  sing N N 308 
SER OG  HG   sing N N 309 
SER OXT HXT  sing N N 310 
SO4 S   O1   doub N N 311 
SO4 S   O2   doub N N 312 
SO4 S   O3   sing N N 313 
SO4 S   O4   sing N N 314 
THR N   CA   sing N N 315 
THR N   H    sing N N 316 
THR N   H2   sing N N 317 
THR CA  C    sing N N 318 
THR CA  CB   sing N N 319 
THR CA  HA   sing N N 320 
THR C   O    doub N N 321 
THR C   OXT  sing N N 322 
THR CB  OG1  sing N N 323 
THR CB  CG2  sing N N 324 
THR CB  HB   sing N N 325 
THR OG1 HG1  sing N N 326 
THR CG2 HG21 sing N N 327 
THR CG2 HG22 sing N N 328 
THR CG2 HG23 sing N N 329 
THR OXT HXT  sing N N 330 
TRP N   CA   sing N N 331 
TRP N   H    sing N N 332 
TRP N   H2   sing N N 333 
TRP CA  C    sing N N 334 
TRP CA  CB   sing N N 335 
TRP CA  HA   sing N N 336 
TRP C   O    doub N N 337 
TRP C   OXT  sing N N 338 
TRP CB  CG   sing N N 339 
TRP CB  HB2  sing N N 340 
TRP CB  HB3  sing N N 341 
TRP CG  CD1  doub Y N 342 
TRP CG  CD2  sing Y N 343 
TRP CD1 NE1  sing Y N 344 
TRP CD1 HD1  sing N N 345 
TRP CD2 CE2  doub Y N 346 
TRP CD2 CE3  sing Y N 347 
TRP NE1 CE2  sing Y N 348 
TRP NE1 HE1  sing N N 349 
TRP CE2 CZ2  sing Y N 350 
TRP CE3 CZ3  doub Y N 351 
TRP CE3 HE3  sing N N 352 
TRP CZ2 CH2  doub Y N 353 
TRP CZ2 HZ2  sing N N 354 
TRP CZ3 CH2  sing Y N 355 
TRP CZ3 HZ3  sing N N 356 
TRP CH2 HH2  sing N N 357 
TRP OXT HXT  sing N N 358 
TYR N   CA   sing N N 359 
TYR N   H    sing N N 360 
TYR N   H2   sing N N 361 
TYR CA  C    sing N N 362 
TYR CA  CB   sing N N 363 
TYR CA  HA   sing N N 364 
TYR C   O    doub N N 365 
TYR C   OXT  sing N N 366 
TYR CB  CG   sing N N 367 
TYR CB  HB2  sing N N 368 
TYR CB  HB3  sing N N 369 
TYR CG  CD1  doub Y N 370 
TYR CG  CD2  sing Y N 371 
TYR CD1 CE1  sing Y N 372 
TYR CD1 HD1  sing N N 373 
TYR CD2 CE2  doub Y N 374 
TYR CD2 HD2  sing N N 375 
TYR CE1 CZ   doub Y N 376 
TYR CE1 HE1  sing N N 377 
TYR CE2 CZ   sing Y N 378 
TYR CE2 HE2  sing N N 379 
TYR CZ  OH   sing N N 380 
TYR OH  HH   sing N N 381 
TYR OXT HXT  sing N N 382 
VAL N   CA   sing N N 383 
VAL N   H    sing N N 384 
VAL N   H2   sing N N 385 
VAL CA  C    sing N N 386 
VAL CA  CB   sing N N 387 
VAL CA  HA   sing N N 388 
VAL C   O    doub N N 389 
VAL C   OXT  sing N N 390 
VAL CB  CG1  sing N N 391 
VAL CB  CG2  sing N N 392 
VAL CB  HB   sing N N 393 
VAL CG1 HG11 sing N N 394 
VAL CG1 HG12 sing N N 395 
VAL CG1 HG13 sing N N 396 
VAL CG2 HG21 sing N N 397 
VAL CG2 HG22 sing N N 398 
VAL CG2 HG23 sing N N 399 
VAL OXT HXT  sing N N 400 
# 
loop_
_pdbx_entity_nonpoly.entity_id 
_pdbx_entity_nonpoly.name 
_pdbx_entity_nonpoly.comp_id 
2 '(1R,4R,5R)-1,4,5-trihydroxy-3-[(1R)-1-hydroxy-2-phenyl]ethylcyclohex-2-ene-1-carboxylic acid' NDY 
3 'SULFATE ION'                                                                                  SO4 
4 'CHLORIDE ION'                                                                                 CL  
5 'SODIUM ION'                                                                                   NA  
6 water                                                                                          HOH 
# 
_pdbx_initial_refinement_model.id               1 
_pdbx_initial_refinement_model.entity_id_list   ? 
_pdbx_initial_refinement_model.type             'experimental model' 
_pdbx_initial_refinement_model.source_name      PDB 
_pdbx_initial_refinement_model.accession_code   2Y71 
_pdbx_initial_refinement_model.details          'PDB ENTRY 2Y71' 
# 
